data_2LKB
#
_entry.id   2LKB
#
_entity_poly.entity_id   1
_entity_poly.type   'polypeptide(L)'
_entity_poly.pdbx_seq_one_letter_code
;ARDAYIAKPHNCVYECFDAFSSYCNGVCTKNGAKSGYCQILGTYGNGCWCIALPDNVPIRIPGKCH
;
_entity_poly.pdbx_strand_id   A
#
# COMPACT_ATOMS: atom_id res chain seq x y z
N ALA A 1 -1.30 2.33 -12.26
CA ALA A 1 -0.13 1.43 -12.50
C ALA A 1 0.55 1.11 -11.17
N ARG A 2 0.40 1.96 -10.19
CA ARG A 2 1.05 1.69 -8.87
C ARG A 2 0.05 2.01 -7.75
N ASP A 3 0.29 1.51 -6.57
CA ASP A 3 -0.63 1.78 -5.44
C ASP A 3 -0.11 2.98 -4.65
N ALA A 4 -0.99 3.81 -4.15
CA ALA A 4 -0.54 5.00 -3.38
C ALA A 4 -0.65 4.74 -1.88
N TYR A 5 -1.84 4.57 -1.39
CA TYR A 5 -2.03 4.34 0.07
C TYR A 5 -2.46 2.89 0.33
N ILE A 6 -2.57 2.10 -0.71
CA ILE A 6 -3.00 0.69 -0.53
C ILE A 6 -1.82 -0.26 -0.73
N ALA A 7 -1.76 -1.29 0.06
CA ALA A 7 -0.65 -2.29 -0.07
C ALA A 7 -1.23 -3.69 -0.17
N LYS A 8 -2.44 -3.87 0.31
CA LYS A 8 -3.08 -5.21 0.25
C LYS A 8 -4.13 -5.21 -0.86
N PRO A 9 -4.46 -6.37 -1.37
CA PRO A 9 -5.46 -6.53 -2.46
C PRO A 9 -6.60 -5.51 -2.39
N HIS A 10 -7.80 -5.95 -2.09
CA HIS A 10 -8.94 -4.99 -2.02
C HIS A 10 -8.99 -4.34 -0.64
N ASN A 11 -8.11 -4.75 0.24
CA ASN A 11 -8.09 -4.17 1.61
C ASN A 11 -6.99 -3.11 1.70
N CYS A 12 -7.17 -2.13 2.55
CA CYS A 12 -6.14 -1.06 2.69
C CYS A 12 -5.41 -1.23 4.02
N VAL A 13 -4.30 -0.56 4.19
CA VAL A 13 -3.55 -0.68 5.47
C VAL A 13 -4.21 0.24 6.52
N TYR A 14 -4.43 -0.27 7.70
CA TYR A 14 -5.07 0.57 8.76
C TYR A 14 -4.18 1.78 9.05
N GLU A 15 -2.88 1.59 9.11
CA GLU A 15 -1.97 2.73 9.39
C GLU A 15 -0.53 2.24 9.28
N CYS A 16 0.09 2.37 8.14
CA CYS A 16 1.49 1.93 8.01
C CYS A 16 2.38 2.85 8.84
N PHE A 17 3.29 2.30 9.59
CA PHE A 17 4.17 3.16 10.44
C PHE A 17 5.59 3.12 9.87
N ASP A 18 6.59 3.32 10.70
CA ASP A 18 7.99 3.30 10.19
C ASP A 18 8.26 1.96 9.51
N ALA A 19 8.94 1.98 8.40
CA ALA A 19 9.23 0.72 7.68
C ALA A 19 10.37 -0.02 8.38
N PHE A 20 10.76 0.42 9.54
CA PHE A 20 11.87 -0.27 10.26
C PHE A 20 11.54 -1.77 10.36
N SER A 21 10.31 -2.09 10.66
CA SER A 21 9.92 -3.53 10.75
C SER A 21 9.57 -4.03 9.35
N SER A 22 9.80 -3.23 8.35
CA SER A 22 9.47 -3.65 6.96
C SER A 22 8.01 -4.08 6.89
N TYR A 23 7.17 -3.56 7.75
CA TYR A 23 5.74 -3.95 7.73
C TYR A 23 5.13 -3.61 6.37
N CYS A 24 5.28 -2.39 5.94
CA CYS A 24 4.72 -1.99 4.62
C CYS A 24 5.47 -2.73 3.53
N ASN A 25 6.77 -2.66 3.54
CA ASN A 25 7.56 -3.37 2.51
C ASN A 25 7.23 -4.87 2.57
N GLY A 26 7.01 -5.37 3.75
CA GLY A 26 6.68 -6.82 3.90
C GLY A 26 5.44 -7.13 3.06
N VAL A 27 4.45 -6.29 3.11
CA VAL A 27 3.22 -6.56 2.30
C VAL A 27 3.59 -6.56 0.82
N CYS A 28 4.32 -5.56 0.39
CA CYS A 28 4.73 -5.50 -1.05
C CYS A 28 5.75 -6.60 -1.34
N THR A 29 6.47 -7.04 -0.33
CA THR A 29 7.51 -8.10 -0.54
C THR A 29 6.88 -9.40 -1.02
N LYS A 30 5.66 -9.68 -0.64
CA LYS A 30 5.01 -10.96 -1.08
C LYS A 30 5.11 -11.11 -2.59
N ASN A 31 5.06 -10.04 -3.31
CA ASN A 31 5.16 -10.13 -4.80
C ASN A 31 6.45 -10.86 -5.17
N GLY A 32 7.49 -10.67 -4.41
CA GLY A 32 8.79 -11.33 -4.72
C GLY A 32 9.72 -10.32 -5.38
N ALA A 33 9.28 -9.09 -5.51
CA ALA A 33 10.14 -8.05 -6.14
C ALA A 33 9.45 -6.69 -6.02
N LYS A 34 8.14 -6.70 -5.94
CA LYS A 34 7.40 -5.41 -5.82
C LYS A 34 8.00 -4.62 -4.66
N SER A 35 8.17 -3.33 -4.83
CA SER A 35 8.77 -2.53 -3.72
C SER A 35 7.77 -1.46 -3.25
N GLY A 36 7.61 -1.31 -1.96
CA GLY A 36 6.66 -0.29 -1.44
C GLY A 36 7.22 0.34 -0.16
N TYR A 37 6.70 1.48 0.22
CA TYR A 37 7.16 2.14 1.47
C TYR A 37 5.96 2.75 2.18
N CYS A 38 6.14 3.21 3.40
CA CYS A 38 4.98 3.78 4.15
C CYS A 38 4.99 5.31 4.09
N GLN A 39 3.90 5.88 3.63
CA GLN A 39 3.81 7.36 3.55
C GLN A 39 2.64 7.83 4.42
N ILE A 40 1.89 8.80 3.96
CA ILE A 40 0.73 9.29 4.77
C ILE A 40 -0.58 8.89 4.08
N LEU A 41 -1.57 8.54 4.85
CA LEU A 41 -2.88 8.14 4.24
C LEU A 41 -3.41 9.30 3.40
N GLY A 42 -3.22 10.51 3.85
CA GLY A 42 -3.71 11.69 3.09
C GLY A 42 -4.31 12.68 4.07
N THR A 43 -5.31 12.27 4.79
CA THR A 43 -5.95 13.17 5.78
C THR A 43 -5.47 12.78 7.19
N TYR A 44 -5.92 11.65 7.67
CA TYR A 44 -5.50 11.18 9.01
C TYR A 44 -4.98 9.74 8.91
N GLY A 45 -4.06 9.37 9.75
CA GLY A 45 -3.52 7.98 9.70
C GLY A 45 -2.34 7.91 8.73
N ASN A 46 -1.91 6.72 8.40
CA ASN A 46 -0.76 6.56 7.46
C ASN A 46 -1.21 5.75 6.23
N GLY A 47 -0.42 5.77 5.19
CA GLY A 47 -0.81 5.00 3.97
C GLY A 47 0.39 4.22 3.43
N CYS A 48 0.16 3.11 2.78
CA CYS A 48 1.29 2.32 2.24
C CYS A 48 1.46 2.61 0.75
N TRP A 49 2.67 2.70 0.30
CA TRP A 49 2.93 2.97 -1.14
C TRP A 49 3.57 1.75 -1.79
N CYS A 50 3.04 1.28 -2.87
CA CYS A 50 3.63 0.09 -3.55
C CYS A 50 3.90 0.43 -5.02
N ILE A 51 5.05 0.05 -5.53
CA ILE A 51 5.39 0.39 -6.94
C ILE A 51 5.57 -0.89 -7.77
N ALA A 52 5.02 -0.88 -8.96
CA ALA A 52 5.13 -2.05 -9.88
C ALA A 52 4.06 -1.94 -10.96
N LEU A 53 4.14 -2.74 -11.98
CA LEU A 53 3.10 -2.68 -13.06
C LEU A 53 2.55 -4.07 -13.34
N PRO A 54 1.73 -4.57 -12.45
CA PRO A 54 1.11 -5.91 -12.59
C PRO A 54 0.47 -6.09 -13.97
N ASP A 55 -0.22 -7.17 -14.20
CA ASP A 55 -0.86 -7.36 -15.53
C ASP A 55 -1.69 -6.12 -15.87
N ASN A 56 -2.36 -5.56 -14.89
CA ASN A 56 -3.18 -4.34 -15.13
C ASN A 56 -4.21 -4.20 -14.00
N VAL A 57 -5.09 -3.25 -14.10
CA VAL A 57 -6.13 -3.07 -13.04
C VAL A 57 -5.45 -2.87 -11.68
N PRO A 58 -4.78 -1.76 -11.50
CA PRO A 58 -4.07 -1.44 -10.23
C PRO A 58 -5.05 -1.02 -9.11
N ILE A 59 -5.72 0.09 -9.29
CA ILE A 59 -6.68 0.56 -8.25
C ILE A 59 -8.09 0.59 -8.87
N ARG A 60 -9.04 -0.07 -8.25
CA ARG A 60 -10.43 -0.07 -8.80
C ARG A 60 -11.34 0.67 -7.83
N ILE A 61 -10.79 1.18 -6.75
CA ILE A 61 -11.64 1.91 -5.76
C ILE A 61 -10.97 3.24 -5.41
N PRO A 62 -11.75 4.20 -4.97
CA PRO A 62 -11.22 5.53 -4.57
C PRO A 62 -10.15 5.43 -3.48
N GLY A 63 -9.87 4.23 -3.05
CA GLY A 63 -8.85 4.05 -1.98
C GLY A 63 -9.55 3.80 -0.64
N LYS A 64 -10.85 3.81 -0.64
CA LYS A 64 -11.60 3.56 0.63
C LYS A 64 -11.76 2.05 0.83
N CYS A 65 -11.44 1.57 2.00
CA CYS A 65 -11.57 0.11 2.28
C CYS A 65 -12.63 -0.11 3.37
N HIS A 66 -13.17 -1.30 3.44
CA HIS A 66 -14.21 -1.56 4.48
C HIS A 66 -13.57 -1.52 5.86
N ALA A 1 1.09 -4.58 -9.88
CA ALA A 1 0.29 -3.33 -9.87
C ALA A 1 0.94 -2.31 -8.94
N ARG A 2 0.30 -1.20 -8.72
CA ARG A 2 0.88 -0.16 -7.81
C ARG A 2 -0.13 0.20 -6.72
N ASP A 3 0.29 0.24 -5.50
CA ASP A 3 -0.65 0.60 -4.40
C ASP A 3 -0.45 2.06 -4.01
N ALA A 4 -1.51 2.74 -3.67
CA ALA A 4 -1.39 4.16 -3.28
C ALA A 4 -1.56 4.29 -1.76
N TYR A 5 -2.78 4.35 -1.31
CA TYR A 5 -3.01 4.47 0.17
C TYR A 5 -3.37 3.11 0.75
N ILE A 6 -3.98 2.26 -0.05
CA ILE A 6 -4.38 0.92 0.44
C ILE A 6 -3.39 -0.13 -0.08
N ALA A 7 -3.00 -1.06 0.75
CA ALA A 7 -2.04 -2.11 0.31
C ALA A 7 -2.68 -3.49 0.36
N LYS A 8 -3.99 -3.56 0.36
CA LYS A 8 -4.67 -4.89 0.40
C LYS A 8 -5.65 -4.98 -0.77
N PRO A 9 -5.93 -6.18 -1.23
CA PRO A 9 -6.87 -6.40 -2.36
C PRO A 9 -8.26 -5.82 -2.10
N HIS A 10 -8.67 -5.76 -0.85
CA HIS A 10 -10.01 -5.21 -0.53
C HIS A 10 -9.98 -4.60 0.88
N ASN A 11 -8.89 -4.78 1.58
CA ASN A 11 -8.79 -4.23 2.96
C ASN A 11 -7.87 -3.02 2.95
N CYS A 12 -7.81 -2.29 4.04
CA CYS A 12 -6.93 -1.10 4.11
C CYS A 12 -5.91 -1.27 5.24
N VAL A 13 -5.03 -0.33 5.40
CA VAL A 13 -4.00 -0.44 6.49
C VAL A 13 -4.50 0.29 7.73
N TYR A 14 -4.39 -0.33 8.88
CA TYR A 14 -4.86 0.33 10.13
C TYR A 14 -4.03 1.61 10.37
N GLU A 15 -2.73 1.50 10.27
CA GLU A 15 -1.86 2.70 10.48
C GLU A 15 -0.40 2.27 10.38
N CYS A 16 0.12 2.13 9.19
CA CYS A 16 1.54 1.72 9.05
C CYS A 16 2.40 2.53 10.02
N PHE A 17 3.55 2.02 10.38
CA PHE A 17 4.43 2.75 11.33
C PHE A 17 5.86 2.77 10.79
N ASP A 18 6.84 2.79 11.64
CA ASP A 18 8.25 2.83 11.17
C ASP A 18 8.51 1.62 10.26
N ALA A 19 9.12 1.85 9.13
CA ALA A 19 9.41 0.73 8.18
C ALA A 19 10.58 -0.10 8.71
N PHE A 20 11.07 0.20 9.87
CA PHE A 20 12.21 -0.58 10.42
C PHE A 20 11.88 -2.08 10.32
N SER A 21 10.67 -2.45 10.64
CA SER A 21 10.27 -3.88 10.53
C SER A 21 9.89 -4.19 9.09
N SER A 22 9.86 -3.19 8.25
CA SER A 22 9.49 -3.43 6.83
C SER A 22 8.06 -3.94 6.74
N TYR A 23 7.19 -3.48 7.62
CA TYR A 23 5.78 -3.95 7.58
C TYR A 23 5.15 -3.62 6.23
N CYS A 24 5.31 -2.40 5.78
CA CYS A 24 4.72 -2.02 4.46
C CYS A 24 5.47 -2.77 3.35
N ASN A 25 6.77 -2.66 3.33
CA ASN A 25 7.56 -3.37 2.29
C ASN A 25 7.27 -4.86 2.37
N GLY A 26 7.13 -5.36 3.57
CA GLY A 26 6.83 -6.82 3.73
C GLY A 26 5.53 -7.14 3.01
N VAL A 27 4.57 -6.25 3.08
CA VAL A 27 3.27 -6.50 2.40
C VAL A 27 3.53 -6.61 0.90
N CYS A 28 4.37 -5.75 0.36
CA CYS A 28 4.67 -5.82 -1.10
C CYS A 28 5.31 -7.17 -1.42
N THR A 29 6.06 -7.71 -0.51
CA THR A 29 6.72 -9.02 -0.78
C THR A 29 5.66 -10.07 -1.11
N LYS A 30 4.59 -10.11 -0.35
CA LYS A 30 3.52 -11.09 -0.63
C LYS A 30 2.89 -10.78 -1.98
N ASN A 31 2.65 -9.52 -2.23
CA ASN A 31 2.04 -9.12 -3.54
C ASN A 31 3.03 -9.46 -4.67
N GLY A 32 4.29 -9.45 -4.38
CA GLY A 32 5.30 -9.75 -5.42
C GLY A 32 5.92 -8.45 -5.92
N ALA A 33 5.48 -7.34 -5.39
CA ALA A 33 6.04 -6.03 -5.82
C ALA A 33 7.49 -5.93 -5.37
N LYS A 34 8.32 -5.24 -6.11
CA LYS A 34 9.75 -5.12 -5.71
C LYS A 34 9.87 -4.36 -4.40
N SER A 35 9.43 -3.13 -4.36
CA SER A 35 9.55 -2.35 -3.09
C SER A 35 8.33 -1.43 -2.90
N GLY A 36 8.11 -1.00 -1.69
CA GLY A 36 6.96 -0.09 -1.41
C GLY A 36 7.36 0.93 -0.35
N TYR A 37 6.70 2.07 -0.31
CA TYR A 37 7.06 3.10 0.72
C TYR A 37 5.81 3.45 1.53
N CYS A 38 5.98 3.75 2.80
CA CYS A 38 4.81 4.11 3.64
C CYS A 38 4.73 5.63 3.77
N GLN A 39 3.64 6.22 3.36
CA GLN A 39 3.50 7.70 3.44
C GLN A 39 2.32 8.05 4.36
N ILE A 40 2.24 9.29 4.78
CA ILE A 40 1.12 9.68 5.69
C ILE A 40 0.06 10.45 4.90
N LEU A 41 -1.17 10.24 5.24
CA LEU A 41 -2.27 10.95 4.55
C LEU A 41 -2.85 12.03 5.46
N GLY A 42 -3.17 13.17 4.92
CA GLY A 42 -3.74 14.25 5.76
C GLY A 42 -4.99 13.73 6.49
N THR A 43 -5.68 12.78 5.91
CA THR A 43 -6.90 12.25 6.55
C THR A 43 -6.58 10.99 7.38
N TYR A 44 -6.33 9.90 6.72
CA TYR A 44 -6.02 8.63 7.47
C TYR A 44 -4.76 8.81 8.32
N GLY A 45 -3.77 9.49 7.81
CA GLY A 45 -2.53 9.70 8.61
C GLY A 45 -1.46 8.67 8.19
N ASN A 46 -1.86 7.47 7.86
CA ASN A 46 -0.87 6.45 7.46
C ASN A 46 -1.35 5.68 6.23
N GLY A 47 -0.53 5.57 5.23
CA GLY A 47 -0.92 4.83 3.99
C GLY A 47 0.27 4.01 3.49
N CYS A 48 0.03 3.01 2.69
CA CYS A 48 1.16 2.18 2.17
C CYS A 48 1.32 2.42 0.67
N TRP A 49 2.54 2.59 0.22
CA TRP A 49 2.79 2.82 -1.22
C TRP A 49 3.55 1.62 -1.80
N CYS A 50 2.93 0.85 -2.64
CA CYS A 50 3.63 -0.33 -3.23
C CYS A 50 3.95 -0.04 -4.69
N ILE A 51 5.20 -0.10 -5.06
CA ILE A 51 5.59 0.18 -6.47
C ILE A 51 6.22 -1.05 -7.10
N ALA A 52 5.83 -1.35 -8.32
CA ALA A 52 6.39 -2.54 -9.02
C ALA A 52 5.87 -2.57 -10.46
N LEU A 53 4.67 -2.09 -10.67
CA LEU A 53 4.10 -2.08 -12.05
C LEU A 53 3.68 -0.65 -12.41
N PRO A 54 3.54 -0.36 -13.68
CA PRO A 54 3.15 0.98 -14.16
C PRO A 54 2.04 1.60 -13.30
N ASP A 55 0.80 1.19 -13.51
CA ASP A 55 -0.32 1.76 -12.70
C ASP A 55 -1.63 1.06 -13.10
N ASN A 56 -1.59 -0.22 -13.32
CA ASN A 56 -2.83 -0.96 -13.71
C ASN A 56 -3.38 -1.71 -12.50
N VAL A 57 -4.67 -1.62 -12.27
CA VAL A 57 -5.26 -2.34 -11.11
C VAL A 57 -4.40 -2.10 -9.86
N PRO A 58 -4.44 -0.90 -9.35
CA PRO A 58 -3.65 -0.52 -8.15
C PRO A 58 -4.35 -0.92 -6.85
N ILE A 59 -5.45 -0.29 -6.54
CA ILE A 59 -6.17 -0.65 -5.29
C ILE A 59 -7.66 -0.82 -5.60
N ARG A 60 -8.37 -1.53 -4.77
CA ARG A 60 -9.82 -1.72 -5.00
C ARG A 60 -10.58 -1.09 -3.83
N ILE A 61 -11.45 -0.16 -4.12
CA ILE A 61 -12.24 0.50 -3.04
C ILE A 61 -13.73 0.21 -3.21
N PRO A 62 -14.17 -0.93 -2.76
CA PRO A 62 -15.60 -1.33 -2.85
C PRO A 62 -16.45 -0.69 -1.75
N GLY A 63 -15.81 0.01 -0.85
CA GLY A 63 -16.57 0.67 0.26
C GLY A 63 -16.45 -0.18 1.53
N LYS A 64 -15.84 -1.34 1.42
CA LYS A 64 -15.69 -2.21 2.63
C LYS A 64 -14.89 -1.46 3.70
N CYS A 65 -13.92 -0.67 3.30
CA CYS A 65 -13.12 0.09 4.29
C CYS A 65 -13.96 1.23 4.88
N HIS A 66 -13.65 1.66 6.07
CA HIS A 66 -14.42 2.76 6.69
C HIS A 66 -13.46 3.75 7.36
N ALA A 1 0.37 -2.82 -11.65
CA ALA A 1 -0.54 -1.98 -10.83
C ALA A 1 0.27 -1.26 -9.74
N ARG A 2 -0.20 -0.14 -9.29
CA ARG A 2 0.54 0.61 -8.22
C ARG A 2 -0.41 0.93 -7.06
N ASP A 3 0.04 0.72 -5.86
CA ASP A 3 -0.82 1.03 -4.68
C ASP A 3 -0.49 2.43 -4.16
N ALA A 4 -1.46 3.15 -3.67
CA ALA A 4 -1.19 4.52 -3.16
C ALA A 4 -1.19 4.52 -1.64
N TYR A 5 -2.35 4.62 -1.04
CA TYR A 5 -2.43 4.65 0.45
C TYR A 5 -2.83 3.26 0.96
N ILE A 6 -2.79 2.27 0.11
CA ILE A 6 -3.18 0.90 0.54
C ILE A 6 -2.01 -0.07 0.33
N ALA A 7 -2.04 -1.21 0.98
CA ALA A 7 -0.95 -2.20 0.81
C ALA A 7 -1.57 -3.56 0.49
N LYS A 8 -2.86 -3.63 0.46
CA LYS A 8 -3.54 -4.92 0.15
C LYS A 8 -4.23 -4.81 -1.23
N PRO A 9 -4.41 -5.92 -1.91
CA PRO A 9 -5.05 -5.94 -3.25
C PRO A 9 -6.47 -5.37 -3.25
N HIS A 10 -7.15 -5.43 -2.15
CA HIS A 10 -8.53 -4.89 -2.11
C HIS A 10 -8.82 -4.26 -0.75
N ASN A 11 -8.00 -4.57 0.22
CA ASN A 11 -8.21 -3.99 1.58
C ASN A 11 -7.21 -2.86 1.81
N CYS A 12 -7.48 -1.97 2.74
CA CYS A 12 -6.55 -0.85 3.01
C CYS A 12 -5.98 -0.96 4.42
N VAL A 13 -5.03 -0.14 4.75
CA VAL A 13 -4.42 -0.20 6.11
C VAL A 13 -5.05 0.89 6.99
N TYR A 14 -5.42 0.54 8.20
CA TYR A 14 -6.04 1.55 9.10
C TYR A 14 -5.00 2.60 9.49
N GLU A 15 -3.78 2.18 9.67
CA GLU A 15 -2.69 3.13 10.04
C GLU A 15 -1.36 2.40 10.03
N CYS A 16 -0.63 2.46 8.96
CA CYS A 16 0.68 1.78 8.91
C CYS A 16 1.61 2.37 9.96
N PHE A 17 1.96 1.62 10.96
CA PHE A 17 2.87 2.15 12.00
C PHE A 17 4.30 2.17 11.47
N ASP A 18 5.27 2.16 12.33
CA ASP A 18 6.68 2.18 11.83
C ASP A 18 6.95 0.92 11.00
N ALA A 19 7.49 1.09 9.83
CA ALA A 19 7.77 -0.09 8.96
C ALA A 19 9.28 -0.29 8.86
N PHE A 20 10.02 0.13 9.85
CA PHE A 20 11.50 -0.03 9.80
C PHE A 20 11.84 -1.50 9.57
N SER A 21 11.21 -2.40 10.29
CA SER A 21 11.50 -3.84 10.10
C SER A 21 11.15 -4.25 8.67
N SER A 22 9.96 -3.93 8.24
CA SER A 22 9.51 -4.28 6.85
C SER A 22 7.99 -4.48 6.84
N TYR A 23 7.28 -3.75 7.65
CA TYR A 23 5.80 -3.91 7.68
C TYR A 23 5.20 -3.65 6.30
N CYS A 24 5.20 -2.42 5.87
CA CYS A 24 4.65 -2.10 4.53
C CYS A 24 5.47 -2.82 3.46
N ASN A 25 6.77 -2.70 3.53
CA ASN A 25 7.63 -3.39 2.54
C ASN A 25 7.34 -4.89 2.61
N GLY A 26 7.11 -5.40 3.78
CA GLY A 26 6.81 -6.85 3.92
C GLY A 26 5.59 -7.20 3.08
N VAL A 27 4.59 -6.35 3.08
CA VAL A 27 3.37 -6.66 2.28
C VAL A 27 3.75 -6.73 0.81
N CYS A 28 4.48 -5.75 0.33
CA CYS A 28 4.91 -5.78 -1.10
C CYS A 28 5.95 -6.87 -1.30
N THR A 29 6.62 -7.27 -0.25
CA THR A 29 7.68 -8.32 -0.36
C THR A 29 7.09 -9.66 -0.82
N LYS A 30 5.92 -10.00 -0.36
CA LYS A 30 5.32 -11.31 -0.76
C LYS A 30 5.29 -11.42 -2.28
N ASN A 31 5.12 -10.33 -2.97
CA ASN A 31 5.10 -10.38 -4.46
C ASN A 31 6.36 -11.07 -4.97
N GLY A 32 7.46 -10.91 -4.26
CA GLY A 32 8.74 -11.55 -4.70
C GLY A 32 9.64 -10.51 -5.37
N ALA A 33 9.22 -9.27 -5.39
CA ALA A 33 10.06 -8.22 -6.03
C ALA A 33 9.36 -6.87 -5.92
N LYS A 34 8.06 -6.88 -5.83
CA LYS A 34 7.32 -5.59 -5.72
C LYS A 34 7.89 -4.80 -4.55
N SER A 35 8.21 -3.55 -4.73
CA SER A 35 8.78 -2.75 -3.61
C SER A 35 7.79 -1.66 -3.20
N GLY A 36 7.64 -1.42 -1.93
CA GLY A 36 6.69 -0.37 -1.48
C GLY A 36 7.22 0.39 -0.27
N TYR A 37 6.62 1.50 0.05
CA TYR A 37 7.05 2.30 1.22
C TYR A 37 5.81 2.84 1.94
N CYS A 38 5.93 3.22 3.18
CA CYS A 38 4.76 3.76 3.92
C CYS A 38 4.79 5.29 3.93
N GLN A 39 3.77 5.90 3.40
CA GLN A 39 3.73 7.40 3.38
C GLN A 39 2.67 7.89 4.36
N ILE A 40 2.66 9.15 4.66
CA ILE A 40 1.64 9.66 5.63
C ILE A 40 0.43 10.19 4.87
N LEU A 41 -0.75 9.89 5.35
CA LEU A 41 -1.97 10.37 4.64
C LEU A 41 -1.95 11.89 4.60
N GLY A 42 -1.44 12.50 5.64
CA GLY A 42 -1.38 13.99 5.67
C GLY A 42 -1.88 14.47 7.04
N THR A 43 -2.74 13.72 7.66
CA THR A 43 -3.28 14.11 8.99
C THR A 43 -4.30 13.07 9.45
N TYR A 44 -5.13 12.61 8.55
CA TYR A 44 -6.16 11.61 8.92
C TYR A 44 -5.49 10.30 9.34
N GLY A 45 -4.39 9.95 8.74
CA GLY A 45 -3.71 8.68 9.11
C GLY A 45 -2.51 8.41 8.20
N ASN A 46 -2.14 7.17 8.04
CA ASN A 46 -0.99 6.81 7.19
C ASN A 46 -1.46 5.86 6.08
N GLY A 47 -0.71 5.76 5.01
CA GLY A 47 -1.12 4.84 3.90
C GLY A 47 0.10 4.11 3.36
N CYS A 48 -0.11 3.03 2.66
CA CYS A 48 1.03 2.25 2.09
C CYS A 48 1.10 2.47 0.58
N TRP A 49 2.27 2.82 0.09
CA TRP A 49 2.42 3.05 -1.38
C TRP A 49 3.28 1.93 -1.96
N CYS A 50 2.74 1.14 -2.85
CA CYS A 50 3.54 0.03 -3.45
C CYS A 50 3.88 0.37 -4.90
N ILE A 51 5.15 0.46 -5.21
CA ILE A 51 5.57 0.81 -6.61
C ILE A 51 6.44 -0.30 -7.20
N ALA A 52 6.16 -0.69 -8.42
CA ALA A 52 6.96 -1.75 -9.09
C ALA A 52 6.40 -1.99 -10.49
N LEU A 53 5.11 -2.04 -10.62
CA LEU A 53 4.50 -2.27 -11.97
C LEU A 53 3.43 -1.21 -12.24
N PRO A 54 3.84 0.00 -12.51
CA PRO A 54 2.91 1.12 -12.80
C PRO A 54 2.48 1.16 -14.27
N ASP A 55 2.36 0.03 -14.90
CA ASP A 55 1.95 0.02 -16.33
C ASP A 55 0.69 0.85 -16.49
N ASN A 56 -0.19 0.80 -15.53
CA ASN A 56 -1.45 1.59 -15.62
C ASN A 56 -1.66 2.38 -14.33
N VAL A 57 -1.08 1.94 -13.25
CA VAL A 57 -1.24 2.68 -11.97
C VAL A 57 -2.72 2.95 -11.71
N PRO A 58 -3.50 1.91 -11.53
CA PRO A 58 -4.96 2.02 -11.28
C PRO A 58 -5.26 1.99 -9.78
N ILE A 59 -6.39 2.52 -9.39
CA ILE A 59 -6.74 2.51 -7.95
C ILE A 59 -8.11 1.86 -7.77
N ARG A 60 -8.18 0.81 -7.00
CA ARG A 60 -9.49 0.13 -6.80
C ARG A 60 -10.13 0.61 -5.49
N ILE A 61 -10.92 1.64 -5.56
CA ILE A 61 -11.56 2.17 -4.31
C ILE A 61 -13.07 2.31 -4.54
N PRO A 62 -13.79 1.22 -4.50
CA PRO A 62 -15.27 1.22 -4.69
C PRO A 62 -16.01 1.66 -3.44
N GLY A 63 -15.31 2.28 -2.52
CA GLY A 63 -15.96 2.74 -1.26
C GLY A 63 -15.58 1.78 -0.13
N LYS A 64 -15.18 0.58 -0.48
CA LYS A 64 -14.79 -0.41 0.56
C LYS A 64 -13.62 0.14 1.37
N CYS A 65 -12.69 0.78 0.72
CA CYS A 65 -11.51 1.34 1.44
C CYS A 65 -11.98 2.32 2.50
N HIS A 66 -13.03 3.05 2.23
CA HIS A 66 -13.53 4.03 3.24
C HIS A 66 -13.79 3.32 4.56
N ALA A 1 0.82 -3.51 -10.14
CA ALA A 1 0.44 -2.10 -10.39
C ALA A 1 1.15 -1.19 -9.38
N ARG A 2 0.56 -0.06 -9.09
CA ARG A 2 1.19 0.88 -8.11
C ARG A 2 0.20 1.18 -6.99
N ASP A 3 0.64 1.06 -5.76
CA ASP A 3 -0.29 1.36 -4.62
C ASP A 3 0.00 2.76 -4.10
N ALA A 4 -1.01 3.46 -3.66
CA ALA A 4 -0.79 4.83 -3.12
C ALA A 4 -0.99 4.81 -1.60
N TYR A 5 -2.21 4.94 -1.16
CA TYR A 5 -2.46 4.93 0.31
C TYR A 5 -2.95 3.54 0.73
N ILE A 6 -3.59 2.84 -0.18
CA ILE A 6 -4.11 1.49 0.14
C ILE A 6 -3.21 0.41 -0.47
N ALA A 7 -2.97 -0.65 0.25
CA ALA A 7 -2.10 -1.73 -0.28
C ALA A 7 -2.98 -2.92 -0.67
N LYS A 8 -4.23 -2.86 -0.34
CA LYS A 8 -5.17 -3.96 -0.67
C LYS A 8 -6.37 -3.40 -1.43
N PRO A 9 -6.28 -3.32 -2.74
CA PRO A 9 -7.39 -2.78 -3.58
C PRO A 9 -8.76 -3.34 -3.19
N HIS A 10 -8.78 -4.52 -2.66
CA HIS A 10 -10.08 -5.12 -2.24
C HIS A 10 -10.40 -4.65 -0.82
N ASN A 11 -9.40 -4.21 -0.09
CA ASN A 11 -9.65 -3.74 1.30
C ASN A 11 -8.79 -2.49 1.58
N CYS A 12 -8.41 -2.29 2.81
CA CYS A 12 -7.58 -1.10 3.17
C CYS A 12 -6.51 -1.50 4.19
N VAL A 13 -5.68 -0.57 4.58
CA VAL A 13 -4.63 -0.91 5.59
C VAL A 13 -5.07 -0.40 6.97
N TYR A 14 -5.05 -1.26 7.95
CA TYR A 14 -5.47 -0.83 9.31
C TYR A 14 -4.45 0.17 9.88
N GLU A 15 -3.19 -0.01 9.56
CA GLU A 15 -2.16 0.94 10.07
C GLU A 15 -0.82 0.63 9.41
N CYS A 16 -0.50 1.29 8.34
CA CYS A 16 0.80 1.03 7.69
C CYS A 16 1.91 1.59 8.59
N PHE A 17 2.85 0.78 8.95
CA PHE A 17 3.94 1.26 9.83
C PHE A 17 5.12 1.77 8.98
N ASP A 18 5.97 2.57 9.55
CA ASP A 18 7.12 3.11 8.77
C ASP A 18 7.73 2.00 7.91
N ALA A 19 7.86 2.23 6.64
CA ALA A 19 8.45 1.19 5.75
C ALA A 19 9.96 1.11 5.99
N PHE A 20 10.51 2.05 6.70
CA PHE A 20 11.98 2.03 6.96
C PHE A 20 12.36 0.66 7.53
N SER A 21 11.63 0.18 8.48
CA SER A 21 11.97 -1.15 9.06
C SER A 21 11.75 -2.23 8.01
N SER A 22 10.54 -2.39 7.54
CA SER A 22 10.24 -3.42 6.49
C SER A 22 8.77 -3.85 6.62
N TYR A 23 8.04 -3.26 7.53
CA TYR A 23 6.61 -3.66 7.71
C TYR A 23 5.83 -3.47 6.41
N CYS A 24 5.88 -2.29 5.84
CA CYS A 24 5.14 -2.05 4.56
C CYS A 24 5.76 -2.90 3.47
N ASN A 25 7.06 -2.99 3.44
CA ASN A 25 7.73 -3.81 2.39
C ASN A 25 7.24 -5.26 2.50
N GLY A 26 7.07 -5.74 3.70
CA GLY A 26 6.58 -7.14 3.86
C GLY A 26 5.19 -7.27 3.25
N VAL A 27 4.30 -6.37 3.58
CA VAL A 27 2.93 -6.43 3.01
C VAL A 27 3.00 -6.19 1.51
N CYS A 28 3.78 -5.23 1.09
CA CYS A 28 3.90 -4.92 -0.36
C CYS A 28 4.52 -6.12 -1.08
N THR A 29 5.43 -6.81 -0.44
CA THR A 29 6.07 -7.99 -1.10
C THR A 29 5.01 -9.00 -1.55
N LYS A 30 4.02 -9.24 -0.74
CA LYS A 30 2.96 -10.21 -1.14
C LYS A 30 2.29 -9.71 -2.42
N ASN A 31 2.10 -8.43 -2.55
CA ASN A 31 1.46 -7.88 -3.77
C ASN A 31 2.30 -8.26 -4.98
N GLY A 32 3.58 -8.42 -4.79
CA GLY A 32 4.47 -8.79 -5.93
C GLY A 32 5.19 -7.54 -6.43
N ALA A 33 4.92 -6.41 -5.83
CA ALA A 33 5.58 -5.16 -6.27
C ALA A 33 7.07 -5.22 -5.91
N LYS A 34 7.89 -4.55 -6.68
CA LYS A 34 9.36 -4.57 -6.40
C LYS A 34 9.62 -4.05 -4.98
N SER A 35 9.24 -2.84 -4.71
CA SER A 35 9.47 -2.28 -3.35
C SER A 35 8.30 -1.38 -2.96
N GLY A 36 8.13 -1.10 -1.70
CA GLY A 36 7.00 -0.23 -1.28
C GLY A 36 7.42 0.67 -0.12
N TYR A 37 6.71 1.76 0.07
CA TYR A 37 7.05 2.70 1.16
C TYR A 37 5.76 3.13 1.87
N CYS A 38 5.86 3.64 3.08
CA CYS A 38 4.64 4.08 3.80
C CYS A 38 4.48 5.59 3.66
N GLN A 39 3.36 6.02 3.16
CA GLN A 39 3.12 7.48 3.01
C GLN A 39 2.13 7.94 4.08
N ILE A 40 2.16 9.18 4.46
CA ILE A 40 1.23 9.64 5.52
C ILE A 40 -0.05 10.22 4.91
N LEU A 41 -1.15 10.05 5.58
CA LEU A 41 -2.43 10.59 5.08
C LEU A 41 -2.54 12.07 5.44
N GLY A 42 -3.29 12.84 4.69
CA GLY A 42 -3.43 14.28 5.03
C GLY A 42 -3.66 14.40 6.54
N THR A 43 -4.05 13.33 7.15
CA THR A 43 -4.29 13.33 8.61
C THR A 43 -3.34 12.34 9.28
N TYR A 44 -3.29 12.30 10.59
CA TYR A 44 -2.37 11.36 11.28
C TYR A 44 -2.49 9.96 10.66
N GLY A 45 -3.45 9.76 9.80
CA GLY A 45 -3.61 8.42 9.17
C GLY A 45 -2.36 8.06 8.36
N ASN A 46 -2.19 6.81 8.03
CA ASN A 46 -0.99 6.38 7.24
C ASN A 46 -1.40 5.31 6.22
N GLY A 47 -0.65 5.18 5.15
CA GLY A 47 -0.99 4.16 4.12
C GLY A 47 0.28 3.50 3.59
N CYS A 48 0.14 2.50 2.75
CA CYS A 48 1.34 1.82 2.18
C CYS A 48 1.53 2.22 0.72
N TRP A 49 2.71 2.09 0.20
CA TRP A 49 2.96 2.48 -1.23
C TRP A 49 3.69 1.33 -1.94
N CYS A 50 3.35 1.06 -3.18
CA CYS A 50 4.06 -0.04 -3.92
C CYS A 50 4.42 0.43 -5.33
N ILE A 51 5.65 0.22 -5.74
CA ILE A 51 6.07 0.64 -7.11
C ILE A 51 6.67 -0.57 -7.85
N ALA A 52 6.26 -0.79 -9.07
CA ALA A 52 6.80 -1.94 -9.85
C ALA A 52 6.19 -1.94 -11.25
N LEU A 53 4.91 -1.71 -11.35
CA LEU A 53 4.24 -1.71 -12.69
C LEU A 53 3.34 -0.48 -12.79
N PRO A 54 3.92 0.68 -12.98
CA PRO A 54 3.17 1.96 -13.10
C PRO A 54 2.20 1.97 -14.29
N ASP A 55 1.31 2.92 -14.33
CA ASP A 55 0.33 3.01 -15.45
C ASP A 55 -0.47 1.71 -15.56
N ASN A 56 -0.95 1.21 -14.45
CA ASN A 56 -1.74 -0.05 -14.48
C ASN A 56 -2.82 0.01 -13.41
N VAL A 57 -3.86 -0.78 -13.54
CA VAL A 57 -4.95 -0.79 -12.52
C VAL A 57 -4.34 -0.62 -11.12
N PRO A 58 -4.38 0.58 -10.57
CA PRO A 58 -3.80 0.85 -9.24
C PRO A 58 -4.78 0.55 -8.10
N ILE A 59 -5.84 1.31 -7.98
CA ILE A 59 -6.83 1.07 -6.89
C ILE A 59 -8.20 0.79 -7.49
N ARG A 60 -8.87 -0.23 -7.01
CA ARG A 60 -10.23 -0.55 -7.54
C ARG A 60 -11.18 -0.73 -6.36
N ILE A 61 -11.69 0.34 -5.84
CA ILE A 61 -12.62 0.25 -4.68
C ILE A 61 -13.90 1.04 -4.97
N PRO A 62 -14.85 0.40 -5.62
CA PRO A 62 -16.15 1.06 -5.96
C PRO A 62 -16.80 1.72 -4.74
N GLY A 63 -16.40 1.33 -3.57
CA GLY A 63 -16.98 1.94 -2.33
C GLY A 63 -16.97 0.91 -1.19
N LYS A 64 -16.48 -0.27 -1.45
CA LYS A 64 -16.45 -1.32 -0.38
C LYS A 64 -15.61 -0.80 0.80
N CYS A 65 -14.58 -0.06 0.54
CA CYS A 65 -13.74 0.46 1.65
C CYS A 65 -14.12 1.91 1.94
N HIS A 66 -14.35 2.23 3.18
CA HIS A 66 -14.73 3.63 3.54
C HIS A 66 -13.54 4.34 4.19
N ALA A 1 1.08 -2.41 -11.76
CA ALA A 1 0.73 -0.97 -11.69
C ALA A 1 1.37 -0.36 -10.44
N ARG A 2 0.96 0.82 -10.06
CA ARG A 2 1.54 1.48 -8.86
C ARG A 2 0.43 1.93 -7.92
N ASP A 3 0.56 1.65 -6.65
CA ASP A 3 -0.49 2.07 -5.68
C ASP A 3 0.09 3.17 -4.79
N ALA A 4 -0.74 4.05 -4.30
CA ALA A 4 -0.22 5.15 -3.44
C ALA A 4 -0.42 4.84 -1.96
N TYR A 5 -1.65 4.85 -1.50
CA TYR A 5 -1.90 4.56 -0.06
C TYR A 5 -2.39 3.13 0.13
N ILE A 6 -2.58 2.39 -0.94
CA ILE A 6 -3.08 1.00 -0.82
C ILE A 6 -1.96 0.00 -1.16
N ALA A 7 -1.86 -1.06 -0.42
CA ALA A 7 -0.81 -2.08 -0.70
C ALA A 7 -1.48 -3.40 -1.07
N LYS A 8 -2.75 -3.36 -1.36
CA LYS A 8 -3.47 -4.61 -1.74
C LYS A 8 -4.17 -4.41 -3.09
N PRO A 9 -4.41 -5.47 -3.81
CA PRO A 9 -5.08 -5.39 -5.14
C PRO A 9 -6.51 -4.85 -5.05
N HIS A 10 -7.22 -5.20 -4.01
CA HIS A 10 -8.62 -4.70 -3.87
C HIS A 10 -8.88 -4.30 -2.41
N ASN A 11 -7.91 -4.51 -1.55
CA ASN A 11 -8.10 -4.15 -0.11
C ASN A 11 -7.17 -2.98 0.23
N CYS A 12 -7.36 -2.41 1.40
CA CYS A 12 -6.49 -1.25 1.80
C CYS A 12 -5.69 -1.63 3.05
N VAL A 13 -4.89 -0.73 3.54
CA VAL A 13 -4.08 -1.04 4.75
C VAL A 13 -4.76 -0.43 5.98
N TYR A 14 -4.87 -1.18 7.04
CA TYR A 14 -5.53 -0.65 8.27
C TYR A 14 -4.66 0.44 8.90
N GLU A 15 -3.38 0.20 8.97
CA GLU A 15 -2.47 1.23 9.58
C GLU A 15 -1.03 0.75 9.42
N CYS A 16 -0.32 1.25 8.45
CA CYS A 16 1.09 0.82 8.29
C CYS A 16 1.92 1.36 9.44
N PHE A 17 2.25 0.54 10.39
CA PHE A 17 3.06 1.01 11.54
C PHE A 17 4.23 1.85 11.00
N ASP A 18 4.70 2.80 11.76
CA ASP A 18 5.81 3.65 11.27
C ASP A 18 7.12 2.86 11.24
N ALA A 19 7.66 2.64 10.08
CA ALA A 19 8.94 1.88 9.98
C ALA A 19 9.77 2.45 8.83
N PHE A 20 11.07 2.38 8.92
CA PHE A 20 11.93 2.91 7.83
C PHE A 20 11.60 2.18 6.53
N SER A 21 11.38 0.89 6.60
CA SER A 21 11.06 0.12 5.38
C SER A 21 11.10 -1.37 5.69
N SER A 22 10.07 -1.90 6.32
CA SER A 22 10.08 -3.34 6.66
C SER A 22 8.63 -3.85 6.79
N TYR A 23 7.91 -3.39 7.77
CA TYR A 23 6.51 -3.86 7.95
C TYR A 23 5.70 -3.55 6.69
N CYS A 24 5.74 -2.34 6.22
CA CYS A 24 4.97 -1.98 5.00
C CYS A 24 5.59 -2.68 3.79
N ASN A 25 6.89 -2.66 3.69
CA ASN A 25 7.56 -3.32 2.54
C ASN A 25 7.20 -4.80 2.53
N GLY A 26 7.14 -5.41 3.69
CA GLY A 26 6.78 -6.85 3.75
C GLY A 26 5.37 -7.04 3.21
N VAL A 27 4.46 -6.19 3.60
CA VAL A 27 3.06 -6.31 3.10
C VAL A 27 3.04 -6.05 1.60
N CYS A 28 3.76 -5.05 1.16
CA CYS A 28 3.79 -4.73 -0.29
C CYS A 28 4.35 -5.91 -1.07
N THR A 29 5.29 -6.62 -0.50
CA THR A 29 5.87 -7.79 -1.21
C THR A 29 4.77 -8.76 -1.63
N LYS A 30 3.83 -9.01 -0.76
CA LYS A 30 2.72 -9.94 -1.11
C LYS A 30 1.98 -9.39 -2.33
N ASN A 31 1.83 -8.09 -2.41
CA ASN A 31 1.13 -7.49 -3.58
C ASN A 31 1.85 -7.90 -4.86
N GLY A 32 3.14 -8.12 -4.78
CA GLY A 32 3.91 -8.51 -5.98
C GLY A 32 4.69 -7.30 -6.50
N ALA A 33 4.53 -6.18 -5.87
CA ALA A 33 5.26 -4.96 -6.29
C ALA A 33 6.75 -5.15 -6.02
N LYS A 34 7.59 -4.59 -6.85
CA LYS A 34 9.06 -4.74 -6.64
C LYS A 34 9.43 -4.20 -5.26
N SER A 35 9.05 -2.98 -4.96
CA SER A 35 9.37 -2.40 -3.64
C SER A 35 8.21 -1.50 -3.18
N GLY A 36 8.12 -1.22 -1.91
CA GLY A 36 7.02 -0.34 -1.43
C GLY A 36 7.51 0.55 -0.30
N TYR A 37 6.94 1.73 -0.19
CA TYR A 37 7.34 2.66 0.90
C TYR A 37 6.09 3.06 1.70
N CYS A 38 6.24 3.38 2.95
CA CYS A 38 5.05 3.76 3.76
C CYS A 38 4.97 5.27 3.89
N GLN A 39 3.88 5.85 3.48
CA GLN A 39 3.70 7.32 3.58
C GLN A 39 2.49 7.62 4.44
N ILE A 40 2.03 8.84 4.45
CA ILE A 40 0.85 9.20 5.28
C ILE A 40 -0.32 9.61 4.38
N LEU A 41 -1.52 9.48 4.87
CA LEU A 41 -2.71 9.87 4.06
C LEU A 41 -2.61 11.35 3.70
N GLY A 42 -1.88 12.11 4.47
CA GLY A 42 -1.76 13.56 4.20
C GLY A 42 -2.67 14.31 5.17
N THR A 43 -3.33 13.58 6.02
CA THR A 43 -4.23 14.23 7.02
C THR A 43 -4.38 13.29 8.22
N TYR A 44 -5.24 12.32 8.12
CA TYR A 44 -5.42 11.35 9.25
C TYR A 44 -5.22 9.93 8.74
N GLY A 45 -4.60 9.09 9.54
CA GLY A 45 -4.38 7.67 9.11
C GLY A 45 -3.04 7.55 8.40
N ASN A 46 -2.73 6.37 7.91
CA ASN A 46 -1.44 6.15 7.20
C ASN A 46 -1.68 5.23 6.00
N GLY A 47 -0.80 5.22 5.04
CA GLY A 47 -1.02 4.33 3.85
C GLY A 47 0.31 3.69 3.41
N CYS A 48 0.23 2.65 2.61
CA CYS A 48 1.47 1.98 2.13
C CYS A 48 1.70 2.35 0.66
N TRP A 49 2.92 2.31 0.21
CA TRP A 49 3.21 2.66 -1.21
C TRP A 49 3.79 1.44 -1.92
N CYS A 50 3.37 1.17 -3.13
CA CYS A 50 3.91 -0.01 -3.87
C CYS A 50 4.30 0.39 -5.29
N ILE A 51 5.46 -0.02 -5.74
CA ILE A 51 5.92 0.34 -7.11
C ILE A 51 6.24 -0.93 -7.91
N ALA A 52 5.80 -1.00 -9.12
CA ALA A 52 6.08 -2.20 -9.96
C ALA A 52 5.95 -1.83 -11.44
N LEU A 53 4.80 -1.37 -11.84
CA LEU A 53 4.60 -0.98 -13.27
C LEU A 53 4.04 0.44 -13.33
N PRO A 54 4.91 1.41 -13.18
CA PRO A 54 4.52 2.85 -13.20
C PRO A 54 3.65 3.21 -14.41
N ASP A 55 3.26 4.46 -14.53
CA ASP A 55 2.42 4.89 -15.67
C ASP A 55 1.14 4.05 -15.71
N ASN A 56 0.54 3.81 -14.58
CA ASN A 56 -0.70 2.99 -14.54
C ASN A 56 -1.59 3.49 -13.40
N VAL A 57 -2.76 3.98 -13.70
CA VAL A 57 -3.68 4.47 -12.64
C VAL A 57 -5.02 3.76 -12.73
N PRO A 58 -5.07 2.51 -12.33
CA PRO A 58 -6.33 1.70 -12.38
C PRO A 58 -7.25 2.01 -11.21
N ILE A 59 -6.80 1.77 -10.00
CA ILE A 59 -7.65 2.05 -8.81
C ILE A 59 -9.09 1.64 -9.10
N ARG A 60 -9.33 0.38 -9.34
CA ARG A 60 -10.72 -0.08 -9.62
C ARG A 60 -11.61 0.43 -8.48
N ILE A 61 -11.06 0.49 -7.31
CA ILE A 61 -11.82 0.96 -6.13
C ILE A 61 -12.18 2.44 -6.32
N PRO A 62 -13.43 2.81 -6.16
CA PRO A 62 -13.87 4.22 -6.32
C PRO A 62 -13.48 5.10 -5.12
N GLY A 63 -12.41 4.76 -4.46
CA GLY A 63 -11.97 5.56 -3.29
C GLY A 63 -12.48 4.90 -2.00
N LYS A 64 -13.11 3.76 -2.11
CA LYS A 64 -13.62 3.06 -0.90
C LYS A 64 -13.10 1.63 -0.91
N CYS A 65 -12.65 1.14 0.22
CA CYS A 65 -12.14 -0.25 0.27
C CYS A 65 -13.25 -1.22 -0.11
N HIS A 66 -14.48 -0.84 0.10
CA HIS A 66 -15.62 -1.75 -0.26
C HIS A 66 -16.30 -1.23 -1.53
N ALA A 1 -1.87 -2.46 -10.53
CA ALA A 1 -1.12 -1.33 -11.13
C ALA A 1 -0.18 -0.73 -10.10
N ARG A 2 -0.47 0.45 -9.63
CA ARG A 2 0.41 1.09 -8.61
C ARG A 2 -0.43 1.49 -7.40
N ASP A 3 0.02 1.18 -6.21
CA ASP A 3 -0.76 1.56 -5.00
C ASP A 3 -0.20 2.86 -4.43
N ALA A 4 -1.06 3.76 -4.03
CA ALA A 4 -0.58 5.05 -3.47
C ALA A 4 -0.71 5.05 -1.95
N TYR A 5 -1.91 4.89 -1.45
CA TYR A 5 -2.11 4.90 0.03
C TYR A 5 -2.52 3.51 0.54
N ILE A 6 -2.45 2.51 -0.30
CA ILE A 6 -2.85 1.14 0.14
C ILE A 6 -1.70 0.15 -0.11
N ALA A 7 -1.77 -1.01 0.51
CA ALA A 7 -0.70 -2.02 0.33
C ALA A 7 -1.34 -3.37 0.00
N LYS A 8 -2.63 -3.49 0.21
CA LYS A 8 -3.32 -4.77 -0.07
C LYS A 8 -4.07 -4.65 -1.39
N PRO A 9 -4.28 -5.75 -2.07
CA PRO A 9 -4.99 -5.77 -3.38
C PRO A 9 -6.45 -5.31 -3.28
N HIS A 10 -7.10 -5.61 -2.18
CA HIS A 10 -8.53 -5.20 -2.03
C HIS A 10 -8.75 -4.57 -0.65
N ASN A 11 -7.71 -4.44 0.12
CA ASN A 11 -7.87 -3.84 1.48
C ASN A 11 -6.81 -2.75 1.69
N CYS A 12 -6.94 -1.99 2.74
CA CYS A 12 -5.96 -0.90 3.02
C CYS A 12 -5.21 -1.20 4.32
N VAL A 13 -4.30 -0.36 4.71
CA VAL A 13 -3.54 -0.61 5.97
C VAL A 13 -4.20 0.17 7.11
N TYR A 14 -4.37 -0.47 8.24
CA TYR A 14 -5.01 0.22 9.40
C TYR A 14 -4.12 1.37 9.87
N GLU A 15 -2.85 1.13 9.97
CA GLU A 15 -1.92 2.21 10.42
C GLU A 15 -0.48 1.70 10.35
N CYS A 16 0.22 1.98 9.29
CA CYS A 16 1.62 1.51 9.18
C CYS A 16 2.46 2.22 10.24
N PHE A 17 3.29 1.49 10.93
CA PHE A 17 4.12 2.11 12.01
C PHE A 17 5.58 2.17 11.55
N ASP A 18 6.51 2.10 12.45
CA ASP A 18 7.95 2.17 12.06
C ASP A 18 8.25 1.07 11.04
N ALA A 19 8.88 1.42 9.97
CA ALA A 19 9.20 0.40 8.92
C ALA A 19 10.29 -0.55 9.42
N PHE A 20 10.69 -0.41 10.67
CA PHE A 20 11.74 -1.31 11.20
C PHE A 20 11.34 -2.76 10.94
N SER A 21 10.10 -3.10 11.16
CA SER A 21 9.65 -4.49 10.89
C SER A 21 9.29 -4.63 9.42
N SER A 22 9.54 -3.61 8.64
CA SER A 22 9.20 -3.69 7.19
C SER A 22 7.77 -4.19 7.03
N TYR A 23 6.88 -3.78 7.88
CA TYR A 23 5.47 -4.24 7.78
C TYR A 23 4.89 -3.84 6.43
N CYS A 24 5.04 -2.60 6.06
CA CYS A 24 4.50 -2.14 4.75
C CYS A 24 5.31 -2.77 3.62
N ASN A 25 6.59 -2.55 3.62
CA ASN A 25 7.44 -3.15 2.56
C ASN A 25 7.27 -4.66 2.59
N GLY A 26 7.10 -5.22 3.77
CA GLY A 26 6.92 -6.69 3.87
C GLY A 26 5.68 -7.09 3.06
N VAL A 27 4.64 -6.31 3.13
CA VAL A 27 3.41 -6.65 2.36
C VAL A 27 3.75 -6.65 0.87
N CYS A 28 4.44 -5.64 0.41
CA CYS A 28 4.82 -5.58 -1.03
C CYS A 28 5.88 -6.64 -1.32
N THR A 29 6.62 -7.03 -0.32
CA THR A 29 7.70 -8.06 -0.53
C THR A 29 7.11 -9.40 -0.96
N LYS A 30 5.91 -9.71 -0.56
CA LYS A 30 5.31 -11.02 -0.95
C LYS A 30 5.37 -11.23 -2.46
N ASN A 31 5.26 -10.17 -3.22
CA ASN A 31 5.31 -10.33 -4.71
C ASN A 31 6.63 -11.00 -5.09
N GLY A 32 7.68 -10.72 -4.35
CA GLY A 32 9.00 -11.34 -4.68
C GLY A 32 9.86 -10.32 -5.42
N ALA A 33 9.35 -9.12 -5.58
CA ALA A 33 10.14 -8.06 -6.30
C ALA A 33 9.41 -6.73 -6.15
N LYS A 34 8.12 -6.77 -6.01
CA LYS A 34 7.35 -5.51 -5.85
C LYS A 34 7.96 -4.71 -4.70
N SER A 35 8.16 -3.43 -4.89
CA SER A 35 8.76 -2.62 -3.80
C SER A 35 7.77 -1.56 -3.34
N GLY A 36 7.67 -1.33 -2.06
CA GLY A 36 6.71 -0.30 -1.57
C GLY A 36 7.29 0.47 -0.39
N TYR A 37 6.80 1.65 -0.16
CA TYR A 37 7.28 2.48 0.97
C TYR A 37 6.07 2.93 1.79
N CYS A 38 6.24 3.20 3.06
CA CYS A 38 5.10 3.64 3.89
C CYS A 38 5.13 5.15 4.03
N GLN A 39 4.08 5.82 3.62
CA GLN A 39 4.04 7.30 3.72
C GLN A 39 2.81 7.73 4.52
N ILE A 40 2.55 9.01 4.58
CA ILE A 40 1.37 9.49 5.35
C ILE A 40 0.16 9.61 4.42
N LEU A 41 -1.01 9.35 4.91
CA LEU A 41 -2.22 9.44 4.06
C LEU A 41 -2.28 10.83 3.40
N GLY A 42 -1.91 11.85 4.14
CA GLY A 42 -1.94 13.23 3.57
C GLY A 42 -2.67 14.15 4.54
N THR A 43 -3.89 13.81 4.87
CA THR A 43 -4.66 14.65 5.83
C THR A 43 -4.56 14.02 7.21
N TYR A 44 -5.15 12.87 7.39
CA TYR A 44 -5.09 12.19 8.70
C TYR A 44 -4.89 10.69 8.47
N GLY A 45 -4.42 9.98 9.45
CA GLY A 45 -4.21 8.51 9.26
C GLY A 45 -2.89 8.27 8.52
N ASN A 46 -2.69 7.08 8.02
CA ASN A 46 -1.44 6.78 7.28
C ASN A 46 -1.76 5.90 6.07
N GLY A 47 -0.87 5.84 5.12
CA GLY A 47 -1.14 4.99 3.91
C GLY A 47 0.15 4.27 3.48
N CYS A 48 0.01 3.20 2.74
CA CYS A 48 1.20 2.45 2.27
C CYS A 48 1.45 2.77 0.80
N TRP A 49 2.67 2.58 0.33
CA TRP A 49 2.96 2.88 -1.10
C TRP A 49 3.59 1.65 -1.75
N CYS A 50 2.99 1.15 -2.81
CA CYS A 50 3.56 -0.05 -3.49
C CYS A 50 3.82 0.30 -4.96
N ILE A 51 4.95 -0.09 -5.50
CA ILE A 51 5.26 0.23 -6.91
C ILE A 51 5.43 -1.04 -7.74
N ALA A 52 4.83 -1.06 -8.91
CA ALA A 52 4.93 -2.24 -9.81
C ALA A 52 3.93 -2.09 -10.95
N LEU A 53 4.24 -2.57 -12.12
CA LEU A 53 3.29 -2.44 -13.26
C LEU A 53 3.09 -3.82 -13.93
N PRO A 54 2.37 -4.68 -13.28
CA PRO A 54 2.08 -6.05 -13.79
C PRO A 54 0.90 -6.07 -14.76
N ASP A 55 -0.28 -6.34 -14.26
CA ASP A 55 -1.48 -6.39 -15.14
C ASP A 55 -2.17 -5.02 -15.11
N ASN A 56 -1.54 -4.03 -14.56
CA ASN A 56 -2.17 -2.68 -14.51
C ASN A 56 -3.45 -2.75 -13.67
N VAL A 57 -3.38 -3.40 -12.54
CA VAL A 57 -4.59 -3.51 -11.67
C VAL A 57 -4.92 -2.12 -11.08
N PRO A 58 -6.08 -1.58 -11.34
CA PRO A 58 -6.47 -0.25 -10.81
C PRO A 58 -7.13 -0.39 -9.44
N ILE A 59 -7.26 0.68 -8.71
CA ILE A 59 -7.90 0.58 -7.37
C ILE A 59 -9.28 1.24 -7.40
N ARG A 60 -10.28 0.56 -6.91
CA ARG A 60 -11.65 1.13 -6.89
C ARG A 60 -12.13 1.23 -5.44
N ILE A 61 -11.81 2.31 -4.78
CA ILE A 61 -12.23 2.47 -3.36
C ILE A 61 -13.02 3.78 -3.20
N PRO A 62 -14.29 3.75 -3.53
CA PRO A 62 -15.18 4.94 -3.42
C PRO A 62 -15.14 5.55 -2.02
N GLY A 63 -14.69 4.81 -1.04
CA GLY A 63 -14.63 5.35 0.34
C GLY A 63 -14.50 4.21 1.34
N LYS A 64 -14.72 3.00 0.90
CA LYS A 64 -14.60 1.83 1.82
C LYS A 64 -13.20 1.78 2.41
N CYS A 65 -12.21 2.20 1.67
CA CYS A 65 -10.81 2.17 2.20
C CYS A 65 -10.74 2.98 3.49
N HIS A 66 -11.53 4.02 3.59
CA HIS A 66 -11.49 4.85 4.83
C HIS A 66 -12.05 4.03 6.00
N ALA A 1 0.73 -5.99 -9.26
CA ALA A 1 -0.03 -4.75 -9.56
C ALA A 1 0.57 -3.57 -8.80
N ARG A 2 -0.17 -2.51 -8.63
CA ARG A 2 0.37 -1.32 -7.90
C ARG A 2 -0.62 -0.90 -6.82
N ASP A 3 -0.11 -0.57 -5.66
CA ASP A 3 -1.00 -0.12 -4.55
C ASP A 3 -0.82 1.38 -4.36
N ALA A 4 -1.84 2.06 -3.91
CA ALA A 4 -1.72 3.54 -3.71
C ALA A 4 -1.61 3.87 -2.22
N TYR A 5 -2.72 4.00 -1.55
CA TYR A 5 -2.67 4.33 -0.10
C TYR A 5 -2.83 3.06 0.74
N ILE A 6 -2.86 1.92 0.08
CA ILE A 6 -3.03 0.64 0.82
C ILE A 6 -1.73 -0.17 0.75
N ALA A 7 -1.44 -0.94 1.75
CA ALA A 7 -0.21 -1.76 1.74
C ALA A 7 -0.57 -3.21 1.40
N LYS A 8 -1.84 -3.48 1.24
CA LYS A 8 -2.27 -4.87 0.91
C LYS A 8 -3.24 -4.83 -0.27
N PRO A 9 -3.63 -5.97 -0.77
CA PRO A 9 -4.56 -6.07 -1.94
C PRO A 9 -5.81 -5.19 -1.80
N HIS A 10 -6.76 -5.60 -1.00
CA HIS A 10 -8.01 -4.79 -0.84
C HIS A 10 -8.03 -4.13 0.53
N ASN A 11 -7.10 -4.48 1.39
CA ASN A 11 -7.08 -3.86 2.75
C ASN A 11 -5.99 -2.79 2.80
N CYS A 12 -6.11 -1.83 3.68
CA CYS A 12 -5.10 -0.75 3.77
C CYS A 12 -4.48 -0.72 5.18
N VAL A 13 -3.52 0.14 5.39
CA VAL A 13 -2.88 0.22 6.73
C VAL A 13 -3.37 1.47 7.47
N TYR A 14 -3.67 1.34 8.73
CA TYR A 14 -4.14 2.51 9.52
C TYR A 14 -2.93 3.31 9.99
N GLU A 15 -1.83 2.64 10.25
CA GLU A 15 -0.61 3.35 10.71
C GLU A 15 0.54 2.35 10.80
N CYS A 16 1.38 2.30 9.81
CA CYS A 16 2.51 1.34 9.86
C CYS A 16 3.46 1.77 10.99
N PHE A 17 3.43 1.07 12.09
CA PHE A 17 4.29 1.44 13.25
C PHE A 17 5.76 1.55 12.80
N ASP A 18 6.22 0.64 12.00
CA ASP A 18 7.63 0.71 11.54
C ASP A 18 7.76 0.14 10.14
N ALA A 19 7.39 0.89 9.13
CA ALA A 19 7.49 0.39 7.74
C ALA A 19 8.96 0.23 7.38
N PHE A 20 9.81 1.03 7.93
CA PHE A 20 11.26 0.93 7.62
C PHE A 20 11.73 -0.50 7.92
N SER A 21 11.28 -1.07 8.99
CA SER A 21 11.72 -2.46 9.32
C SER A 21 11.36 -3.40 8.17
N SER A 22 10.12 -3.37 7.74
CA SER A 22 9.69 -4.25 6.60
C SER A 22 8.19 -4.51 6.68
N TYR A 23 7.48 -3.82 7.52
CA TYR A 23 6.00 -4.07 7.62
C TYR A 23 5.34 -3.81 6.27
N CYS A 24 5.38 -2.60 5.80
CA CYS A 24 4.74 -2.30 4.48
C CYS A 24 5.49 -3.05 3.38
N ASN A 25 6.79 -2.91 3.34
CA ASN A 25 7.57 -3.62 2.30
C ASN A 25 7.37 -5.13 2.46
N GLY A 26 7.24 -5.59 3.67
CA GLY A 26 7.04 -7.05 3.89
C GLY A 26 5.78 -7.50 3.15
N VAL A 27 4.72 -6.73 3.21
CA VAL A 27 3.49 -7.14 2.49
C VAL A 27 3.78 -7.15 0.99
N CYS A 28 4.48 -6.17 0.50
CA CYS A 28 4.82 -6.14 -0.95
C CYS A 28 5.73 -7.32 -1.28
N THR A 29 6.53 -7.74 -0.34
CA THR A 29 7.44 -8.90 -0.60
C THR A 29 6.62 -10.12 -0.97
N LYS A 30 5.61 -10.42 -0.21
CA LYS A 30 4.75 -11.60 -0.51
C LYS A 30 4.05 -11.38 -1.84
N ASN A 31 3.57 -10.19 -2.07
CA ASN A 31 2.88 -9.89 -3.35
C ASN A 31 3.87 -10.06 -4.50
N GLY A 32 5.12 -9.80 -4.26
CA GLY A 32 6.14 -9.94 -5.33
C GLY A 32 6.46 -8.56 -5.88
N ALA A 33 5.86 -7.53 -5.33
CA ALA A 33 6.13 -6.15 -5.81
C ALA A 33 7.57 -5.76 -5.51
N LYS A 34 8.13 -4.88 -6.29
CA LYS A 34 9.54 -4.46 -6.06
C LYS A 34 9.69 -3.88 -4.65
N SER A 35 9.16 -2.71 -4.43
CA SER A 35 9.29 -2.10 -3.07
C SER A 35 8.02 -1.31 -2.73
N GLY A 36 7.89 -0.90 -1.50
CA GLY A 36 6.69 -0.12 -1.09
C GLY A 36 7.12 0.97 -0.10
N TYR A 37 6.41 2.07 -0.06
CA TYR A 37 6.78 3.17 0.88
C TYR A 37 5.60 3.50 1.79
N CYS A 38 5.85 3.67 3.07
CA CYS A 38 4.75 4.00 4.01
C CYS A 38 4.94 5.44 4.52
N GLN A 39 4.02 6.30 4.19
CA GLN A 39 4.13 7.71 4.64
C GLN A 39 2.79 8.13 5.24
N ILE A 40 2.75 9.24 5.94
CA ILE A 40 1.46 9.67 6.56
C ILE A 40 0.84 10.83 5.79
N LEU A 41 -0.46 10.86 5.75
CA LEU A 41 -1.18 11.94 5.05
C LEU A 41 -1.88 12.82 6.08
N GLY A 42 -1.90 14.10 5.86
CA GLY A 42 -2.58 15.00 6.84
C GLY A 42 -4.03 14.54 7.05
N THR A 43 -4.63 13.96 6.06
CA THR A 43 -6.05 13.51 6.21
C THR A 43 -6.10 12.06 6.69
N TYR A 44 -5.82 11.12 5.82
CA TYR A 44 -5.88 9.69 6.22
C TYR A 44 -4.88 9.40 7.35
N GLY A 45 -3.71 9.96 7.29
CA GLY A 45 -2.72 9.71 8.37
C GLY A 45 -1.76 8.59 7.96
N ASN A 46 -2.22 7.64 7.18
CA ASN A 46 -1.32 6.53 6.75
C ASN A 46 -1.59 6.19 5.29
N GLY A 47 -0.57 6.21 4.47
CA GLY A 47 -0.77 5.86 3.03
C GLY A 47 0.43 5.03 2.55
N CYS A 48 0.20 3.78 2.24
CA CYS A 48 1.32 2.92 1.77
C CYS A 48 1.12 2.59 0.28
N TRP A 49 2.03 3.01 -0.57
CA TRP A 49 1.89 2.70 -2.02
C TRP A 49 2.91 1.64 -2.42
N CYS A 50 2.47 0.63 -3.10
CA CYS A 50 3.40 -0.45 -3.54
C CYS A 50 3.65 -0.28 -5.04
N ILE A 51 4.89 -0.13 -5.44
CA ILE A 51 5.19 0.07 -6.88
C ILE A 51 5.94 -1.13 -7.45
N ALA A 52 5.51 -1.62 -8.58
CA ALA A 52 6.18 -2.79 -9.20
C ALA A 52 5.56 -3.09 -10.57
N LEU A 53 4.27 -3.28 -10.60
CA LEU A 53 3.59 -3.60 -11.89
C LEU A 53 2.38 -2.66 -12.08
N PRO A 54 2.61 -1.47 -12.59
CA PRO A 54 1.52 -0.48 -12.81
C PRO A 54 0.63 -0.83 -14.01
N ASP A 55 1.06 -1.75 -14.82
CA ASP A 55 0.24 -2.14 -16.00
C ASP A 55 -1.15 -2.61 -15.56
N ASN A 56 -1.23 -3.30 -14.46
CA ASN A 56 -2.56 -3.79 -13.97
C ASN A 56 -3.44 -2.62 -13.55
N VAL A 57 -2.87 -1.65 -12.89
CA VAL A 57 -3.67 -0.46 -12.42
C VAL A 57 -5.09 -0.89 -12.07
N PRO A 58 -5.24 -1.68 -11.03
CA PRO A 58 -6.57 -2.18 -10.58
C PRO A 58 -7.36 -1.13 -9.80
N ILE A 59 -6.89 -0.75 -8.65
CA ILE A 59 -7.62 0.27 -7.83
C ILE A 59 -9.12 -0.01 -7.90
N ARG A 60 -9.53 -1.19 -7.51
CA ARG A 60 -10.98 -1.53 -7.56
C ARG A 60 -11.79 -0.49 -6.81
N ILE A 61 -11.29 0.00 -5.72
CA ILE A 61 -12.05 1.03 -4.94
C ILE A 61 -11.58 2.42 -5.33
N PRO A 62 -12.42 3.41 -5.17
CA PRO A 62 -12.08 4.82 -5.50
C PRO A 62 -10.94 5.36 -4.65
N GLY A 63 -10.67 4.74 -3.53
CA GLY A 63 -9.57 5.22 -2.66
C GLY A 63 -9.92 4.92 -1.20
N LYS A 64 -10.88 4.07 -0.97
CA LYS A 64 -11.28 3.73 0.42
C LYS A 64 -10.51 2.50 0.88
N CYS A 65 -10.34 2.35 2.16
CA CYS A 65 -9.58 1.16 2.67
C CYS A 65 -10.22 -0.12 2.13
N HIS A 66 -11.52 -0.13 2.01
CA HIS A 66 -12.19 -1.36 1.48
C HIS A 66 -13.51 -0.97 0.83
N ALA A 1 0.41 -4.99 -10.73
CA ALA A 1 -0.52 -4.02 -10.08
C ALA A 1 0.30 -2.97 -9.33
N ARG A 2 -0.31 -1.86 -9.01
CA ARG A 2 0.43 -0.79 -8.26
C ARG A 2 -0.37 -0.39 -7.03
N ASP A 3 0.29 -0.25 -5.90
CA ASP A 3 -0.44 0.15 -4.66
C ASP A 3 -0.30 1.66 -4.46
N ALA A 4 -1.30 2.28 -3.90
CA ALA A 4 -1.25 3.75 -3.67
C ALA A 4 -1.21 4.03 -2.16
N TYR A 5 -2.35 4.27 -1.57
CA TYR A 5 -2.36 4.54 -0.10
C TYR A 5 -2.75 3.26 0.64
N ILE A 6 -2.84 2.16 -0.08
CA ILE A 6 -3.22 0.88 0.55
C ILE A 6 -2.06 -0.12 0.41
N ALA A 7 -2.00 -1.09 1.29
CA ALA A 7 -0.92 -2.11 1.21
C ALA A 7 -1.53 -3.46 0.84
N LYS A 8 -2.81 -3.47 0.56
CA LYS A 8 -3.50 -4.73 0.18
C LYS A 8 -4.14 -4.56 -1.19
N PRO A 9 -4.53 -5.64 -1.82
CA PRO A 9 -5.17 -5.60 -3.16
C PRO A 9 -6.63 -5.15 -3.08
N HIS A 10 -7.46 -5.86 -2.36
CA HIS A 10 -8.88 -5.47 -2.26
C HIS A 10 -9.15 -4.87 -0.87
N ASN A 11 -8.19 -4.90 0.00
CA ASN A 11 -8.38 -4.33 1.37
C ASN A 11 -7.48 -3.12 1.57
N CYS A 12 -7.74 -2.32 2.57
CA CYS A 12 -6.91 -1.10 2.82
C CYS A 12 -6.14 -1.28 4.12
N VAL A 13 -5.31 -0.33 4.46
CA VAL A 13 -4.52 -0.43 5.72
C VAL A 13 -5.16 0.45 6.79
N TYR A 14 -5.38 -0.09 7.96
CA TYR A 14 -5.99 0.72 9.05
C TYR A 14 -4.96 1.70 9.59
N GLU A 15 -3.73 1.29 9.66
CA GLU A 15 -2.66 2.20 10.17
C GLU A 15 -1.32 1.50 10.01
N CYS A 16 -0.58 1.82 8.97
CA CYS A 16 0.73 1.16 8.77
C CYS A 16 1.69 1.54 9.90
N PHE A 17 1.98 0.61 10.77
CA PHE A 17 2.91 0.91 11.90
C PHE A 17 4.27 1.32 11.33
N ASP A 18 5.10 1.96 12.11
CA ASP A 18 6.43 2.38 11.59
C ASP A 18 7.04 1.23 10.78
N ALA A 19 7.08 1.36 9.49
CA ALA A 19 7.65 0.28 8.65
C ALA A 19 9.11 0.57 8.35
N PHE A 20 9.79 1.24 9.23
CA PHE A 20 11.22 1.55 8.97
C PHE A 20 11.96 0.25 8.66
N SER A 21 11.74 -0.77 9.44
CA SER A 21 12.42 -2.06 9.17
C SER A 21 11.96 -2.62 7.82
N SER A 22 10.66 -2.66 7.61
CA SER A 22 10.10 -3.17 6.31
C SER A 22 8.70 -3.75 6.56
N TYR A 23 8.01 -3.30 7.57
CA TYR A 23 6.65 -3.85 7.84
C TYR A 23 5.75 -3.66 6.61
N CYS A 24 5.60 -2.44 6.18
CA CYS A 24 4.75 -2.20 4.97
C CYS A 24 5.43 -2.81 3.75
N ASN A 25 6.72 -2.64 3.64
CA ASN A 25 7.45 -3.22 2.49
C ASN A 25 7.25 -4.73 2.49
N GLY A 26 7.25 -5.33 3.65
CA GLY A 26 7.06 -6.81 3.73
C GLY A 26 5.67 -7.16 3.21
N VAL A 27 4.69 -6.36 3.52
CA VAL A 27 3.31 -6.66 3.02
C VAL A 27 3.32 -6.71 1.49
N CYS A 28 3.90 -5.73 0.87
CA CYS A 28 3.95 -5.73 -0.62
C CYS A 28 4.91 -6.82 -1.10
N THR A 29 5.92 -7.11 -0.34
CA THR A 29 6.89 -8.16 -0.75
C THR A 29 6.13 -9.44 -1.05
N LYS A 30 5.25 -9.85 -0.18
CA LYS A 30 4.46 -11.09 -0.42
C LYS A 30 3.56 -10.87 -1.63
N ASN A 31 3.02 -9.70 -1.76
CA ASN A 31 2.14 -9.41 -2.93
C ASN A 31 2.93 -9.60 -4.23
N GLY A 32 4.22 -9.41 -4.16
CA GLY A 32 5.06 -9.59 -5.38
C GLY A 32 5.47 -8.21 -5.90
N ALA A 33 5.06 -7.16 -5.24
CA ALA A 33 5.43 -5.80 -5.70
C ALA A 33 6.94 -5.62 -5.55
N LYS A 34 7.55 -4.88 -6.44
CA LYS A 34 9.02 -4.68 -6.36
C LYS A 34 9.39 -4.01 -5.04
N SER A 35 8.76 -2.89 -4.73
CA SER A 35 9.10 -2.19 -3.45
C SER A 35 7.84 -1.58 -2.84
N GLY A 36 7.89 -1.28 -1.57
CA GLY A 36 6.71 -0.67 -0.90
C GLY A 36 7.16 0.43 0.06
N TYR A 37 6.45 1.51 0.12
CA TYR A 37 6.84 2.62 1.03
C TYR A 37 5.64 3.05 1.87
N CYS A 38 5.84 3.28 3.14
CA CYS A 38 4.71 3.72 4.01
C CYS A 38 4.85 5.21 4.32
N GLN A 39 3.80 5.95 4.16
CA GLN A 39 3.86 7.41 4.44
C GLN A 39 2.62 7.82 5.23
N ILE A 40 2.57 9.04 5.69
CA ILE A 40 1.39 9.49 6.47
C ILE A 40 0.41 10.20 5.54
N LEU A 41 -0.86 9.99 5.74
CA LEU A 41 -1.88 10.65 4.88
C LEU A 41 -1.71 12.17 4.98
N GLY A 42 -1.35 12.64 6.14
CA GLY A 42 -1.17 14.11 6.32
C GLY A 42 -1.65 14.50 7.71
N THR A 43 -2.91 14.27 8.00
CA THR A 43 -3.44 14.60 9.34
C THR A 43 -3.54 13.32 10.17
N TYR A 44 -4.47 12.46 9.82
CA TYR A 44 -4.63 11.18 10.57
C TYR A 44 -4.65 10.01 9.59
N GLY A 45 -4.22 8.86 10.02
CA GLY A 45 -4.23 7.67 9.11
C GLY A 45 -2.88 7.54 8.41
N ASN A 46 -2.68 6.50 7.66
CA ASN A 46 -1.39 6.30 6.95
C ASN A 46 -1.65 5.74 5.55
N GLY A 47 -0.65 5.75 4.70
CA GLY A 47 -0.85 5.23 3.32
C GLY A 47 0.39 4.45 2.88
N CYS A 48 0.21 3.46 2.04
CA CYS A 48 1.37 2.66 1.55
C CYS A 48 1.27 2.49 0.03
N TRP A 49 2.29 2.86 -0.69
CA TRP A 49 2.25 2.70 -2.17
C TRP A 49 3.39 1.79 -2.62
N CYS A 50 3.15 0.94 -3.58
CA CYS A 50 4.22 0.03 -4.07
C CYS A 50 4.32 0.14 -5.58
N ILE A 51 5.50 0.03 -6.12
CA ILE A 51 5.68 0.13 -7.59
C ILE A 51 6.15 -1.22 -8.13
N ALA A 52 5.61 -1.65 -9.24
CA ALA A 52 6.03 -2.96 -9.80
C ALA A 52 5.47 -3.13 -11.22
N LEU A 53 4.20 -3.44 -11.33
CA LEU A 53 3.59 -3.62 -12.68
C LEU A 53 2.32 -2.75 -12.80
N PRO A 54 2.49 -1.48 -13.03
CA PRO A 54 1.35 -0.53 -13.16
C PRO A 54 0.44 -0.90 -14.33
N ASP A 55 0.97 -1.62 -15.29
CA ASP A 55 0.14 -2.02 -16.47
C ASP A 55 -1.04 -2.86 -16.00
N ASN A 56 -0.85 -3.68 -15.00
CA ASN A 56 -1.96 -4.54 -14.51
C ASN A 56 -3.03 -3.68 -13.85
N VAL A 57 -4.26 -3.85 -14.24
CA VAL A 57 -5.37 -3.04 -13.64
C VAL A 57 -5.12 -2.85 -12.14
N PRO A 58 -4.61 -1.71 -11.75
CA PRO A 58 -4.32 -1.42 -10.32
C PRO A 58 -5.52 -0.78 -9.61
N ILE A 59 -5.60 -0.92 -8.32
CA ILE A 59 -6.74 -0.32 -7.58
C ILE A 59 -8.03 -0.54 -8.36
N ARG A 60 -8.33 -1.78 -8.69
CA ARG A 60 -9.58 -2.06 -9.46
C ARG A 60 -10.79 -1.55 -8.69
N ILE A 61 -10.75 -1.66 -7.39
CA ILE A 61 -11.90 -1.18 -6.57
C ILE A 61 -12.11 0.32 -6.80
N PRO A 62 -13.34 0.78 -6.72
CA PRO A 62 -13.66 2.23 -6.94
C PRO A 62 -12.94 3.13 -5.93
N GLY A 63 -12.14 2.56 -5.07
CA GLY A 63 -11.41 3.37 -4.07
C GLY A 63 -12.13 3.30 -2.73
N LYS A 64 -13.14 2.49 -2.64
CA LYS A 64 -13.89 2.36 -1.36
C LYS A 64 -13.47 1.06 -0.68
N CYS A 65 -12.99 1.14 0.52
CA CYS A 65 -12.56 -0.09 1.25
C CYS A 65 -13.75 -0.99 1.50
N HIS A 66 -14.94 -0.44 1.52
CA HIS A 66 -16.14 -1.28 1.76
C HIS A 66 -15.96 -2.06 3.07
N ALA A 1 1.17 -5.36 -9.90
CA ALA A 1 0.42 -4.09 -10.15
C ALA A 1 1.00 -2.99 -9.26
N ARG A 2 0.24 -1.94 -9.03
CA ARG A 2 0.74 -0.83 -8.17
C ARG A 2 -0.31 -0.52 -7.08
N ASP A 3 0.14 -0.33 -5.87
CA ASP A 3 -0.81 -0.01 -4.77
C ASP A 3 -0.71 1.48 -4.45
N ALA A 4 -1.74 2.06 -3.90
CA ALA A 4 -1.71 3.51 -3.58
C ALA A 4 -1.67 3.73 -2.07
N TYR A 5 -2.80 3.91 -1.44
CA TYR A 5 -2.80 4.13 0.03
C TYR A 5 -3.09 2.83 0.76
N ILE A 6 -3.50 1.82 0.04
CA ILE A 6 -3.82 0.52 0.68
C ILE A 6 -2.77 -0.52 0.26
N ALA A 7 -2.22 -1.22 1.21
CA ALA A 7 -1.19 -2.24 0.88
C ALA A 7 -1.81 -3.65 0.86
N LYS A 8 -3.01 -3.78 1.36
CA LYS A 8 -3.67 -5.11 1.37
C LYS A 8 -4.73 -5.16 0.28
N PRO A 9 -5.03 -6.33 -0.23
CA PRO A 9 -6.04 -6.51 -1.31
C PRO A 9 -7.46 -6.09 -0.89
N HIS A 10 -7.82 -6.32 0.34
CA HIS A 10 -9.18 -5.94 0.80
C HIS A 10 -9.10 -5.16 2.11
N ASN A 11 -7.92 -4.97 2.63
CA ASN A 11 -7.78 -4.23 3.93
C ASN A 11 -6.80 -3.07 3.75
N CYS A 12 -6.80 -2.14 4.68
CA CYS A 12 -5.86 -0.98 4.57
C CYS A 12 -4.87 -1.01 5.73
N VAL A 13 -3.76 -0.33 5.60
CA VAL A 13 -2.76 -0.34 6.69
C VAL A 13 -3.30 0.44 7.90
N TYR A 14 -3.21 -0.12 9.06
CA TYR A 14 -3.73 0.58 10.28
C TYR A 14 -2.75 1.70 10.66
N GLU A 15 -1.48 1.42 10.64
CA GLU A 15 -0.47 2.46 11.00
C GLU A 15 0.94 1.90 10.78
N CYS A 16 1.55 2.25 9.69
CA CYS A 16 2.93 1.72 9.43
C CYS A 16 3.90 2.36 10.42
N PHE A 17 4.14 1.71 11.53
CA PHE A 17 5.07 2.28 12.55
C PHE A 17 6.48 2.41 11.96
N ASP A 18 6.94 1.41 11.25
CA ASP A 18 8.30 1.49 10.66
C ASP A 18 8.38 0.61 9.41
N ALA A 19 8.06 1.16 8.27
CA ALA A 19 8.13 0.36 7.02
C ALA A 19 9.58 -0.04 6.75
N PHE A 20 10.51 0.76 7.20
CA PHE A 20 11.94 0.43 6.98
C PHE A 20 12.24 -0.98 7.51
N SER A 21 11.68 -1.32 8.63
CA SER A 21 11.94 -2.68 9.19
C SER A 21 11.51 -3.75 8.19
N SER A 22 10.31 -3.63 7.67
CA SER A 22 9.80 -4.62 6.66
C SER A 22 8.27 -4.66 6.71
N TYR A 23 7.65 -3.84 7.50
CA TYR A 23 6.16 -3.87 7.58
C TYR A 23 5.55 -3.66 6.20
N CYS A 24 5.47 -2.45 5.74
CA CYS A 24 4.86 -2.19 4.40
C CYS A 24 5.62 -2.96 3.33
N ASN A 25 6.92 -2.88 3.35
CA ASN A 25 7.73 -3.62 2.34
C ASN A 25 7.41 -5.11 2.46
N GLY A 26 7.20 -5.59 3.65
CA GLY A 26 6.88 -7.02 3.84
C GLY A 26 5.61 -7.36 3.08
N VAL A 27 4.63 -6.50 3.12
CA VAL A 27 3.36 -6.77 2.39
C VAL A 27 3.66 -6.87 0.88
N CYS A 28 4.46 -5.96 0.38
CA CYS A 28 4.80 -6.01 -1.07
C CYS A 28 5.59 -7.28 -1.37
N THR A 29 6.35 -7.75 -0.41
CA THR A 29 7.16 -8.98 -0.63
C THR A 29 6.24 -10.15 -1.01
N LYS A 30 5.15 -10.30 -0.30
CA LYS A 30 4.22 -11.41 -0.62
C LYS A 30 3.66 -11.21 -2.03
N ASN A 31 3.27 -10.01 -2.35
CA ASN A 31 2.73 -9.72 -3.71
C ASN A 31 3.83 -9.94 -4.74
N GLY A 32 5.06 -9.71 -4.36
CA GLY A 32 6.19 -9.88 -5.32
C GLY A 32 6.56 -8.51 -5.90
N ALA A 33 5.93 -7.47 -5.43
CA ALA A 33 6.24 -6.11 -5.95
C ALA A 33 7.68 -5.74 -5.59
N LYS A 34 8.28 -4.87 -6.35
CA LYS A 34 9.68 -4.47 -6.07
C LYS A 34 9.82 -3.95 -4.64
N SER A 35 9.29 -2.78 -4.37
CA SER A 35 9.39 -2.22 -3.01
C SER A 35 8.12 -1.44 -2.65
N GLY A 36 7.97 -1.09 -1.41
CA GLY A 36 6.76 -0.32 -0.99
C GLY A 36 7.17 0.81 -0.03
N TYR A 37 6.39 1.85 0.03
CA TYR A 37 6.73 2.98 0.95
C TYR A 37 5.52 3.34 1.81
N CYS A 38 5.75 3.71 3.03
CA CYS A 38 4.61 4.08 3.93
C CYS A 38 4.84 5.48 4.49
N GLN A 39 3.87 6.35 4.38
CA GLN A 39 4.04 7.72 4.91
C GLN A 39 2.72 8.18 5.55
N ILE A 40 2.35 9.41 5.33
CA ILE A 40 1.09 9.91 5.94
C ILE A 40 -0.08 9.75 4.96
N LEU A 41 -1.27 9.63 5.46
CA LEU A 41 -2.45 9.45 4.57
C LEU A 41 -2.96 10.82 4.14
N GLY A 42 -3.32 10.97 2.90
CA GLY A 42 -3.83 12.29 2.43
C GLY A 42 -4.85 12.84 3.42
N THR A 43 -5.65 11.99 4.00
CA THR A 43 -6.67 12.46 4.98
C THR A 43 -6.15 12.22 6.40
N TYR A 44 -6.59 11.15 7.02
CA TYR A 44 -6.12 10.84 8.40
C TYR A 44 -5.48 9.45 8.42
N GLY A 45 -4.50 9.25 9.25
CA GLY A 45 -3.84 7.92 9.32
C GLY A 45 -2.62 7.89 8.39
N ASN A 46 -2.14 6.72 8.06
CA ASN A 46 -0.95 6.61 7.18
C ASN A 46 -1.35 5.96 5.85
N GLY A 47 -0.49 6.02 4.86
CA GLY A 47 -0.83 5.40 3.55
C GLY A 47 0.37 4.57 3.06
N CYS A 48 0.12 3.59 2.23
CA CYS A 48 1.23 2.75 1.71
C CYS A 48 1.06 2.50 0.22
N TRP A 49 2.01 2.89 -0.58
CA TRP A 49 1.91 2.65 -2.05
C TRP A 49 2.95 1.61 -2.46
N CYS A 50 2.57 0.66 -3.27
CA CYS A 50 3.53 -0.39 -3.70
C CYS A 50 3.84 -0.21 -5.19
N ILE A 51 5.10 -0.12 -5.54
CA ILE A 51 5.46 0.08 -6.97
C ILE A 51 6.23 -1.13 -7.50
N ALA A 52 5.89 -1.59 -8.67
CA ALA A 52 6.59 -2.76 -9.27
C ALA A 52 6.13 -2.93 -10.72
N LEU A 53 4.85 -3.04 -10.93
CA LEU A 53 4.32 -3.20 -12.32
C LEU A 53 3.19 -2.20 -12.55
N PRO A 54 3.53 -0.96 -12.75
CA PRO A 54 2.53 0.13 -12.98
C PRO A 54 1.61 -0.16 -14.17
N ASP A 55 2.02 -1.02 -15.07
CA ASP A 55 1.15 -1.32 -16.24
C ASP A 55 -0.26 -1.62 -15.73
N ASN A 56 -0.35 -2.25 -14.59
CA ASN A 56 -1.68 -2.58 -14.01
C ASN A 56 -1.93 -1.70 -12.79
N VAL A 57 -3.03 -0.99 -12.76
CA VAL A 57 -3.33 -0.13 -11.58
C VAL A 57 -4.82 -0.25 -11.21
N PRO A 58 -5.23 -1.40 -10.77
CA PRO A 58 -6.63 -1.66 -10.37
C PRO A 58 -6.84 -1.49 -8.87
N ILE A 59 -8.02 -1.14 -8.45
CA ILE A 59 -8.28 -0.98 -7.00
C ILE A 59 -9.50 -1.80 -6.63
N ARG A 60 -9.35 -2.72 -5.72
CA ARG A 60 -10.50 -3.58 -5.32
C ARG A 60 -11.68 -2.73 -4.89
N ILE A 61 -11.45 -1.62 -4.24
CA ILE A 61 -12.58 -0.76 -3.78
C ILE A 61 -12.32 0.70 -4.14
N PRO A 62 -13.36 1.48 -4.29
CA PRO A 62 -13.23 2.92 -4.64
C PRO A 62 -12.36 3.68 -3.64
N GLY A 63 -12.18 3.14 -2.46
CA GLY A 63 -11.33 3.82 -1.44
C GLY A 63 -11.92 3.58 -0.05
N LYS A 64 -12.61 2.48 0.13
CA LYS A 64 -13.19 2.18 1.45
C LYS A 64 -12.37 1.09 2.15
N CYS A 65 -12.29 1.12 3.46
CA CYS A 65 -11.50 0.10 4.19
C CYS A 65 -12.44 -0.70 5.10
N HIS A 66 -12.03 -1.88 5.50
CA HIS A 66 -12.90 -2.70 6.38
C HIS A 66 -14.32 -2.72 5.81
N ALA A 1 2.17 -3.12 -11.27
CA ALA A 1 1.48 -1.80 -11.25
C ALA A 1 2.02 -0.96 -10.08
N ARG A 2 1.39 0.15 -9.81
CA ARG A 2 1.85 1.01 -8.68
C ARG A 2 0.67 1.30 -7.74
N ASP A 3 0.87 1.10 -6.46
CA ASP A 3 -0.23 1.36 -5.49
C ASP A 3 0.12 2.61 -4.67
N ALA A 4 -0.87 3.30 -4.18
CA ALA A 4 -0.59 4.53 -3.40
C ALA A 4 -0.68 4.25 -1.90
N TYR A 5 -1.86 4.24 -1.35
CA TYR A 5 -2.01 3.99 0.12
C TYR A 5 -2.40 2.53 0.35
N ILE A 6 -2.63 1.79 -0.70
CA ILE A 6 -3.03 0.37 -0.53
C ILE A 6 -1.87 -0.55 -0.92
N ALA A 7 -1.72 -1.65 -0.23
CA ALA A 7 -0.62 -2.59 -0.54
C ALA A 7 -1.14 -4.02 -0.46
N LYS A 8 -2.33 -4.19 0.05
CA LYS A 8 -2.91 -5.56 0.16
C LYS A 8 -3.98 -5.74 -0.92
N PRO A 9 -4.27 -6.96 -1.29
CA PRO A 9 -5.28 -7.28 -2.33
C PRO A 9 -6.47 -6.30 -2.36
N HIS A 10 -7.63 -6.73 -1.96
CA HIS A 10 -8.80 -5.82 -1.96
C HIS A 10 -8.87 -5.05 -0.64
N ASN A 11 -7.95 -5.33 0.26
CA ASN A 11 -7.96 -4.64 1.57
C ASN A 11 -6.84 -3.59 1.61
N CYS A 12 -6.99 -2.58 2.42
CA CYS A 12 -5.94 -1.52 2.51
C CYS A 12 -5.20 -1.66 3.84
N VAL A 13 -4.03 -1.08 3.95
CA VAL A 13 -3.27 -1.17 5.22
C VAL A 13 -4.03 -0.42 6.32
N TYR A 14 -4.15 -1.01 7.48
CA TYR A 14 -4.88 -0.33 8.58
C TYR A 14 -3.96 0.72 9.22
N GLU A 15 -2.68 0.45 9.28
CA GLU A 15 -1.75 1.43 9.88
C GLU A 15 -0.32 1.02 9.56
N CYS A 16 0.25 1.55 8.52
CA CYS A 16 1.64 1.16 8.19
C CYS A 16 2.54 1.55 9.36
N PHE A 17 3.59 0.80 9.58
CA PHE A 17 4.51 1.10 10.71
C PHE A 17 5.88 1.48 10.17
N ASP A 18 6.74 2.03 10.99
CA ASP A 18 8.08 2.43 10.49
C ASP A 18 8.64 1.33 9.58
N ALA A 19 9.23 1.70 8.49
CA ALA A 19 9.78 0.68 7.55
C ALA A 19 10.99 0.00 8.18
N PHE A 20 11.47 0.50 9.30
CA PHE A 20 12.64 -0.14 9.95
C PHE A 20 12.37 -1.65 10.08
N SER A 21 11.19 -2.01 10.49
CA SER A 21 10.86 -3.46 10.62
C SER A 21 10.37 -3.98 9.28
N SER A 22 10.43 -3.16 8.26
CA SER A 22 9.96 -3.59 6.91
C SER A 22 8.52 -4.07 7.01
N TYR A 23 7.81 -3.68 8.03
CA TYR A 23 6.39 -4.12 8.17
C TYR A 23 5.59 -3.69 6.95
N CYS A 24 5.70 -2.44 6.58
CA CYS A 24 4.93 -1.96 5.38
C CYS A 24 5.46 -2.67 4.14
N ASN A 25 6.75 -2.70 3.98
CA ASN A 25 7.34 -3.38 2.79
C ASN A 25 6.93 -4.84 2.79
N GLY A 26 6.87 -5.45 3.94
CA GLY A 26 6.48 -6.88 4.02
C GLY A 26 5.06 -7.04 3.46
N VAL A 27 4.17 -6.14 3.80
CA VAL A 27 2.78 -6.24 3.29
C VAL A 27 2.80 -6.11 1.76
N CYS A 28 3.55 -5.17 1.26
CA CYS A 28 3.63 -4.99 -0.21
C CYS A 28 4.24 -6.23 -0.85
N THR A 29 5.14 -6.88 -0.15
CA THR A 29 5.79 -8.10 -0.71
C THR A 29 4.74 -9.16 -1.03
N LYS A 30 3.76 -9.32 -0.18
CA LYS A 30 2.71 -10.34 -0.43
C LYS A 30 2.03 -10.02 -1.76
N ASN A 31 1.94 -8.77 -2.11
CA ASN A 31 1.29 -8.40 -3.40
C ASN A 31 1.92 -9.21 -4.53
N GLY A 32 3.20 -9.47 -4.44
CA GLY A 32 3.88 -10.25 -5.50
C GLY A 32 5.39 -9.96 -5.47
N ALA A 33 5.76 -8.73 -5.18
CA ALA A 33 7.19 -8.37 -5.15
C ALA A 33 7.34 -6.86 -5.25
N LYS A 34 6.29 -6.18 -5.58
CA LYS A 34 6.36 -4.71 -5.70
C LYS A 34 7.17 -4.13 -4.55
N SER A 35 7.99 -3.16 -4.83
CA SER A 35 8.78 -2.52 -3.76
C SER A 35 8.54 -1.02 -3.79
N GLY A 36 7.93 -0.48 -2.78
CA GLY A 36 7.68 0.99 -2.75
C GLY A 36 8.06 1.56 -1.37
N TYR A 37 7.29 2.48 -0.87
CA TYR A 37 7.62 3.08 0.45
C TYR A 37 6.34 3.28 1.27
N CYS A 38 6.47 3.63 2.52
CA CYS A 38 5.25 3.86 3.35
C CYS A 38 4.97 5.36 3.44
N GLN A 39 3.79 5.76 3.09
CA GLN A 39 3.41 7.20 3.15
C GLN A 39 2.26 7.39 4.14
N ILE A 40 1.78 8.60 4.28
CA ILE A 40 0.67 8.85 5.24
C ILE A 40 -0.62 9.14 4.49
N LEU A 41 -1.75 8.94 5.12
CA LEU A 41 -3.05 9.20 4.45
C LEU A 41 -3.33 10.70 4.45
N GLY A 42 -3.94 11.20 3.41
CA GLY A 42 -4.26 12.64 3.35
C GLY A 42 -5.04 13.04 4.61
N THR A 43 -5.87 12.17 5.08
CA THR A 43 -6.67 12.48 6.30
C THR A 43 -5.93 11.94 7.54
N TYR A 44 -6.55 11.07 8.28
CA TYR A 44 -5.88 10.50 9.49
C TYR A 44 -5.61 9.01 9.25
N GLY A 45 -4.43 8.56 9.62
CA GLY A 45 -4.08 7.12 9.42
C GLY A 45 -2.78 7.02 8.65
N ASN A 46 -2.46 5.84 8.15
CA ASN A 46 -1.20 5.68 7.38
C ASN A 46 -1.47 4.75 6.20
N GLY A 47 -0.66 4.81 5.17
CA GLY A 47 -0.88 3.93 4.00
C GLY A 47 0.46 3.39 3.49
N CYS A 48 0.43 2.36 2.68
CA CYS A 48 1.69 1.79 2.14
C CYS A 48 1.83 2.13 0.67
N TRP A 49 3.01 2.45 0.23
CA TRP A 49 3.22 2.80 -1.20
C TRP A 49 3.95 1.64 -1.89
N CYS A 50 3.41 1.17 -2.99
CA CYS A 50 4.07 0.04 -3.72
C CYS A 50 4.53 0.53 -5.09
N ILE A 51 5.78 0.31 -5.43
CA ILE A 51 6.28 0.78 -6.76
C ILE A 51 6.92 -0.38 -7.53
N ALA A 52 6.66 -0.46 -8.81
CA ALA A 52 7.24 -1.55 -9.62
C ALA A 52 7.03 -1.26 -11.10
N LEU A 53 5.88 -0.76 -11.45
CA LEU A 53 5.59 -0.45 -12.89
C LEU A 53 5.08 0.99 -13.00
N PRO A 54 5.18 1.57 -14.17
CA PRO A 54 4.71 2.96 -14.42
C PRO A 54 3.36 3.25 -13.75
N ASP A 55 2.31 2.70 -14.29
CA ASP A 55 0.95 2.93 -13.70
C ASP A 55 -0.08 2.09 -14.44
N ASN A 56 0.20 0.83 -14.64
CA ASN A 56 -0.78 -0.04 -15.36
C ASN A 56 -1.56 -0.89 -14.36
N VAL A 57 -2.86 -0.77 -14.36
CA VAL A 57 -3.67 -1.57 -13.41
C VAL A 57 -3.20 -1.32 -11.98
N PRO A 58 -3.39 -0.12 -11.49
CA PRO A 58 -2.98 0.27 -10.12
C PRO A 58 -3.90 -0.34 -9.05
N ILE A 59 -5.14 0.05 -9.04
CA ILE A 59 -6.09 -0.51 -8.04
C ILE A 59 -7.23 -1.23 -8.76
N ARG A 60 -7.31 -2.52 -8.61
CA ARG A 60 -8.40 -3.29 -9.28
C ARG A 60 -9.74 -2.90 -8.65
N ILE A 61 -9.73 -2.65 -7.38
CA ILE A 61 -10.99 -2.27 -6.68
C ILE A 61 -11.37 -0.82 -7.04
N PRO A 62 -12.63 -0.55 -7.32
CA PRO A 62 -13.08 0.82 -7.66
C PRO A 62 -12.51 1.87 -6.70
N GLY A 63 -11.83 1.43 -5.67
CA GLY A 63 -11.25 2.39 -4.69
C GLY A 63 -12.10 2.41 -3.42
N LYS A 64 -13.09 1.55 -3.34
CA LYS A 64 -13.94 1.53 -2.12
C LYS A 64 -13.08 1.26 -0.90
N CYS A 65 -12.08 0.44 -1.04
CA CYS A 65 -11.18 0.14 0.13
C CYS A 65 -12.04 -0.28 1.33
N HIS A 66 -12.52 0.66 2.09
CA HIS A 66 -13.35 0.31 3.26
C HIS A 66 -14.70 -0.24 2.79
N ALA A 1 1.03 -4.19 -11.02
CA ALA A 1 0.00 -3.25 -10.51
C ALA A 1 0.63 -2.26 -9.54
N ARG A 2 0.31 -1.01 -9.66
CA ARG A 2 0.89 0.01 -8.74
C ARG A 2 -0.19 0.51 -7.79
N ASP A 3 0.17 0.83 -6.57
CA ASP A 3 -0.84 1.31 -5.60
C ASP A 3 -0.26 2.51 -4.83
N ALA A 4 -1.10 3.38 -4.34
CA ALA A 4 -0.59 4.57 -3.60
C ALA A 4 -0.66 4.36 -2.09
N TYR A 5 -1.82 4.51 -1.51
CA TYR A 5 -1.93 4.33 -0.03
C TYR A 5 -2.47 2.93 0.29
N ILE A 6 -2.89 2.21 -0.70
CA ILE A 6 -3.44 0.85 -0.44
C ILE A 6 -2.43 -0.22 -0.85
N ALA A 7 -2.35 -1.29 -0.12
CA ALA A 7 -1.39 -2.38 -0.47
C ALA A 7 -2.16 -3.67 -0.76
N LYS A 8 -3.45 -3.56 -0.93
CA LYS A 8 -4.27 -4.78 -1.22
C LYS A 8 -5.06 -4.54 -2.51
N PRO A 9 -5.43 -5.60 -3.20
CA PRO A 9 -6.21 -5.49 -4.47
C PRO A 9 -7.61 -4.90 -4.25
N HIS A 10 -8.26 -5.27 -3.18
CA HIS A 10 -9.63 -4.72 -2.92
C HIS A 10 -9.74 -4.31 -1.46
N ASN A 11 -8.69 -4.49 -0.70
CA ASN A 11 -8.73 -4.11 0.75
C ASN A 11 -7.71 -2.98 1.00
N CYS A 12 -7.76 -2.39 2.17
CA CYS A 12 -6.80 -1.29 2.49
C CYS A 12 -5.86 -1.74 3.62
N VAL A 13 -4.92 -0.91 3.98
CA VAL A 13 -3.98 -1.29 5.07
C VAL A 13 -4.42 -0.63 6.38
N TYR A 14 -4.40 -1.38 7.45
CA TYR A 14 -4.81 -0.80 8.76
C TYR A 14 -3.74 0.18 9.22
N GLU A 15 -3.72 1.36 8.66
CA GLU A 15 -2.70 2.37 9.07
C GLU A 15 -1.31 1.77 8.89
N CYS A 16 -0.65 2.06 7.80
CA CYS A 16 0.71 1.51 7.59
C CYS A 16 1.64 2.09 8.65
N PHE A 17 2.13 1.27 9.53
CA PHE A 17 3.05 1.78 10.59
C PHE A 17 4.39 2.16 9.97
N ASP A 18 4.97 3.25 10.40
CA ASP A 18 6.27 3.69 9.82
C ASP A 18 7.38 2.74 10.25
N ALA A 19 8.18 2.30 9.31
CA ALA A 19 9.30 1.37 9.66
C ALA A 19 10.44 1.57 8.64
N PHE A 20 11.64 1.25 9.02
CA PHE A 20 12.78 1.42 8.07
C PHE A 20 12.49 0.62 6.80
N SER A 21 11.97 -0.57 6.94
CA SER A 21 11.67 -1.40 5.75
C SER A 21 11.32 -2.82 6.18
N SER A 22 10.08 -3.08 6.50
CA SER A 22 9.69 -4.45 6.95
C SER A 22 8.17 -4.56 7.02
N TYR A 23 7.55 -3.83 7.90
CA TYR A 23 6.06 -3.92 8.03
C TYR A 23 5.41 -3.54 6.71
N CYS A 24 5.69 -2.37 6.21
CA CYS A 24 5.08 -1.93 4.92
C CYS A 24 5.69 -2.73 3.77
N ASN A 25 7.00 -2.76 3.68
CA ASN A 25 7.65 -3.51 2.58
C ASN A 25 7.21 -4.98 2.64
N GLY A 26 7.07 -5.51 3.82
CA GLY A 26 6.64 -6.94 3.93
C GLY A 26 5.26 -7.10 3.32
N VAL A 27 4.34 -6.22 3.64
CA VAL A 27 2.98 -6.33 3.07
C VAL A 27 3.03 -6.04 1.56
N CYS A 28 3.77 -5.04 1.17
CA CYS A 28 3.88 -4.71 -0.28
C CYS A 28 4.47 -5.90 -1.03
N THR A 29 5.43 -6.57 -0.43
CA THR A 29 6.05 -7.74 -1.11
C THR A 29 4.97 -8.77 -1.46
N LYS A 30 4.03 -8.97 -0.59
CA LYS A 30 2.95 -9.96 -0.88
C LYS A 30 2.22 -9.53 -2.16
N ASN A 31 2.02 -8.26 -2.34
CA ASN A 31 1.33 -7.78 -3.56
C ASN A 31 2.12 -8.22 -4.79
N GLY A 32 3.41 -8.37 -4.64
CA GLY A 32 4.26 -8.79 -5.80
C GLY A 32 4.98 -7.57 -6.35
N ALA A 33 4.75 -6.43 -5.76
CA ALA A 33 5.42 -5.19 -6.24
C ALA A 33 6.92 -5.27 -5.96
N LYS A 34 7.73 -4.68 -6.79
CA LYS A 34 9.20 -4.74 -6.58
C LYS A 34 9.55 -4.15 -5.20
N SER A 35 9.14 -2.94 -4.95
CA SER A 35 9.44 -2.30 -3.63
C SER A 35 8.27 -1.43 -3.22
N GLY A 36 8.15 -1.13 -1.95
CA GLY A 36 7.03 -0.27 -1.50
C GLY A 36 7.51 0.68 -0.39
N TYR A 37 6.85 1.80 -0.25
CA TYR A 37 7.24 2.79 0.80
C TYR A 37 6.02 3.14 1.65
N CYS A 38 6.23 3.51 2.89
CA CYS A 38 5.07 3.86 3.75
C CYS A 38 4.93 5.39 3.79
N GLN A 39 3.81 5.89 3.35
CA GLN A 39 3.60 7.37 3.34
C GLN A 39 2.44 7.73 4.27
N ILE A 40 2.01 8.96 4.24
CA ILE A 40 0.89 9.37 5.13
C ILE A 40 -0.43 9.24 4.38
N LEU A 41 -1.50 9.01 5.11
CA LEU A 41 -2.83 8.85 4.45
C LEU A 41 -3.50 10.23 4.32
N GLY A 42 -4.04 10.54 3.18
CA GLY A 42 -4.70 11.87 3.01
C GLY A 42 -5.57 12.13 4.24
N THR A 43 -6.08 11.09 4.84
CA THR A 43 -6.92 11.25 6.05
C THR A 43 -6.13 10.72 7.24
N TYR A 44 -6.66 10.79 8.42
CA TYR A 44 -5.91 10.28 9.59
C TYR A 44 -5.40 8.87 9.30
N GLY A 45 -4.41 8.42 10.03
CA GLY A 45 -3.87 7.06 9.79
C GLY A 45 -2.71 7.14 8.79
N ASN A 46 -2.28 6.01 8.26
CA ASN A 46 -1.16 6.02 7.30
C ASN A 46 -1.46 5.04 6.16
N GLY A 47 -0.66 5.03 5.14
CA GLY A 47 -0.91 4.08 4.01
C GLY A 47 0.41 3.50 3.50
N CYS A 48 0.34 2.43 2.75
CA CYS A 48 1.57 1.81 2.21
C CYS A 48 1.72 2.16 0.73
N TRP A 49 2.92 2.21 0.23
CA TRP A 49 3.14 2.58 -1.20
C TRP A 49 3.75 1.38 -1.94
N CYS A 50 3.31 1.11 -3.15
CA CYS A 50 3.89 -0.04 -3.91
C CYS A 50 4.19 0.39 -5.34
N ILE A 51 5.42 0.23 -5.78
CA ILE A 51 5.79 0.61 -7.17
C ILE A 51 6.39 -0.59 -7.90
N ALA A 52 5.95 -0.86 -9.09
CA ALA A 52 6.50 -2.01 -9.86
C ALA A 52 5.88 -2.06 -11.25
N LEU A 53 4.60 -2.33 -11.32
CA LEU A 53 3.92 -2.40 -12.66
C LEU A 53 2.61 -1.61 -12.62
N PRO A 54 2.65 -0.33 -12.93
CA PRO A 54 1.44 0.53 -12.92
C PRO A 54 0.53 0.28 -14.14
N ASP A 55 1.10 -0.20 -15.21
CA ASP A 55 0.28 -0.47 -16.43
C ASP A 55 -0.84 -1.47 -16.07
N ASN A 56 -0.55 -2.40 -15.21
CA ASN A 56 -1.59 -3.40 -14.82
C ASN A 56 -2.63 -2.74 -13.92
N VAL A 57 -3.87 -3.14 -14.04
CA VAL A 57 -4.95 -2.55 -13.19
C VAL A 57 -4.40 -2.20 -11.80
N PRO A 58 -4.05 -0.96 -11.59
CA PRO A 58 -3.49 -0.51 -10.29
C PRO A 58 -4.58 -0.14 -9.27
N ILE A 59 -5.36 0.86 -9.58
CA ILE A 59 -6.45 1.27 -8.65
C ILE A 59 -7.79 1.11 -9.37
N ARG A 60 -8.74 0.50 -8.73
CA ARG A 60 -10.06 0.31 -9.38
C ARG A 60 -11.18 0.57 -8.36
N ILE A 61 -10.87 0.47 -7.10
CA ILE A 61 -11.91 0.70 -6.06
C ILE A 61 -11.81 2.15 -5.56
N PRO A 62 -12.91 2.69 -5.07
CA PRO A 62 -12.95 4.08 -4.56
C PRO A 62 -12.11 4.25 -3.28
N GLY A 63 -11.65 3.17 -2.72
CA GLY A 63 -10.83 3.28 -1.47
C GLY A 63 -11.77 3.29 -0.26
N LYS A 64 -12.96 2.77 -0.43
CA LYS A 64 -13.93 2.73 0.70
C LYS A 64 -13.32 2.01 1.90
N CYS A 65 -12.52 1.01 1.64
CA CYS A 65 -11.87 0.26 2.76
C CYS A 65 -12.96 -0.29 3.69
N HIS A 66 -13.52 0.54 4.52
CA HIS A 66 -14.58 0.07 5.47
C HIS A 66 -15.82 0.95 5.32
N ALA A 1 -1.82 -4.34 -9.49
CA ALA A 1 -0.62 -3.84 -10.21
C ALA A 1 0.14 -2.86 -9.32
N ARG A 2 -0.47 -1.78 -8.95
CA ARG A 2 0.21 -0.78 -8.08
C ARG A 2 -0.71 -0.39 -6.92
N ASP A 3 -0.20 -0.35 -5.72
CA ASP A 3 -1.06 0.03 -4.56
C ASP A 3 -0.89 1.52 -4.28
N ALA A 4 -1.90 2.16 -3.76
CA ALA A 4 -1.81 3.62 -3.47
C ALA A 4 -1.77 3.85 -1.96
N TYR A 5 -2.91 4.06 -1.36
CA TYR A 5 -2.94 4.30 0.11
C TYR A 5 -3.28 3.01 0.83
N ILE A 6 -3.82 2.05 0.12
CA ILE A 6 -4.19 0.76 0.76
C ILE A 6 -3.21 -0.33 0.33
N ALA A 7 -2.79 -1.15 1.25
CA ALA A 7 -1.83 -2.24 0.91
C ALA A 7 -2.50 -3.60 1.06
N LYS A 8 -3.80 -3.63 1.15
CA LYS A 8 -4.52 -4.92 1.29
C LYS A 8 -5.60 -5.02 0.21
N PRO A 9 -5.96 -6.23 -0.18
CA PRO A 9 -6.99 -6.46 -1.24
C PRO A 9 -8.36 -5.91 -0.86
N HIS A 10 -8.66 -5.83 0.41
CA HIS A 10 -10.00 -5.30 0.82
C HIS A 10 -9.86 -4.55 2.14
N ASN A 11 -8.71 -4.61 2.75
CA ASN A 11 -8.51 -3.92 4.05
C ASN A 11 -7.55 -2.74 3.86
N CYS A 12 -7.48 -1.86 4.82
CA CYS A 12 -6.56 -0.69 4.71
C CYS A 12 -5.55 -0.74 5.85
N VAL A 13 -4.46 -0.02 5.72
CA VAL A 13 -3.45 -0.02 6.81
C VAL A 13 -4.03 0.66 8.05
N TYR A 14 -3.91 0.04 9.20
CA TYR A 14 -4.47 0.66 10.44
C TYR A 14 -3.53 1.79 10.90
N GLU A 15 -2.25 1.54 10.84
CA GLU A 15 -1.28 2.59 11.26
C GLU A 15 0.14 2.10 10.98
N CYS A 16 0.73 2.52 9.91
CA CYS A 16 2.11 2.05 9.59
C CYS A 16 3.06 2.55 10.67
N PHE A 17 4.09 1.81 10.95
CA PHE A 17 5.06 2.23 12.01
C PHE A 17 6.46 2.34 11.40
N ASP A 18 7.48 2.32 12.20
CA ASP A 18 8.86 2.43 11.64
C ASP A 18 9.09 1.31 10.63
N ALA A 19 9.79 1.59 9.56
CA ALA A 19 10.03 0.54 8.53
C ALA A 19 11.10 -0.44 9.02
N PHE A 20 11.51 -0.33 10.26
CA PHE A 20 12.55 -1.26 10.77
C PHE A 20 12.12 -2.70 10.50
N SER A 21 10.89 -3.04 10.77
CA SER A 21 10.41 -4.42 10.49
C SER A 21 9.89 -4.50 9.06
N SER A 22 9.89 -3.40 8.36
CA SER A 22 9.38 -3.41 6.95
C SER A 22 7.97 -3.96 6.92
N TYR A 23 7.08 -3.42 7.72
CA TYR A 23 5.68 -3.92 7.73
C TYR A 23 5.05 -3.72 6.35
N CYS A 24 5.09 -2.52 5.84
CA CYS A 24 4.48 -2.26 4.51
C CYS A 24 5.36 -2.91 3.43
N ASN A 25 6.62 -2.64 3.45
CA ASN A 25 7.53 -3.24 2.44
C ASN A 25 7.44 -4.76 2.55
N GLY A 26 7.33 -5.26 3.75
CA GLY A 26 7.23 -6.73 3.93
C GLY A 26 5.97 -7.25 3.21
N VAL A 27 4.90 -6.50 3.29
CA VAL A 27 3.65 -6.94 2.60
C VAL A 27 3.91 -7.01 1.10
N CYS A 28 4.57 -6.03 0.55
CA CYS A 28 4.87 -6.05 -0.91
C CYS A 28 5.78 -7.25 -1.22
N THR A 29 6.64 -7.60 -0.30
CA THR A 29 7.55 -8.74 -0.54
C THR A 29 6.74 -10.01 -0.75
N LYS A 30 5.82 -10.29 0.13
CA LYS A 30 4.99 -11.50 -0.01
C LYS A 30 4.11 -11.38 -1.26
N ASN A 31 3.57 -10.21 -1.49
CA ASN A 31 2.72 -10.01 -2.69
C ASN A 31 3.55 -10.26 -3.95
N GLY A 32 4.82 -10.00 -3.88
CA GLY A 32 5.69 -10.21 -5.07
C GLY A 32 5.99 -8.86 -5.73
N ALA A 33 5.46 -7.80 -5.16
CA ALA A 33 5.71 -6.46 -5.73
C ALA A 33 7.18 -6.09 -5.59
N LYS A 34 7.70 -5.29 -6.47
CA LYS A 34 9.15 -4.91 -6.37
C LYS A 34 9.42 -4.25 -5.02
N SER A 35 9.02 -3.01 -4.86
CA SER A 35 9.25 -2.31 -3.58
C SER A 35 8.07 -1.40 -3.27
N GLY A 36 7.90 -1.05 -2.02
CA GLY A 36 6.77 -0.15 -1.65
C GLY A 36 7.22 0.85 -0.58
N TYR A 37 6.48 1.90 -0.39
CA TYR A 37 6.88 2.93 0.62
C TYR A 37 5.71 3.17 1.59
N CYS A 38 6.01 3.31 2.85
CA CYS A 38 4.93 3.58 3.85
C CYS A 38 5.14 4.96 4.46
N GLN A 39 4.19 5.84 4.31
CA GLN A 39 4.34 7.21 4.87
C GLN A 39 3.03 7.64 5.51
N ILE A 40 2.98 8.79 6.12
CA ILE A 40 1.72 9.23 6.76
C ILE A 40 0.93 10.08 5.78
N LEU A 41 -0.36 9.91 5.75
CA LEU A 41 -1.20 10.71 4.80
C LEU A 41 -1.10 12.18 5.19
N GLY A 42 -1.10 12.47 6.45
CA GLY A 42 -1.01 13.89 6.89
C GLY A 42 -2.42 14.48 6.99
N THR A 43 -3.42 13.66 6.81
CA THR A 43 -4.82 14.17 6.89
C THR A 43 -5.77 13.01 7.20
N TYR A 44 -6.16 12.26 6.20
CA TYR A 44 -7.10 11.13 6.44
C TYR A 44 -6.45 10.11 7.37
N GLY A 45 -5.18 9.89 7.26
CA GLY A 45 -4.50 8.90 8.16
C GLY A 45 -3.14 8.51 7.57
N ASN A 46 -2.96 7.24 7.27
CA ASN A 46 -1.67 6.77 6.71
C ASN A 46 -1.85 6.35 5.25
N GLY A 47 -0.82 6.47 4.45
CA GLY A 47 -0.93 6.08 3.03
C GLY A 47 0.25 5.18 2.65
N CYS A 48 -0.02 3.95 2.28
CA CYS A 48 1.08 3.01 1.90
C CYS A 48 0.95 2.67 0.42
N TRP A 49 1.92 3.04 -0.39
CA TRP A 49 1.83 2.72 -1.85
C TRP A 49 2.86 1.65 -2.21
N CYS A 50 2.45 0.70 -3.02
CA CYS A 50 3.39 -0.38 -3.44
C CYS A 50 3.73 -0.17 -4.92
N ILE A 51 4.98 -0.22 -5.28
CA ILE A 51 5.34 0.00 -6.71
C ILE A 51 5.63 -1.35 -7.38
N ALA A 52 4.92 -1.65 -8.43
CA ALA A 52 5.14 -2.93 -9.16
C ALA A 52 4.19 -3.00 -10.36
N LEU A 53 3.72 -4.17 -10.69
CA LEU A 53 2.79 -4.30 -11.84
C LEU A 53 2.46 -5.79 -12.07
N PRO A 54 3.45 -6.64 -12.04
CA PRO A 54 3.24 -8.11 -12.27
C PRO A 54 2.20 -8.68 -11.31
N ASP A 55 2.12 -8.16 -10.11
CA ASP A 55 1.12 -8.67 -9.14
C ASP A 55 -0.28 -8.45 -9.72
N ASN A 56 -0.50 -7.35 -10.37
CA ASN A 56 -1.84 -7.07 -10.96
C ASN A 56 -2.90 -7.13 -9.86
N VAL A 57 -2.64 -6.49 -8.75
CA VAL A 57 -3.62 -6.49 -7.63
C VAL A 57 -4.04 -5.05 -7.32
N PRO A 58 -5.02 -4.54 -8.02
CA PRO A 58 -5.51 -3.16 -7.82
C PRO A 58 -6.65 -3.11 -6.80
N ILE A 59 -7.28 -1.98 -6.65
CA ILE A 59 -8.40 -1.86 -5.69
C ILE A 59 -9.69 -1.60 -6.45
N ARG A 60 -10.72 -2.34 -6.17
CA ARG A 60 -12.00 -2.13 -6.91
C ARG A 60 -13.00 -1.36 -6.05
N ILE A 61 -12.57 -0.86 -4.91
CA ILE A 61 -13.52 -0.10 -4.05
C ILE A 61 -12.79 1.09 -3.41
N PRO A 62 -13.52 2.15 -3.11
CA PRO A 62 -12.93 3.37 -2.48
C PRO A 62 -12.23 3.06 -1.16
N GLY A 63 -11.36 3.92 -0.72
CA GLY A 63 -10.64 3.69 0.56
C GLY A 63 -11.63 3.73 1.74
N LYS A 64 -12.88 3.39 1.50
CA LYS A 64 -13.87 3.41 2.60
C LYS A 64 -13.38 2.51 3.74
N CYS A 65 -12.74 1.43 3.40
CA CYS A 65 -12.23 0.50 4.46
C CYS A 65 -13.40 0.01 5.32
N HIS A 66 -13.90 0.85 6.18
CA HIS A 66 -15.04 0.43 7.05
C HIS A 66 -15.96 1.63 7.29
N ALA A 1 -0.20 2.64 -12.54
CA ALA A 1 0.27 1.23 -12.55
C ALA A 1 0.92 0.91 -11.20
N ARG A 2 0.77 1.77 -10.23
CA ARG A 2 1.37 1.52 -8.89
C ARG A 2 0.36 1.86 -7.81
N ASP A 3 0.55 1.37 -6.61
CA ASP A 3 -0.41 1.68 -5.51
C ASP A 3 0.11 2.87 -4.71
N ALA A 4 -0.78 3.69 -4.22
CA ALA A 4 -0.34 4.89 -3.44
C ALA A 4 -0.54 4.65 -1.94
N TYR A 5 -1.74 4.84 -1.44
CA TYR A 5 -1.98 4.66 0.03
C TYR A 5 -2.60 3.29 0.29
N ILE A 6 -3.09 2.64 -0.72
CA ILE A 6 -3.73 1.31 -0.52
C ILE A 6 -2.72 0.20 -0.80
N ALA A 7 -2.78 -0.88 -0.07
CA ALA A 7 -1.84 -2.00 -0.29
C ALA A 7 -2.59 -3.32 -0.27
N LYS A 8 -3.87 -3.29 -0.50
CA LYS A 8 -4.67 -4.55 -0.51
C LYS A 8 -5.23 -4.79 -1.91
N PRO A 9 -5.46 -6.04 -2.26
CA PRO A 9 -5.98 -6.41 -3.61
C PRO A 9 -7.37 -5.81 -3.89
N HIS A 10 -8.19 -5.65 -2.88
CA HIS A 10 -9.54 -5.08 -3.11
C HIS A 10 -10.00 -4.31 -1.86
N ASN A 11 -9.10 -4.07 -0.95
CA ASN A 11 -9.49 -3.34 0.30
C ASN A 11 -8.49 -2.21 0.56
N CYS A 12 -8.49 -1.67 1.74
CA CYS A 12 -7.55 -0.56 2.07
C CYS A 12 -6.67 -0.98 3.25
N VAL A 13 -5.80 -0.11 3.70
CA VAL A 13 -4.92 -0.45 4.85
C VAL A 13 -5.50 0.12 6.13
N TYR A 14 -5.59 -0.68 7.17
CA TYR A 14 -6.15 -0.17 8.45
C TYR A 14 -5.22 0.89 9.03
N GLU A 15 -3.94 0.70 8.90
CA GLU A 15 -2.98 1.70 9.44
C GLU A 15 -1.56 1.31 9.03
N CYS A 16 -1.03 1.91 8.01
CA CYS A 16 0.35 1.58 7.59
C CYS A 16 1.33 2.21 8.57
N PHE A 17 2.20 1.42 9.14
CA PHE A 17 3.19 1.98 10.10
C PHE A 17 4.46 2.40 9.38
N ASP A 18 5.05 3.50 9.78
CA ASP A 18 6.28 3.97 9.09
C ASP A 18 7.49 3.18 9.60
N ALA A 19 8.18 2.52 8.70
CA ALA A 19 9.36 1.71 9.12
C ALA A 19 10.45 1.88 8.05
N PHE A 20 11.68 1.62 8.40
CA PHE A 20 12.78 1.77 7.40
C PHE A 20 12.44 0.94 6.15
N SER A 21 11.95 -0.25 6.33
CA SER A 21 11.59 -1.09 5.16
C SER A 21 11.31 -2.52 5.62
N SER A 22 10.15 -2.76 6.17
CA SER A 22 9.83 -4.14 6.64
C SER A 22 8.31 -4.35 6.67
N TYR A 23 7.63 -3.66 7.54
CA TYR A 23 6.15 -3.84 7.63
C TYR A 23 5.49 -3.48 6.30
N CYS A 24 5.69 -2.29 5.83
CA CYS A 24 5.08 -1.89 4.54
C CYS A 24 5.73 -2.68 3.40
N ASN A 25 7.03 -2.72 3.39
CA ASN A 25 7.74 -3.48 2.32
C ASN A 25 7.30 -4.94 2.39
N GLY A 26 7.09 -5.46 3.56
CA GLY A 26 6.65 -6.87 3.70
C GLY A 26 5.31 -7.05 2.99
N VAL A 27 4.42 -6.10 3.14
CA VAL A 27 3.10 -6.23 2.46
C VAL A 27 3.31 -6.26 0.95
N CYS A 28 4.13 -5.39 0.44
CA CYS A 28 4.40 -5.39 -1.03
C CYS A 28 5.14 -6.67 -1.43
N THR A 29 5.95 -7.18 -0.55
CA THR A 29 6.71 -8.42 -0.88
C THR A 29 5.73 -9.53 -1.26
N LYS A 30 4.72 -9.74 -0.47
CA LYS A 30 3.72 -10.79 -0.78
C LYS A 30 2.99 -10.44 -2.08
N ASN A 31 2.66 -9.19 -2.25
CA ASN A 31 1.95 -8.77 -3.50
C ASN A 31 2.83 -9.08 -4.71
N GLY A 32 4.13 -9.04 -4.53
CA GLY A 32 5.04 -9.32 -5.67
C GLY A 32 5.55 -8.00 -6.23
N ALA A 33 5.13 -6.91 -5.66
CA ALA A 33 5.59 -5.57 -6.15
C ALA A 33 7.09 -5.43 -5.92
N LYS A 34 7.77 -4.69 -6.76
CA LYS A 34 9.24 -4.53 -6.58
C LYS A 34 9.54 -3.96 -5.19
N SER A 35 9.03 -2.79 -4.89
CA SER A 35 9.30 -2.19 -3.56
C SER A 35 8.09 -1.41 -3.07
N GLY A 36 8.02 -1.14 -1.80
CA GLY A 36 6.87 -0.37 -1.25
C GLY A 36 7.35 0.55 -0.12
N TYR A 37 6.64 1.62 0.13
CA TYR A 37 7.05 2.54 1.22
C TYR A 37 5.81 3.03 1.98
N CYS A 38 5.96 3.44 3.20
CA CYS A 38 4.79 3.95 3.96
C CYS A 38 4.78 5.47 3.93
N GLN A 39 3.70 6.04 3.48
CA GLN A 39 3.61 7.52 3.40
C GLN A 39 2.50 8.01 4.34
N ILE A 40 2.29 9.29 4.42
CA ILE A 40 1.23 9.80 5.34
C ILE A 40 -0.08 9.96 4.59
N LEU A 41 -1.18 9.67 5.24
CA LEU A 41 -2.50 9.80 4.58
C LEU A 41 -3.06 11.20 4.84
N GLY A 42 -3.72 11.78 3.87
CA GLY A 42 -4.29 13.14 4.07
C GLY A 42 -4.92 13.21 5.45
N THR A 43 -5.46 12.12 5.92
CA THR A 43 -6.09 12.10 7.27
C THR A 43 -5.03 11.80 8.31
N TYR A 44 -5.33 11.99 9.57
CA TYR A 44 -4.31 11.71 10.62
C TYR A 44 -3.80 10.28 10.47
N GLY A 45 -4.44 9.50 9.64
CA GLY A 45 -3.99 8.09 9.45
C GLY A 45 -2.82 8.04 8.45
N ASN A 46 -2.41 6.86 8.08
CA ASN A 46 -1.28 6.72 7.12
C ASN A 46 -1.62 5.63 6.10
N GLY A 47 -0.83 5.49 5.07
CA GLY A 47 -1.12 4.44 4.05
C GLY A 47 0.18 3.77 3.60
N CYS A 48 0.07 2.66 2.91
CA CYS A 48 1.30 1.96 2.43
C CYS A 48 1.50 2.28 0.95
N TRP A 49 2.73 2.25 0.50
CA TRP A 49 3.01 2.56 -0.93
C TRP A 49 3.58 1.31 -1.61
N CYS A 50 3.14 1.02 -2.80
CA CYS A 50 3.66 -0.18 -3.52
C CYS A 50 4.09 0.23 -4.94
N ILE A 51 5.24 -0.20 -5.36
CA ILE A 51 5.71 0.15 -6.73
C ILE A 51 5.84 -1.10 -7.58
N ALA A 52 5.13 -1.15 -8.67
CA ALA A 52 5.18 -2.34 -9.56
C ALA A 52 4.45 -2.02 -10.87
N LEU A 53 4.75 -2.74 -11.92
CA LEU A 53 4.06 -2.47 -13.22
C LEU A 53 3.56 -3.78 -13.82
N PRO A 54 2.50 -4.32 -13.29
CA PRO A 54 1.90 -5.59 -13.79
C PRO A 54 1.40 -5.46 -15.22
N ASP A 55 0.41 -4.65 -15.43
CA ASP A 55 -0.14 -4.47 -16.81
C ASP A 55 -0.80 -3.10 -16.91
N ASN A 56 -1.93 -2.92 -16.27
CA ASN A 56 -2.62 -1.61 -16.33
C ASN A 56 -3.82 -1.63 -15.36
N VAL A 57 -3.73 -2.38 -14.30
CA VAL A 57 -4.86 -2.44 -13.34
C VAL A 57 -4.35 -2.13 -11.92
N PRO A 58 -4.12 -0.88 -11.62
CA PRO A 58 -3.62 -0.46 -10.28
C PRO A 58 -4.76 -0.38 -9.25
N ILE A 59 -5.68 0.52 -9.44
CA ILE A 59 -6.82 0.66 -8.49
C ILE A 59 -8.11 0.26 -9.20
N ARG A 60 -8.89 -0.60 -8.60
CA ARG A 60 -10.16 -1.02 -9.25
C ARG A 60 -11.35 -0.37 -8.54
N ILE A 61 -11.09 0.45 -7.56
CA ILE A 61 -12.21 1.12 -6.83
C ILE A 61 -11.94 2.62 -6.72
N PRO A 62 -12.97 3.41 -6.60
CA PRO A 62 -12.84 4.90 -6.48
C PRO A 62 -12.29 5.32 -5.11
N GLY A 63 -11.58 4.45 -4.45
CA GLY A 63 -11.02 4.80 -3.11
C GLY A 63 -11.98 4.29 -2.03
N LYS A 64 -12.95 3.50 -2.41
CA LYS A 64 -13.91 2.97 -1.40
C LYS A 64 -13.22 1.89 -0.57
N CYS A 65 -13.42 1.91 0.72
CA CYS A 65 -12.79 0.90 1.60
C CYS A 65 -13.87 0.06 2.27
N HIS A 66 -13.53 -1.11 2.74
CA HIS A 66 -14.54 -1.97 3.40
C HIS A 66 -15.83 -1.94 2.60
N ALA A 1 -0.11 -2.97 -10.88
CA ALA A 1 -0.28 -1.50 -11.00
C ALA A 1 0.55 -0.80 -9.92
N ARG A 2 0.11 0.34 -9.46
CA ARG A 2 0.87 1.08 -8.41
C ARG A 2 -0.07 1.43 -7.25
N ASP A 3 0.36 1.19 -6.04
CA ASP A 3 -0.50 1.52 -4.87
C ASP A 3 -0.11 2.89 -4.34
N ALA A 4 -1.06 3.68 -3.94
CA ALA A 4 -0.74 5.03 -3.41
C ALA A 4 -0.77 5.01 -1.88
N TYR A 5 -1.93 5.07 -1.30
CA TYR A 5 -2.02 5.07 0.18
C TYR A 5 -2.55 3.71 0.67
N ILE A 6 -2.53 2.72 -0.18
CA ILE A 6 -3.03 1.38 0.21
C ILE A 6 -1.91 0.35 0.11
N ALA A 7 -2.00 -0.72 0.84
CA ALA A 7 -0.94 -1.76 0.78
C ALA A 7 -1.38 -2.89 -0.15
N LYS A 8 -2.66 -2.98 -0.42
CA LYS A 8 -3.16 -4.05 -1.31
C LYS A 8 -4.20 -3.45 -2.27
N PRO A 9 -4.38 -4.06 -3.42
CA PRO A 9 -5.36 -3.58 -4.43
C PRO A 9 -6.81 -3.75 -3.98
N HIS A 10 -7.09 -4.73 -3.17
CA HIS A 10 -8.49 -4.93 -2.71
C HIS A 10 -8.72 -4.25 -1.36
N ASN A 11 -7.68 -4.02 -0.61
CA ASN A 11 -7.87 -3.35 0.71
C ASN A 11 -6.72 -2.37 0.96
N CYS A 12 -6.75 -1.72 2.09
CA CYS A 12 -5.67 -0.74 2.42
C CYS A 12 -5.31 -0.86 3.90
N VAL A 13 -4.40 -0.04 4.37
CA VAL A 13 -4.00 -0.11 5.81
C VAL A 13 -4.58 1.09 6.55
N TYR A 14 -5.19 0.86 7.67
CA TYR A 14 -5.78 1.98 8.45
C TYR A 14 -4.65 2.77 9.13
N GLU A 15 -3.61 2.08 9.53
CA GLU A 15 -2.46 2.77 10.19
C GLU A 15 -1.19 1.99 9.90
N CYS A 16 -0.52 2.28 8.83
CA CYS A 16 0.73 1.54 8.51
C CYS A 16 1.73 1.71 9.66
N PHE A 17 1.97 0.67 10.41
CA PHE A 17 2.93 0.76 11.54
C PHE A 17 4.32 1.08 10.98
N ASP A 18 5.23 1.49 11.82
CA ASP A 18 6.60 1.82 11.31
C ASP A 18 7.05 0.74 10.32
N ALA A 19 7.05 1.07 9.05
CA ALA A 19 7.46 0.08 8.02
C ALA A 19 8.98 -0.12 8.08
N PHE A 20 9.66 0.64 8.89
CA PHE A 20 11.14 0.48 8.97
C PHE A 20 11.48 -0.99 9.18
N SER A 21 10.77 -1.66 10.05
CA SER A 21 11.06 -3.10 10.29
C SER A 21 10.82 -3.89 8.99
N SER A 22 9.66 -3.70 8.38
CA SER A 22 9.34 -4.41 7.11
C SER A 22 7.82 -4.60 7.00
N TYR A 23 7.06 -3.94 7.83
CA TYR A 23 5.58 -4.11 7.77
C TYR A 23 5.06 -3.77 6.37
N CYS A 24 5.06 -2.51 6.02
CA CYS A 24 4.55 -2.12 4.66
C CYS A 24 5.40 -2.80 3.59
N ASN A 25 6.69 -2.67 3.69
CA ASN A 25 7.58 -3.31 2.69
C ASN A 25 7.30 -4.82 2.68
N GLY A 26 7.02 -5.37 3.84
CA GLY A 26 6.73 -6.83 3.91
C GLY A 26 5.53 -7.14 3.03
N VAL A 27 4.53 -6.30 3.04
CA VAL A 27 3.33 -6.56 2.18
C VAL A 27 3.76 -6.58 0.72
N CYS A 28 4.52 -5.60 0.31
CA CYS A 28 4.98 -5.57 -1.11
C CYS A 28 6.02 -6.69 -1.33
N THR A 29 6.65 -7.13 -0.27
CA THR A 29 7.68 -8.21 -0.40
C THR A 29 7.05 -9.52 -0.90
N LYS A 30 5.81 -9.77 -0.58
CA LYS A 30 5.17 -11.04 -1.03
C LYS A 30 5.33 -11.20 -2.54
N ASN A 31 5.28 -10.14 -3.27
CA ASN A 31 5.44 -10.24 -4.75
C ASN A 31 6.77 -10.93 -5.07
N GLY A 32 7.77 -10.71 -4.27
CA GLY A 32 9.09 -11.34 -4.53
C GLY A 32 10.00 -10.31 -5.19
N ALA A 33 9.53 -9.11 -5.38
CA ALA A 33 10.36 -8.06 -6.02
C ALA A 33 9.64 -6.71 -5.93
N LYS A 34 8.33 -6.75 -5.86
CA LYS A 34 7.56 -5.48 -5.76
C LYS A 34 8.09 -4.68 -4.58
N SER A 35 8.37 -3.42 -4.77
CA SER A 35 8.91 -2.59 -3.67
C SER A 35 7.88 -1.52 -3.28
N GLY A 36 7.72 -1.28 -2.00
CA GLY A 36 6.74 -0.25 -1.57
C GLY A 36 7.27 0.52 -0.36
N TYR A 37 6.75 1.70 -0.15
CA TYR A 37 7.20 2.52 1.01
C TYR A 37 5.97 2.99 1.78
N CYS A 38 6.11 3.28 3.04
CA CYS A 38 4.94 3.75 3.82
C CYS A 38 4.97 5.27 3.91
N GLN A 39 3.93 5.93 3.47
CA GLN A 39 3.90 7.41 3.50
C GLN A 39 2.80 7.89 4.43
N ILE A 40 2.67 9.17 4.60
CA ILE A 40 1.62 9.72 5.50
C ILE A 40 0.36 10.04 4.70
N LEU A 41 -0.76 9.62 5.19
CA LEU A 41 -2.05 9.91 4.50
C LEU A 41 -2.29 11.42 4.49
N GLY A 42 -1.76 12.11 5.46
CA GLY A 42 -1.97 13.58 5.54
C GLY A 42 -2.94 13.83 6.69
N THR A 43 -3.48 12.77 7.23
CA THR A 43 -4.43 12.90 8.36
C THR A 43 -3.95 12.00 9.49
N TYR A 44 -4.56 12.06 10.64
CA TYR A 44 -4.12 11.20 11.77
C TYR A 44 -3.93 9.76 11.26
N GLY A 45 -4.41 9.47 10.08
CA GLY A 45 -4.27 8.09 9.54
C GLY A 45 -2.94 7.94 8.80
N ASN A 46 -2.70 6.80 8.21
CA ASN A 46 -1.43 6.57 7.47
C ASN A 46 -1.74 5.77 6.19
N GLY A 47 -0.83 5.73 5.25
CA GLY A 47 -1.11 4.97 4.00
C GLY A 47 0.14 4.21 3.54
N CYS A 48 -0.04 3.18 2.75
CA CYS A 48 1.12 2.41 2.25
C CYS A 48 1.33 2.70 0.76
N TRP A 49 2.54 2.56 0.28
CA TRP A 49 2.80 2.84 -1.17
C TRP A 49 3.47 1.62 -1.79
N CYS A 50 2.97 1.14 -2.91
CA CYS A 50 3.61 -0.04 -3.56
C CYS A 50 3.78 0.22 -5.06
N ILE A 51 4.96 -0.03 -5.58
CA ILE A 51 5.22 0.21 -7.02
C ILE A 51 5.69 -1.06 -7.71
N ALA A 52 5.23 -1.31 -8.91
CA ALA A 52 5.65 -2.53 -9.65
C ALA A 52 5.41 -2.32 -11.16
N LEU A 53 4.44 -1.53 -11.51
CA LEU A 53 4.15 -1.31 -12.96
C LEU A 53 4.08 0.20 -13.24
N PRO A 54 4.11 0.59 -14.50
CA PRO A 54 4.05 2.04 -14.90
C PRO A 54 2.89 2.78 -14.22
N ASP A 55 2.12 2.10 -13.41
CA ASP A 55 0.97 2.74 -12.70
C ASP A 55 -0.29 2.64 -13.56
N ASN A 56 -0.60 1.47 -14.05
CA ASN A 56 -1.81 1.29 -14.88
C ASN A 56 -2.90 0.62 -14.04
N VAL A 57 -4.09 1.14 -14.07
CA VAL A 57 -5.19 0.53 -13.25
C VAL A 57 -4.72 0.39 -11.80
N PRO A 58 -4.53 1.50 -11.13
CA PRO A 58 -4.06 1.51 -9.71
C PRO A 58 -5.17 1.12 -8.73
N ILE A 59 -6.19 1.92 -8.63
CA ILE A 59 -7.30 1.60 -7.69
C ILE A 59 -8.59 1.37 -8.48
N ARG A 60 -9.21 0.23 -8.30
CA ARG A 60 -10.47 -0.07 -9.03
C ARG A 60 -11.59 -0.31 -8.01
N ILE A 61 -11.26 -0.25 -6.75
CA ILE A 61 -12.27 -0.49 -5.69
C ILE A 61 -13.27 0.68 -5.68
N PRO A 62 -14.52 0.42 -5.32
CA PRO A 62 -15.57 1.47 -5.27
C PRO A 62 -15.20 2.63 -4.34
N GLY A 63 -14.00 2.61 -3.81
CA GLY A 63 -13.59 3.69 -2.89
C GLY A 63 -13.71 3.22 -1.44
N LYS A 64 -13.98 1.96 -1.23
CA LYS A 64 -14.12 1.44 0.16
C LYS A 64 -12.83 1.73 0.92
N CYS A 65 -11.71 1.63 0.27
CA CYS A 65 -10.41 1.90 0.95
C CYS A 65 -9.84 3.22 0.45
N HIS A 66 -8.96 3.83 1.21
CA HIS A 66 -8.36 5.13 0.77
C HIS A 66 -7.15 5.44 1.63
N ALA A 1 -0.13 2.36 -12.58
CA ALA A 1 1.07 1.48 -12.61
C ALA A 1 1.53 1.20 -11.18
N ARG A 2 1.31 2.12 -10.28
CA ARG A 2 1.74 1.91 -8.87
C ARG A 2 0.64 2.40 -7.92
N ASP A 3 0.63 1.93 -6.70
CA ASP A 3 -0.41 2.37 -5.74
C ASP A 3 0.18 3.42 -4.81
N ALA A 4 -0.62 4.33 -4.33
CA ALA A 4 -0.10 5.39 -3.43
C ALA A 4 -0.38 5.05 -1.97
N TYR A 5 -1.63 5.02 -1.58
CA TYR A 5 -1.97 4.71 -0.16
C TYR A 5 -2.40 3.25 -0.03
N ILE A 6 -2.43 2.54 -1.12
CA ILE A 6 -2.87 1.12 -1.07
C ILE A 6 -1.68 0.19 -1.35
N ALA A 7 -1.52 -0.82 -0.56
CA ALA A 7 -0.39 -1.78 -0.77
C ALA A 7 -0.93 -3.08 -1.35
N LYS A 8 -2.22 -3.24 -1.39
CA LYS A 8 -2.82 -4.49 -1.94
C LYS A 8 -3.62 -4.15 -3.20
N PRO A 9 -3.99 -5.16 -3.96
CA PRO A 9 -4.77 -4.96 -5.21
C PRO A 9 -6.26 -4.68 -4.94
N HIS A 10 -6.93 -5.58 -4.29
CA HIS A 10 -8.37 -5.38 -4.01
C HIS A 10 -8.55 -4.97 -2.54
N ASN A 11 -7.49 -4.97 -1.78
CA ASN A 11 -7.59 -4.59 -0.34
C ASN A 11 -6.67 -3.40 -0.06
N CYS A 12 -6.90 -2.71 1.04
CA CYS A 12 -6.05 -1.52 1.38
C CYS A 12 -5.45 -1.72 2.77
N VAL A 13 -4.67 -0.78 3.22
CA VAL A 13 -4.05 -0.92 4.58
C VAL A 13 -4.87 -0.10 5.58
N TYR A 14 -5.16 -0.68 6.72
CA TYR A 14 -5.97 0.05 7.74
C TYR A 14 -5.13 1.19 8.35
N GLU A 15 -3.88 0.93 8.62
CA GLU A 15 -3.02 1.99 9.22
C GLU A 15 -1.58 1.47 9.31
N CYS A 16 -0.74 1.84 8.39
CA CYS A 16 0.67 1.36 8.45
C CYS A 16 1.37 2.04 9.63
N PHE A 17 2.24 1.34 10.30
CA PHE A 17 2.96 1.94 11.46
C PHE A 17 4.46 1.91 11.18
N ASP A 18 5.26 2.41 12.09
CA ASP A 18 6.73 2.42 11.87
C ASP A 18 7.16 1.06 11.32
N ALA A 19 7.87 1.04 10.23
CA ALA A 19 8.32 -0.25 9.65
C ALA A 19 9.29 -0.95 10.61
N PHE A 20 10.11 -0.20 11.29
CA PHE A 20 11.08 -0.82 12.24
C PHE A 20 11.80 -1.97 11.53
N SER A 21 11.60 -2.11 10.25
CA SER A 21 12.26 -3.19 9.49
C SER A 21 11.71 -3.22 8.07
N SER A 22 10.41 -3.30 7.93
CA SER A 22 9.79 -3.33 6.58
C SER A 22 8.37 -3.89 6.69
N TYR A 23 7.61 -3.45 7.67
CA TYR A 23 6.22 -3.97 7.81
C TYR A 23 5.41 -3.67 6.56
N CYS A 24 5.41 -2.44 6.13
CA CYS A 24 4.65 -2.09 4.90
C CYS A 24 5.36 -2.68 3.68
N ASN A 25 6.63 -2.45 3.57
CA ASN A 25 7.38 -3.00 2.42
C ASN A 25 7.27 -4.52 2.40
N GLY A 26 7.31 -5.13 3.56
CA GLY A 26 7.20 -6.62 3.63
C GLY A 26 5.86 -7.06 3.05
N VAL A 27 4.80 -6.38 3.41
CA VAL A 27 3.45 -6.77 2.90
C VAL A 27 3.44 -6.66 1.38
N CYS A 28 4.00 -5.61 0.85
CA CYS A 28 4.03 -5.43 -0.62
C CYS A 28 4.89 -6.54 -1.24
N THR A 29 5.93 -6.92 -0.57
CA THR A 29 6.83 -7.99 -1.10
C THR A 29 6.07 -9.30 -1.28
N LYS A 30 5.20 -9.63 -0.38
CA LYS A 30 4.44 -10.92 -0.49
C LYS A 30 3.68 -10.94 -1.82
N ASN A 31 3.30 -9.81 -2.33
CA ASN A 31 2.56 -9.79 -3.62
C ASN A 31 3.38 -10.55 -4.68
N GLY A 32 4.68 -10.44 -4.62
CA GLY A 32 5.52 -11.16 -5.62
C GLY A 32 6.95 -10.63 -5.58
N ALA A 33 7.11 -9.34 -5.49
CA ALA A 33 8.50 -8.77 -5.46
C ALA A 33 8.42 -7.25 -5.48
N LYS A 34 7.34 -6.72 -5.95
CA LYS A 34 7.20 -5.23 -6.01
C LYS A 34 7.72 -4.63 -4.70
N SER A 35 8.32 -3.48 -4.77
CA SER A 35 8.84 -2.82 -3.54
C SER A 35 7.88 -1.69 -3.15
N GLY A 36 7.74 -1.42 -1.89
CA GLY A 36 6.79 -0.34 -1.48
C GLY A 36 7.33 0.43 -0.28
N TYR A 37 6.84 1.63 -0.09
CA TYR A 37 7.27 2.45 1.07
C TYR A 37 6.03 2.92 1.83
N CYS A 38 6.14 3.20 3.11
CA CYS A 38 4.95 3.65 3.86
C CYS A 38 4.96 5.17 3.98
N GLN A 39 3.96 5.81 3.43
CA GLN A 39 3.89 7.29 3.49
C GLN A 39 2.72 7.71 4.39
N ILE A 40 2.60 8.97 4.69
CA ILE A 40 1.48 9.40 5.57
C ILE A 40 0.28 9.84 4.72
N LEU A 41 -0.88 9.39 5.09
CA LEU A 41 -2.11 9.75 4.33
C LEU A 41 -2.32 11.26 4.41
N GLY A 42 -1.85 11.88 5.45
CA GLY A 42 -2.04 13.34 5.63
C GLY A 42 -3.11 13.56 6.69
N THR A 43 -3.72 12.49 7.11
CA THR A 43 -4.77 12.58 8.16
C THR A 43 -4.41 11.61 9.28
N TYR A 44 -5.13 11.64 10.37
CA TYR A 44 -4.81 10.71 11.49
C TYR A 44 -4.55 9.31 10.93
N GLY A 45 -4.95 9.07 9.71
CA GLY A 45 -4.72 7.72 9.11
C GLY A 45 -3.36 7.67 8.41
N ASN A 46 -3.04 6.55 7.80
CA ASN A 46 -1.74 6.42 7.09
C ASN A 46 -1.97 5.64 5.79
N GLY A 47 -1.00 5.62 4.91
CA GLY A 47 -1.19 4.86 3.64
C GLY A 47 0.10 4.14 3.25
N CYS A 48 -0.01 3.03 2.58
CA CYS A 48 1.20 2.28 2.15
C CYS A 48 1.49 2.59 0.68
N TRP A 49 2.74 2.65 0.31
CA TRP A 49 3.10 2.96 -1.10
C TRP A 49 3.70 1.72 -1.76
N CYS A 50 3.19 1.32 -2.90
CA CYS A 50 3.75 0.11 -3.60
C CYS A 50 4.17 0.49 -5.02
N ILE A 51 5.34 0.06 -5.43
CA ILE A 51 5.82 0.38 -6.80
C ILE A 51 6.07 -0.91 -7.58
N ALA A 52 5.75 -0.90 -8.85
CA ALA A 52 5.94 -2.10 -9.73
C ALA A 52 4.68 -2.96 -9.70
N LEU A 53 3.61 -2.44 -10.22
CA LEU A 53 2.32 -3.20 -10.25
C LEU A 53 1.77 -3.19 -11.68
N PRO A 54 2.26 -4.06 -12.51
CA PRO A 54 1.81 -4.15 -13.93
C PRO A 54 0.30 -4.36 -14.03
N ASP A 55 -0.31 -4.85 -12.98
CA ASP A 55 -1.78 -5.08 -13.02
C ASP A 55 -2.50 -3.78 -13.36
N ASN A 56 -1.97 -2.67 -12.92
CA ASN A 56 -2.63 -1.36 -13.21
C ASN A 56 -4.02 -1.34 -12.57
N VAL A 57 -4.11 -1.75 -11.34
CA VAL A 57 -5.43 -1.75 -10.65
C VAL A 57 -5.32 -0.95 -9.34
N PRO A 58 -5.33 0.35 -9.44
CA PRO A 58 -5.21 1.25 -8.26
C PRO A 58 -6.55 1.40 -7.51
N ILE A 59 -7.51 2.03 -8.13
CA ILE A 59 -8.83 2.21 -7.48
C ILE A 59 -9.91 1.53 -8.34
N ARG A 60 -10.72 0.71 -7.75
CA ARG A 60 -11.77 0.02 -8.53
C ARG A 60 -12.94 -0.33 -7.60
N ILE A 61 -12.63 -0.63 -6.37
CA ILE A 61 -13.70 -0.99 -5.40
C ILE A 61 -14.44 0.28 -4.96
N PRO A 62 -15.66 0.14 -4.51
CA PRO A 62 -16.50 1.29 -4.05
C PRO A 62 -15.78 2.13 -2.97
N GLY A 63 -14.65 1.69 -2.52
CA GLY A 63 -13.91 2.45 -1.48
C GLY A 63 -14.20 1.86 -0.10
N LYS A 64 -14.80 0.70 -0.06
CA LYS A 64 -15.10 0.08 1.26
C LYS A 64 -13.81 -0.07 2.07
N CYS A 65 -12.71 -0.32 1.42
CA CYS A 65 -11.42 -0.46 2.15
C CYS A 65 -11.01 0.89 2.73
N HIS A 66 -10.29 0.89 3.81
CA HIS A 66 -9.86 2.18 4.42
C HIS A 66 -8.38 2.43 4.09
N ALA A 1 -0.04 -2.82 -12.32
CA ALA A 1 -0.07 -1.36 -12.03
C ALA A 1 0.66 -1.08 -10.71
N ARG A 2 0.29 -0.02 -10.03
CA ARG A 2 0.96 0.30 -8.74
C ARG A 2 -0.09 0.70 -7.70
N ASP A 3 0.23 0.59 -6.45
CA ASP A 3 -0.76 0.97 -5.39
C ASP A 3 -0.36 2.32 -4.78
N ALA A 4 -1.32 3.07 -4.31
CA ALA A 4 -1.00 4.40 -3.72
C ALA A 4 -0.96 4.31 -2.19
N TYR A 5 -2.11 4.26 -1.56
CA TYR A 5 -2.14 4.19 -0.07
C TYR A 5 -2.57 2.78 0.38
N ILE A 6 -2.77 1.90 -0.55
CA ILE A 6 -3.21 0.53 -0.19
C ILE A 6 -2.09 -0.49 -0.46
N ALA A 7 -1.90 -1.41 0.44
CA ALA A 7 -0.83 -2.44 0.24
C ALA A 7 -1.47 -3.80 -0.02
N LYS A 8 -2.75 -3.82 -0.29
CA LYS A 8 -3.45 -5.11 -0.53
C LYS A 8 -4.24 -5.02 -1.84
N PRO A 9 -4.48 -6.14 -2.48
CA PRO A 9 -5.23 -6.18 -3.76
C PRO A 9 -6.67 -5.70 -3.62
N HIS A 10 -7.31 -6.00 -2.52
CA HIS A 10 -8.71 -5.56 -2.33
C HIS A 10 -8.91 -5.05 -0.90
N ASN A 11 -7.89 -5.13 -0.10
CA ASN A 11 -8.00 -4.66 1.32
C ASN A 11 -7.08 -3.45 1.52
N CYS A 12 -7.23 -2.75 2.63
CA CYS A 12 -6.37 -1.57 2.89
C CYS A 12 -5.54 -1.79 4.15
N VAL A 13 -4.70 -0.85 4.49
CA VAL A 13 -3.87 -1.00 5.72
C VAL A 13 -4.54 -0.27 6.87
N TYR A 14 -4.60 -0.87 8.02
CA TYR A 14 -5.25 -0.21 9.19
C TYR A 14 -4.43 1.02 9.60
N GLU A 15 -3.14 0.87 9.70
CA GLU A 15 -2.27 2.01 10.10
C GLU A 15 -0.82 1.59 10.04
N CYS A 16 -0.13 1.91 8.97
CA CYS A 16 1.29 1.51 8.86
C CYS A 16 2.09 2.29 9.92
N PHE A 17 3.08 1.68 10.50
CA PHE A 17 3.88 2.37 11.54
C PHE A 17 5.34 2.43 11.10
N ASP A 18 6.26 2.51 12.02
CA ASP A 18 7.70 2.59 11.62
C ASP A 18 8.06 1.37 10.77
N ALA A 19 8.88 1.56 9.76
CA ALA A 19 9.26 0.42 8.88
C ALA A 19 10.33 -0.44 9.58
N PHE A 20 10.58 -0.20 10.84
CA PHE A 20 11.60 -1.01 11.54
C PHE A 20 11.30 -2.49 11.30
N SER A 21 10.05 -2.86 11.39
CA SER A 21 9.68 -4.28 11.15
C SER A 21 9.37 -4.47 9.66
N SER A 22 9.57 -3.45 8.87
CA SER A 22 9.28 -3.56 7.42
C SER A 22 7.86 -4.10 7.22
N TYR A 23 6.96 -3.74 8.10
CA TYR A 23 5.56 -4.22 7.98
C TYR A 23 4.96 -3.77 6.65
N CYS A 24 5.12 -2.52 6.31
CA CYS A 24 4.56 -2.01 5.03
C CYS A 24 5.28 -2.70 3.86
N ASN A 25 6.57 -2.56 3.80
CA ASN A 25 7.33 -3.19 2.69
C ASN A 25 7.13 -4.71 2.73
N GLY A 26 7.04 -5.27 3.91
CA GLY A 26 6.85 -6.74 4.02
C GLY A 26 5.57 -7.14 3.28
N VAL A 27 4.51 -6.41 3.46
CA VAL A 27 3.24 -6.76 2.76
C VAL A 27 3.45 -6.61 1.25
N CYS A 28 4.08 -5.56 0.83
CA CYS A 28 4.32 -5.35 -0.63
C CYS A 28 5.35 -6.37 -1.11
N THR A 29 6.26 -6.76 -0.26
CA THR A 29 7.32 -7.74 -0.65
C THR A 29 6.68 -9.08 -1.06
N LYS A 30 5.57 -9.44 -0.47
CA LYS A 30 4.93 -10.74 -0.82
C LYS A 30 4.82 -10.87 -2.35
N ASN A 31 4.73 -9.77 -3.05
CA ASN A 31 4.63 -9.85 -4.53
C ASN A 31 5.79 -10.68 -5.08
N GLY A 32 6.92 -10.64 -4.40
CA GLY A 32 8.10 -11.42 -4.88
C GLY A 32 9.10 -10.48 -5.54
N ALA A 33 8.83 -9.20 -5.53
CA ALA A 33 9.78 -8.24 -6.15
C ALA A 33 9.20 -6.82 -6.08
N LYS A 34 7.90 -6.72 -6.02
CA LYS A 34 7.28 -5.36 -5.95
C LYS A 34 7.88 -4.62 -4.76
N SER A 35 8.25 -3.39 -4.94
CA SER A 35 8.85 -2.62 -3.81
C SER A 35 7.89 -1.50 -3.40
N GLY A 36 7.74 -1.24 -2.14
CA GLY A 36 6.81 -0.17 -1.71
C GLY A 36 7.36 0.57 -0.50
N TYR A 37 6.80 1.73 -0.22
CA TYR A 37 7.26 2.52 0.95
C TYR A 37 6.03 2.96 1.75
N CYS A 38 6.19 3.34 2.99
CA CYS A 38 5.03 3.77 3.79
C CYS A 38 4.98 5.30 3.82
N GLN A 39 3.90 5.86 3.35
CA GLN A 39 3.76 7.35 3.33
C GLN A 39 2.62 7.77 4.24
N ILE A 40 2.42 9.05 4.43
CA ILE A 40 1.33 9.50 5.32
C ILE A 40 0.11 9.91 4.49
N LEU A 41 -1.06 9.86 5.07
CA LEU A 41 -2.29 10.23 4.33
C LEU A 41 -2.40 11.75 4.25
N GLY A 42 -2.98 12.26 3.20
CA GLY A 42 -3.11 13.74 3.07
C GLY A 42 -3.75 14.30 4.33
N THR A 43 -4.67 13.57 4.91
CA THR A 43 -5.33 14.04 6.16
C THR A 43 -4.61 13.41 7.36
N TYR A 44 -5.34 12.74 8.21
CA TYR A 44 -4.70 12.09 9.39
C TYR A 44 -4.72 10.57 9.19
N GLY A 45 -3.59 9.93 9.29
CA GLY A 45 -3.56 8.45 9.11
C GLY A 45 -2.28 8.06 8.35
N ASN A 46 -2.16 6.82 8.00
CA ASN A 46 -0.95 6.36 7.25
C ASN A 46 -1.36 5.35 6.19
N GLY A 47 -0.63 5.29 5.10
CA GLY A 47 -0.98 4.31 4.03
C GLY A 47 0.30 3.70 3.45
N CYS A 48 0.18 2.65 2.70
CA CYS A 48 1.39 2.02 2.10
C CYS A 48 1.53 2.42 0.64
N TRP A 49 2.73 2.48 0.14
CA TRP A 49 2.94 2.88 -1.28
C TRP A 49 3.67 1.75 -2.01
N CYS A 50 3.08 1.21 -3.05
CA CYS A 50 3.75 0.10 -3.80
C CYS A 50 4.02 0.55 -5.24
N ILE A 51 5.24 0.36 -5.71
CA ILE A 51 5.58 0.78 -7.10
C ILE A 51 6.22 -0.38 -7.86
N ALA A 52 5.96 -0.46 -9.14
CA ALA A 52 6.55 -1.56 -9.97
C ALA A 52 6.00 -1.46 -11.39
N LEU A 53 4.87 -0.83 -11.56
CA LEU A 53 4.28 -0.70 -12.92
C LEU A 53 3.39 0.56 -12.96
N PRO A 54 3.52 1.38 -13.99
CA PRO A 54 2.72 2.62 -14.11
C PRO A 54 1.27 2.43 -13.63
N ASP A 55 0.60 3.49 -13.28
CA ASP A 55 -0.80 3.36 -12.79
C ASP A 55 -1.75 3.17 -13.96
N ASN A 56 -2.41 2.05 -14.04
CA ASN A 56 -3.37 1.80 -15.15
C ASN A 56 -4.49 0.91 -14.63
N VAL A 57 -4.15 -0.15 -13.95
CA VAL A 57 -5.19 -1.06 -13.39
C VAL A 57 -4.89 -1.30 -11.91
N PRO A 58 -5.13 -0.31 -11.09
CA PRO A 58 -4.87 -0.39 -9.63
C PRO A 58 -5.99 -1.12 -8.88
N ILE A 59 -6.88 -0.40 -8.25
CA ILE A 59 -7.99 -1.05 -7.51
C ILE A 59 -9.32 -0.46 -7.97
N ARG A 60 -10.23 -1.31 -8.38
CA ARG A 60 -11.55 -0.81 -8.85
C ARG A 60 -12.25 -0.09 -7.69
N ILE A 61 -12.05 -0.55 -6.49
CA ILE A 61 -12.69 0.09 -5.32
C ILE A 61 -12.18 1.54 -5.20
N PRO A 62 -13.05 2.49 -4.94
CA PRO A 62 -12.64 3.92 -4.82
C PRO A 62 -11.67 4.16 -3.66
N GLY A 63 -11.36 3.13 -2.91
CA GLY A 63 -10.42 3.30 -1.77
C GLY A 63 -11.22 3.50 -0.49
N LYS A 64 -12.50 3.27 -0.53
CA LYS A 64 -13.33 3.45 0.69
C LYS A 64 -12.81 2.54 1.81
N CYS A 65 -12.28 1.39 1.45
CA CYS A 65 -11.75 0.47 2.48
C CYS A 65 -12.84 0.13 3.51
N HIS A 66 -14.01 0.69 3.34
CA HIS A 66 -15.11 0.39 4.31
C HIS A 66 -15.89 -0.83 3.84
N ALA A 1 -2.09 0.54 -11.81
CA ALA A 1 -1.06 -0.53 -11.94
C ALA A 1 -0.20 -0.59 -10.69
N ARG A 2 -0.35 0.38 -9.82
CA ARG A 2 0.46 0.41 -8.58
C ARG A 2 -0.43 0.80 -7.39
N ASP A 3 0.06 0.63 -6.19
CA ASP A 3 -0.76 1.01 -5.00
C ASP A 3 -0.36 2.43 -4.57
N ALA A 4 -1.30 3.19 -4.06
CA ALA A 4 -0.97 4.58 -3.64
C ALA A 4 -0.99 4.70 -2.11
N TYR A 5 -2.14 4.88 -1.54
CA TYR A 5 -2.22 5.02 -0.05
C TYR A 5 -2.62 3.70 0.57
N ILE A 6 -2.72 2.66 -0.22
CA ILE A 6 -3.12 1.33 0.32
C ILE A 6 -1.99 0.31 0.15
N ALA A 7 -2.02 -0.73 0.92
CA ALA A 7 -0.97 -1.79 0.82
C ALA A 7 -1.65 -3.13 0.53
N LYS A 8 -2.91 -3.23 0.85
CA LYS A 8 -3.64 -4.51 0.61
C LYS A 8 -4.88 -4.22 -0.24
N PRO A 9 -5.44 -5.22 -0.87
CA PRO A 9 -6.65 -5.05 -1.74
C PRO A 9 -7.94 -4.88 -0.94
N HIS A 10 -8.36 -5.90 -0.24
CA HIS A 10 -9.61 -5.80 0.55
C HIS A 10 -9.55 -4.62 1.53
N ASN A 11 -8.42 -4.41 2.14
CA ASN A 11 -8.30 -3.29 3.12
C ASN A 11 -7.01 -2.50 2.87
N CYS A 12 -6.83 -1.41 3.57
CA CYS A 12 -5.60 -0.60 3.38
C CYS A 12 -4.70 -0.75 4.62
N VAL A 13 -3.51 -0.24 4.57
CA VAL A 13 -2.60 -0.37 5.74
C VAL A 13 -3.35 0.06 7.00
N TYR A 14 -3.23 -0.68 8.07
CA TYR A 14 -3.95 -0.31 9.31
C TYR A 14 -3.32 0.96 9.90
N GLU A 15 -2.02 0.95 10.06
CA GLU A 15 -1.33 2.15 10.61
C GLU A 15 0.17 1.90 10.62
N CYS A 16 0.85 2.28 9.57
CA CYS A 16 2.32 2.06 9.53
C CYS A 16 2.96 2.67 10.77
N PHE A 17 3.22 1.86 11.77
CA PHE A 17 3.82 2.40 13.03
C PHE A 17 5.32 2.65 12.82
N ASP A 18 6.00 1.72 12.23
CA ASP A 18 7.45 1.90 11.99
C ASP A 18 7.83 1.23 10.66
N ALA A 19 7.97 1.99 9.62
CA ALA A 19 8.34 1.39 8.31
C ALA A 19 9.69 0.71 8.44
N PHE A 20 10.50 1.12 9.39
CA PHE A 20 11.82 0.46 9.56
C PHE A 20 11.60 -1.05 9.67
N SER A 21 10.59 -1.44 10.40
CA SER A 21 10.30 -2.90 10.53
C SER A 21 9.86 -3.42 9.16
N SER A 22 9.52 -2.53 8.27
CA SER A 22 9.08 -2.94 6.91
C SER A 22 7.69 -3.57 6.97
N TYR A 23 6.81 -3.05 7.78
CA TYR A 23 5.44 -3.63 7.85
C TYR A 23 4.79 -3.54 6.47
N CYS A 24 4.63 -2.35 5.96
CA CYS A 24 4.01 -2.20 4.62
C CYS A 24 5.00 -2.71 3.57
N ASN A 25 6.22 -2.27 3.65
CA ASN A 25 7.24 -2.73 2.67
C ASN A 25 7.32 -4.25 2.72
N GLY A 26 7.24 -4.81 3.91
CA GLY A 26 7.30 -6.28 4.03
C GLY A 26 6.13 -6.91 3.27
N VAL A 27 4.98 -6.31 3.36
CA VAL A 27 3.80 -6.85 2.64
C VAL A 27 4.06 -6.85 1.13
N CYS A 28 4.65 -5.80 0.63
CA CYS A 28 4.94 -5.75 -0.83
C CYS A 28 5.88 -6.90 -1.21
N THR A 29 6.86 -7.17 -0.40
CA THR A 29 7.80 -8.27 -0.72
C THR A 29 7.01 -9.58 -0.86
N LYS A 30 6.20 -9.89 0.10
CA LYS A 30 5.39 -11.13 0.04
C LYS A 30 4.34 -10.99 -1.08
N ASN A 31 3.78 -9.83 -1.22
CA ASN A 31 2.76 -9.60 -2.28
C ASN A 31 3.40 -9.87 -3.65
N GLY A 32 4.67 -9.62 -3.77
CA GLY A 32 5.35 -9.85 -5.08
C GLY A 32 5.55 -8.50 -5.78
N ALA A 33 5.12 -7.44 -5.17
CA ALA A 33 5.28 -6.09 -5.80
C ALA A 33 6.78 -5.77 -5.91
N LYS A 34 7.16 -5.03 -6.91
CA LYS A 34 8.59 -4.68 -7.07
C LYS A 34 9.13 -3.97 -5.82
N SER A 35 8.42 -2.97 -5.34
CA SER A 35 8.92 -2.25 -4.14
C SER A 35 7.74 -1.83 -3.26
N GLY A 36 8.00 -1.50 -2.03
CA GLY A 36 6.90 -1.08 -1.12
C GLY A 36 7.38 0.04 -0.20
N TYR A 37 6.66 1.14 -0.15
CA TYR A 37 7.06 2.27 0.72
C TYR A 37 5.90 2.66 1.63
N CYS A 38 6.16 2.88 2.89
CA CYS A 38 5.07 3.25 3.84
C CYS A 38 5.24 4.71 4.27
N GLN A 39 4.20 5.48 4.18
CA GLN A 39 4.27 6.91 4.58
C GLN A 39 3.06 7.25 5.43
N ILE A 40 3.06 8.39 6.08
CA ILE A 40 1.88 8.76 6.92
C ILE A 40 0.97 9.71 6.13
N LEU A 41 -0.31 9.45 6.16
CA LEU A 41 -1.26 10.33 5.42
C LEU A 41 -1.24 11.73 6.04
N GLY A 42 -0.99 11.81 7.31
CA GLY A 42 -0.98 13.13 8.00
C GLY A 42 -2.28 13.27 8.78
N THR A 43 -3.14 12.30 8.64
CA THR A 43 -4.45 12.33 9.37
C THR A 43 -4.59 11.02 10.13
N TYR A 44 -5.61 10.90 10.94
CA TYR A 44 -5.80 9.63 11.71
C TYR A 44 -5.55 8.44 10.79
N GLY A 45 -5.66 8.63 9.50
CA GLY A 45 -5.43 7.51 8.55
C GLY A 45 -3.94 7.41 8.20
N ASN A 46 -3.59 6.54 7.29
CA ASN A 46 -2.16 6.39 6.90
C ASN A 46 -2.08 6.25 5.37
N GLY A 47 -0.90 6.32 4.81
CA GLY A 47 -0.78 6.19 3.33
C GLY A 47 0.45 5.36 2.96
N CYS A 48 0.26 4.33 2.18
CA CYS A 48 1.41 3.48 1.76
C CYS A 48 1.29 3.18 0.26
N TRP A 49 2.32 3.41 -0.51
CA TRP A 49 2.23 3.13 -1.97
C TRP A 49 3.17 1.98 -2.33
N CYS A 50 2.74 1.12 -3.21
CA CYS A 50 3.59 -0.01 -3.64
C CYS A 50 3.74 0.01 -5.16
N ILE A 51 4.81 -0.52 -5.68
CA ILE A 51 5.01 -0.52 -7.16
C ILE A 51 4.83 -1.95 -7.69
N ALA A 52 3.98 -2.13 -8.65
CA ALA A 52 3.77 -3.50 -9.21
C ALA A 52 2.86 -3.42 -10.44
N LEU A 53 1.84 -4.25 -10.48
CA LEU A 53 0.91 -4.25 -11.66
C LEU A 53 -0.53 -4.09 -11.18
N PRO A 54 -1.43 -3.80 -12.09
CA PRO A 54 -2.87 -3.63 -11.77
C PRO A 54 -3.53 -4.94 -11.33
N ASP A 55 -3.12 -6.04 -11.89
CA ASP A 55 -3.71 -7.35 -11.50
C ASP A 55 -3.55 -7.52 -9.99
N ASN A 56 -2.47 -7.02 -9.45
CA ASN A 56 -2.24 -7.15 -7.98
C ASN A 56 -2.70 -5.87 -7.28
N VAL A 57 -3.63 -5.98 -6.38
CA VAL A 57 -4.14 -4.78 -5.66
C VAL A 57 -4.65 -3.75 -6.66
N PRO A 58 -5.70 -4.08 -7.35
CA PRO A 58 -6.33 -3.18 -8.35
C PRO A 58 -7.19 -2.08 -7.72
N ILE A 59 -7.05 -1.87 -6.44
CA ILE A 59 -7.86 -0.81 -5.76
C ILE A 59 -9.34 -1.09 -6.00
N ARG A 60 -9.79 -2.28 -5.73
CA ARG A 60 -11.23 -2.60 -5.95
C ARG A 60 -12.09 -1.70 -5.07
N ILE A 61 -11.67 -1.45 -3.86
CA ILE A 61 -12.47 -0.58 -2.95
C ILE A 61 -12.32 0.87 -3.38
N PRO A 62 -13.30 1.69 -3.06
CA PRO A 62 -13.27 3.14 -3.42
C PRO A 62 -12.07 3.86 -2.82
N GLY A 63 -11.37 3.21 -1.93
CA GLY A 63 -10.18 3.85 -1.31
C GLY A 63 -10.57 4.43 0.05
N LYS A 64 -11.79 4.21 0.47
CA LYS A 64 -12.24 4.74 1.77
C LYS A 64 -11.33 4.20 2.89
N CYS A 65 -10.91 2.98 2.76
CA CYS A 65 -10.02 2.38 3.80
C CYS A 65 -10.69 2.50 5.18
N HIS A 66 -10.60 3.65 5.80
CA HIS A 66 -11.22 3.83 7.14
C HIS A 66 -11.13 5.30 7.56
N ALA A 1 -0.74 -3.26 -10.78
CA ALA A 1 -1.16 -1.84 -10.59
C ALA A 1 -0.24 -1.16 -9.59
N ARG A 2 -0.60 0.00 -9.11
CA ARG A 2 0.26 0.72 -8.14
C ARG A 2 -0.55 1.08 -6.90
N ASP A 3 0.01 0.90 -5.73
CA ASP A 3 -0.73 1.24 -4.49
C ASP A 3 -0.32 2.64 -4.04
N ALA A 4 -1.24 3.40 -3.50
CA ALA A 4 -0.90 4.79 -3.04
C ALA A 4 -0.86 4.85 -1.52
N TYR A 5 -2.00 5.03 -0.90
CA TYR A 5 -2.04 5.11 0.59
C TYR A 5 -2.46 3.76 1.17
N ILE A 6 -2.46 2.73 0.37
CA ILE A 6 -2.86 1.39 0.87
C ILE A 6 -1.78 0.36 0.55
N ALA A 7 -1.83 -0.80 1.16
CA ALA A 7 -0.82 -1.85 0.88
C ALA A 7 -1.54 -3.09 0.35
N LYS A 8 -2.84 -3.01 0.26
CA LYS A 8 -3.63 -4.17 -0.24
C LYS A 8 -4.36 -3.76 -1.53
N PRO A 9 -4.92 -4.71 -2.24
CA PRO A 9 -5.65 -4.44 -3.50
C PRO A 9 -7.08 -3.93 -3.25
N HIS A 10 -7.89 -4.71 -2.58
CA HIS A 10 -9.29 -4.27 -2.32
C HIS A 10 -9.43 -3.84 -0.85
N ASN A 11 -8.39 -3.97 -0.07
CA ASN A 11 -8.47 -3.58 1.36
C ASN A 11 -7.50 -2.44 1.65
N CYS A 12 -7.51 -1.92 2.84
CA CYS A 12 -6.59 -0.78 3.18
C CYS A 12 -5.82 -1.10 4.47
N VAL A 13 -4.98 -0.20 4.90
CA VAL A 13 -4.19 -0.45 6.14
C VAL A 13 -4.79 0.36 7.30
N TYR A 14 -4.92 -0.24 8.45
CA TYR A 14 -5.50 0.49 9.61
C TYR A 14 -4.55 1.63 10.01
N GLU A 15 -3.28 1.38 9.98
CA GLU A 15 -2.30 2.45 10.35
C GLU A 15 -0.88 1.94 10.14
N CYS A 16 -0.27 2.27 9.03
CA CYS A 16 1.11 1.80 8.79
C CYS A 16 2.05 2.51 9.77
N PHE A 17 3.04 1.82 10.27
CA PHE A 17 3.97 2.46 11.25
C PHE A 17 5.39 2.44 10.69
N ASP A 18 6.38 2.47 11.54
CA ASP A 18 7.79 2.44 11.05
C ASP A 18 8.03 1.17 10.23
N ALA A 19 8.81 1.28 9.19
CA ALA A 19 9.08 0.09 8.35
C ALA A 19 10.19 -0.76 8.99
N PHE A 20 10.57 -0.46 10.20
CA PHE A 20 11.63 -1.27 10.85
C PHE A 20 11.25 -2.75 10.77
N SER A 21 10.01 -3.06 10.99
CA SER A 21 9.56 -4.47 10.89
C SER A 21 9.18 -4.77 9.44
N SER A 22 9.42 -3.84 8.57
CA SER A 22 9.08 -4.04 7.13
C SER A 22 7.63 -4.52 7.01
N TYR A 23 6.75 -4.05 7.85
CA TYR A 23 5.33 -4.49 7.77
C TYR A 23 4.76 -4.09 6.41
N CYS A 24 4.90 -2.84 6.04
CA CYS A 24 4.37 -2.40 4.72
C CYS A 24 5.20 -3.04 3.61
N ASN A 25 6.49 -2.84 3.64
CA ASN A 25 7.36 -3.44 2.60
C ASN A 25 7.17 -4.96 2.66
N GLY A 26 6.97 -5.50 3.81
CA GLY A 26 6.77 -6.96 3.94
C GLY A 26 5.59 -7.38 3.06
N VAL A 27 4.53 -6.62 3.08
CA VAL A 27 3.36 -6.97 2.23
C VAL A 27 3.79 -6.93 0.77
N CYS A 28 4.46 -5.89 0.38
CA CYS A 28 4.94 -5.79 -1.03
C CYS A 28 6.07 -6.81 -1.26
N THR A 29 6.75 -7.19 -0.21
CA THR A 29 7.87 -8.17 -0.35
C THR A 29 7.37 -9.50 -0.89
N LYS A 30 6.16 -9.87 -0.58
CA LYS A 30 5.63 -11.19 -1.07
C LYS A 30 5.82 -11.30 -2.58
N ASN A 31 5.73 -10.21 -3.29
CA ASN A 31 5.90 -10.26 -4.77
C ASN A 31 7.27 -10.88 -5.09
N GLY A 32 8.25 -10.62 -4.27
CA GLY A 32 9.61 -11.17 -4.53
C GLY A 32 10.47 -10.09 -5.18
N ALA A 33 9.96 -8.90 -5.29
CA ALA A 33 10.74 -7.79 -5.91
C ALA A 33 9.95 -6.49 -5.81
N LYS A 34 8.65 -6.58 -5.76
CA LYS A 34 7.81 -5.36 -5.66
C LYS A 34 8.34 -4.51 -4.51
N SER A 35 8.47 -3.22 -4.71
CA SER A 35 9.00 -2.35 -3.61
C SER A 35 7.93 -1.33 -3.22
N GLY A 36 7.78 -1.07 -1.95
CA GLY A 36 6.76 -0.08 -1.53
C GLY A 36 7.26 0.76 -0.35
N TYR A 37 6.71 1.93 -0.18
CA TYR A 37 7.12 2.81 0.95
C TYR A 37 5.87 3.29 1.68
N CYS A 38 5.98 3.61 2.94
CA CYS A 38 4.79 4.09 3.69
C CYS A 38 4.82 5.62 3.78
N GLN A 39 3.77 6.26 3.36
CA GLN A 39 3.71 7.75 3.41
C GLN A 39 2.69 8.17 4.45
N ILE A 40 2.25 9.40 4.39
CA ILE A 40 1.25 9.89 5.39
C ILE A 40 -0.07 10.21 4.68
N LEU A 41 -1.15 10.21 5.41
CA LEU A 41 -2.47 10.51 4.79
C LEU A 41 -2.70 12.03 4.79
N GLY A 42 -3.36 12.53 3.79
CA GLY A 42 -3.61 14.00 3.75
C GLY A 42 -4.23 14.45 5.07
N THR A 43 -5.01 13.59 5.68
CA THR A 43 -5.63 13.95 6.99
C THR A 43 -4.79 13.35 8.11
N TYR A 44 -5.39 12.55 8.96
CA TYR A 44 -4.63 11.94 10.08
C TYR A 44 -4.54 10.43 9.85
N GLY A 45 -3.37 9.87 9.98
CA GLY A 45 -3.20 8.40 9.77
C GLY A 45 -1.98 8.14 8.87
N ASN A 46 -1.88 6.97 8.32
CA ASN A 46 -0.72 6.66 7.44
C ASN A 46 -1.20 5.82 6.25
N GLY A 47 -0.39 5.70 5.23
CA GLY A 47 -0.81 4.90 4.05
C GLY A 47 0.37 4.06 3.53
N CYS A 48 0.10 3.06 2.75
CA CYS A 48 1.20 2.22 2.21
C CYS A 48 1.39 2.50 0.72
N TRP A 49 2.61 2.64 0.28
CA TRP A 49 2.88 2.92 -1.15
C TRP A 49 3.55 1.71 -1.79
N CYS A 50 2.96 1.14 -2.82
CA CYS A 50 3.59 -0.04 -3.48
C CYS A 50 3.75 0.23 -4.97
N ILE A 51 4.93 0.01 -5.51
CA ILE A 51 5.16 0.26 -6.96
C ILE A 51 5.61 -1.02 -7.67
N ALA A 52 5.10 -1.26 -8.85
CA ALA A 52 5.50 -2.48 -9.61
C ALA A 52 4.93 -2.39 -11.03
N LEU A 53 3.65 -2.14 -11.16
CA LEU A 53 3.03 -2.05 -12.51
C LEU A 53 2.26 -0.75 -12.64
N PRO A 54 2.94 0.33 -12.88
CA PRO A 54 2.33 1.68 -13.04
C PRO A 54 1.23 1.69 -14.10
N ASP A 55 0.51 2.77 -14.21
CA ASP A 55 -0.59 2.84 -15.21
C ASP A 55 -1.59 1.73 -14.93
N ASN A 56 -2.85 1.97 -15.19
CA ASN A 56 -3.87 0.93 -14.93
C ASN A 56 -3.92 0.64 -13.42
N VAL A 57 -3.99 1.68 -12.63
CA VAL A 57 -4.04 1.49 -11.16
C VAL A 57 -5.45 1.80 -10.65
N PRO A 58 -6.25 0.80 -10.33
CA PRO A 58 -7.62 1.00 -9.83
C PRO A 58 -7.63 1.05 -8.31
N ILE A 59 -8.27 2.02 -7.74
CA ILE A 59 -8.29 2.13 -6.26
C ILE A 59 -9.02 0.93 -5.65
N ARG A 60 -10.02 0.41 -6.33
CA ARG A 60 -10.78 -0.74 -5.78
C ARG A 60 -11.31 -0.37 -4.39
N ILE A 61 -11.05 0.82 -3.96
CA ILE A 61 -11.51 1.25 -2.61
C ILE A 61 -12.23 2.60 -2.70
N PRO A 62 -13.47 2.58 -3.08
CA PRO A 62 -14.29 3.81 -3.22
C PRO A 62 -14.89 4.25 -1.89
N GLY A 63 -14.07 4.43 -0.89
CA GLY A 63 -14.57 4.85 0.44
C GLY A 63 -14.89 3.60 1.26
N LYS A 64 -14.66 2.45 0.67
CA LYS A 64 -14.93 1.17 1.39
C LYS A 64 -14.10 1.11 2.67
N CYS A 65 -12.88 1.56 2.62
CA CYS A 65 -12.02 1.53 3.84
C CYS A 65 -12.67 2.37 4.94
N HIS A 66 -13.35 3.41 4.57
CA HIS A 66 -14.01 4.28 5.59
C HIS A 66 -15.37 4.75 5.07
N ALA A 1 0.20 -5.17 -10.64
CA ALA A 1 -0.62 -4.01 -10.19
C ALA A 1 0.21 -3.10 -9.30
N ARG A 2 -0.24 -1.89 -9.07
CA ARG A 2 0.54 -0.96 -8.21
C ARG A 2 -0.39 -0.40 -7.12
N ASP A 3 0.09 -0.28 -5.91
CA ASP A 3 -0.78 0.25 -4.83
C ASP A 3 -0.45 1.73 -4.60
N ALA A 4 -1.42 2.51 -4.20
CA ALA A 4 -1.17 3.97 -3.98
C ALA A 4 -1.15 4.28 -2.48
N TYR A 5 -2.30 4.47 -1.88
CA TYR A 5 -2.34 4.78 -0.43
C TYR A 5 -2.64 3.52 0.37
N ILE A 6 -2.69 2.39 -0.28
CA ILE A 6 -3.00 1.12 0.43
C ILE A 6 -1.82 0.15 0.33
N ALA A 7 -1.77 -0.83 1.19
CA ALA A 7 -0.66 -1.81 1.15
C ALA A 7 -1.24 -3.18 0.82
N LYS A 8 -2.54 -3.28 0.75
CA LYS A 8 -3.18 -4.58 0.43
C LYS A 8 -3.76 -4.52 -0.98
N PRO A 9 -3.93 -5.64 -1.62
CA PRO A 9 -4.49 -5.71 -3.00
C PRO A 9 -5.97 -5.32 -3.06
N HIS A 10 -6.79 -5.93 -2.23
CA HIS A 10 -8.25 -5.59 -2.24
C HIS A 10 -8.64 -4.94 -0.91
N ASN A 11 -7.71 -4.74 -0.02
CA ASN A 11 -8.05 -4.12 1.30
C ASN A 11 -7.16 -2.89 1.54
N CYS A 12 -7.46 -2.12 2.55
CA CYS A 12 -6.64 -0.91 2.85
C CYS A 12 -5.86 -1.14 4.14
N VAL A 13 -5.06 -0.19 4.54
CA VAL A 13 -4.26 -0.36 5.79
C VAL A 13 -4.93 0.42 6.93
N TYR A 14 -5.19 -0.25 8.02
CA TYR A 14 -5.83 0.45 9.18
C TYR A 14 -4.79 1.33 9.87
N GLU A 15 -3.55 0.92 9.86
CA GLU A 15 -2.48 1.73 10.50
C GLU A 15 -1.11 1.12 10.17
N CYS A 16 -0.43 1.65 9.20
CA CYS A 16 0.90 1.09 8.86
C CYS A 16 1.90 1.47 9.94
N PHE A 17 2.31 0.54 10.74
CA PHE A 17 3.29 0.85 11.82
C PHE A 17 4.44 1.66 11.20
N ASP A 18 5.03 2.54 11.96
CA ASP A 18 6.14 3.38 11.40
C ASP A 18 7.41 2.55 11.24
N ALA A 19 7.87 2.39 10.03
CA ALA A 19 9.11 1.61 9.79
C ALA A 19 9.94 2.30 8.70
N PHE A 20 11.24 2.20 8.78
CA PHE A 20 12.08 2.85 7.74
C PHE A 20 11.70 2.29 6.37
N SER A 21 11.55 1.00 6.27
CA SER A 21 11.18 0.38 4.97
C SER A 21 11.24 -1.14 5.09
N SER A 22 10.28 -1.73 5.76
CA SER A 22 10.29 -3.21 5.92
C SER A 22 8.87 -3.73 6.10
N TYR A 23 8.13 -3.15 7.01
CA TYR A 23 6.73 -3.64 7.24
C TYR A 23 5.93 -3.54 5.93
N CYS A 24 5.93 -2.39 5.31
CA CYS A 24 5.19 -2.24 4.04
C CYS A 24 5.84 -3.12 2.98
N ASN A 25 7.14 -3.10 2.91
CA ASN A 25 7.85 -3.93 1.91
C ASN A 25 7.48 -5.39 2.15
N GLY A 26 7.35 -5.78 3.38
CA GLY A 26 6.97 -7.19 3.68
C GLY A 26 5.61 -7.49 3.05
N VAL A 27 4.69 -6.57 3.14
CA VAL A 27 3.35 -6.80 2.53
C VAL A 27 3.49 -6.93 1.02
N CYS A 28 4.29 -6.07 0.42
CA CYS A 28 4.48 -6.15 -1.05
C CYS A 28 5.16 -7.47 -1.41
N THR A 29 5.96 -7.99 -0.52
CA THR A 29 6.66 -9.28 -0.82
C THR A 29 5.63 -10.36 -1.12
N LYS A 30 4.56 -10.42 -0.38
CA LYS A 30 3.52 -11.46 -0.63
C LYS A 30 2.95 -11.24 -2.03
N ASN A 31 2.64 -10.02 -2.37
CA ASN A 31 2.08 -9.72 -3.71
C ASN A 31 3.14 -10.00 -4.78
N GLY A 32 4.39 -9.85 -4.43
CA GLY A 32 5.49 -10.09 -5.41
C GLY A 32 5.94 -8.74 -5.99
N ALA A 33 5.44 -7.67 -5.44
CA ALA A 33 5.83 -6.32 -5.94
C ALA A 33 7.29 -6.04 -5.58
N LYS A 34 7.82 -4.94 -6.03
CA LYS A 34 9.24 -4.61 -5.72
C LYS A 34 9.34 -4.06 -4.29
N SER A 35 8.99 -2.83 -4.09
CA SER A 35 9.08 -2.23 -2.73
C SER A 35 7.91 -1.28 -2.49
N GLY A 36 7.71 -0.89 -1.27
CA GLY A 36 6.60 0.05 -0.95
C GLY A 36 7.06 1.02 0.14
N TYR A 37 6.47 2.19 0.21
CA TYR A 37 6.87 3.19 1.24
C TYR A 37 5.66 3.56 2.09
N CYS A 38 5.81 3.58 3.39
CA CYS A 38 4.67 3.95 4.28
C CYS A 38 4.81 5.41 4.70
N GLN A 39 3.84 6.23 4.41
CA GLN A 39 3.93 7.66 4.80
C GLN A 39 2.55 8.15 5.26
N ILE A 40 2.16 9.32 4.85
CA ILE A 40 0.83 9.85 5.28
C ILE A 40 -0.22 9.54 4.21
N LEU A 41 -1.39 9.16 4.64
CA LEU A 41 -2.48 8.86 3.67
C LEU A 41 -2.70 10.08 2.77
N GLY A 42 -2.59 11.26 3.34
CA GLY A 42 -2.79 12.50 2.55
C GLY A 42 -3.13 13.62 3.52
N THR A 43 -4.29 13.56 4.11
CA THR A 43 -4.68 14.60 5.10
C THR A 43 -4.59 14.00 6.50
N TYR A 44 -5.38 13.00 6.77
CA TYR A 44 -5.34 12.34 8.11
C TYR A 44 -5.15 10.83 7.92
N GLY A 45 -4.49 10.17 8.84
CA GLY A 45 -4.30 8.71 8.72
C GLY A 45 -2.96 8.42 8.03
N ASN A 46 -2.65 7.17 7.82
CA ASN A 46 -1.36 6.80 7.16
C ASN A 46 -1.65 5.95 5.91
N GLY A 47 -0.79 6.03 4.93
CA GLY A 47 -1.02 5.23 3.70
C GLY A 47 0.32 4.67 3.19
N CYS A 48 0.26 3.68 2.33
CA CYS A 48 1.52 3.11 1.79
C CYS A 48 1.35 2.79 0.30
N TRP A 49 2.32 3.12 -0.50
CA TRP A 49 2.21 2.81 -1.96
C TRP A 49 3.15 1.66 -2.30
N CYS A 50 2.67 0.70 -3.05
CA CYS A 50 3.54 -0.44 -3.43
C CYS A 50 4.04 -0.19 -4.86
N ILE A 51 5.31 -0.20 -5.06
CA ILE A 51 5.84 0.07 -6.43
C ILE A 51 6.18 -1.26 -7.12
N ALA A 52 5.74 -1.44 -8.33
CA ALA A 52 6.03 -2.70 -9.05
C ALA A 52 5.62 -2.59 -10.52
N LEU A 53 4.52 -3.19 -10.89
CA LEU A 53 4.07 -3.15 -12.31
C LEU A 53 2.68 -2.50 -12.40
N PRO A 54 2.60 -1.22 -12.65
CA PRO A 54 1.29 -0.52 -12.77
C PRO A 54 0.62 -0.78 -14.12
N ASP A 55 1.32 -1.40 -15.04
CA ASP A 55 0.72 -1.68 -16.38
C ASP A 55 -0.57 -2.47 -16.22
N ASN A 56 -0.63 -3.36 -15.27
CA ASN A 56 -1.87 -4.16 -15.08
C ASN A 56 -2.93 -3.33 -14.35
N VAL A 57 -4.17 -3.48 -14.72
CA VAL A 57 -5.26 -2.71 -14.06
C VAL A 57 -4.99 -2.62 -12.55
N PRO A 58 -4.50 -1.51 -12.07
CA PRO A 58 -4.20 -1.32 -10.63
C PRO A 58 -5.39 -0.77 -9.85
N ILE A 59 -5.40 -0.95 -8.57
CA ILE A 59 -6.53 -0.41 -7.75
C ILE A 59 -7.85 -0.63 -8.48
N ARG A 60 -8.19 -1.85 -8.77
CA ARG A 60 -9.47 -2.12 -9.47
C ARG A 60 -10.59 -1.41 -8.71
N ILE A 61 -10.45 -1.35 -7.42
CA ILE A 61 -11.46 -0.69 -6.57
C ILE A 61 -11.58 0.80 -6.96
N PRO A 62 -12.77 1.31 -7.18
CA PRO A 62 -12.96 2.74 -7.56
C PRO A 62 -12.18 3.68 -6.64
N GLY A 63 -11.92 3.24 -5.44
CA GLY A 63 -11.16 4.11 -4.49
C GLY A 63 -11.78 3.99 -3.09
N LYS A 64 -12.77 3.15 -2.94
CA LYS A 64 -13.42 2.99 -1.61
C LYS A 64 -12.98 1.65 -1.01
N CYS A 65 -12.52 1.67 0.21
CA CYS A 65 -12.09 0.40 0.85
C CYS A 65 -13.25 -0.60 0.88
N HIS A 66 -14.46 -0.10 0.91
CA HIS A 66 -15.64 -1.02 0.93
C HIS A 66 -16.87 -0.28 0.41
N ALA A 1 -0.46 1.47 -12.84
CA ALA A 1 -0.35 0.03 -12.48
C ALA A 1 0.45 -0.11 -11.18
N ARG A 2 0.16 0.69 -10.20
CA ARG A 2 0.90 0.61 -8.92
C ARG A 2 -0.08 0.74 -7.74
N ASP A 3 0.37 0.46 -6.54
CA ASP A 3 -0.54 0.59 -5.37
C ASP A 3 -0.36 1.99 -4.76
N ALA A 4 -1.42 2.59 -4.30
CA ALA A 4 -1.30 3.96 -3.73
C ALA A 4 -1.40 3.94 -2.20
N TYR A 5 -2.59 3.95 -1.67
CA TYR A 5 -2.74 3.96 -0.19
C TYR A 5 -3.02 2.55 0.33
N ILE A 6 -3.46 1.66 -0.52
CA ILE A 6 -3.77 0.28 -0.06
C ILE A 6 -2.69 -0.68 -0.56
N ALA A 7 -2.21 -1.52 0.31
CA ALA A 7 -1.16 -2.51 -0.09
C ALA A 7 -1.68 -3.92 0.15
N LYS A 8 -2.98 -4.06 0.28
CA LYS A 8 -3.58 -5.40 0.51
C LYS A 8 -4.63 -5.68 -0.58
N PRO A 9 -4.90 -6.93 -0.84
CA PRO A 9 -5.89 -7.33 -1.89
C PRO A 9 -7.31 -6.85 -1.53
N HIS A 10 -7.65 -6.87 -0.28
CA HIS A 10 -9.02 -6.43 0.13
C HIS A 10 -8.93 -5.64 1.45
N ASN A 11 -7.76 -5.57 2.01
CA ASN A 11 -7.59 -4.84 3.30
C ASN A 11 -6.81 -3.55 3.05
N CYS A 12 -6.71 -2.70 4.04
CA CYS A 12 -5.96 -1.42 3.87
C CYS A 12 -4.83 -1.34 4.90
N VAL A 13 -4.05 -0.29 4.84
CA VAL A 13 -2.93 -0.14 5.82
C VAL A 13 -3.35 0.84 6.91
N TYR A 14 -3.04 0.54 8.14
CA TYR A 14 -3.44 1.47 9.24
C TYR A 14 -2.32 2.47 9.50
N GLU A 15 -1.16 1.99 9.88
CA GLU A 15 -0.03 2.91 10.14
C GLU A 15 1.22 2.07 10.41
N CYS A 16 2.07 1.91 9.43
CA CYS A 16 3.30 1.11 9.63
C CYS A 16 4.01 1.61 10.88
N PHE A 17 3.90 0.90 11.97
CA PHE A 17 4.56 1.34 13.23
C PHE A 17 6.07 1.45 13.04
N ASP A 18 6.64 0.53 12.32
CA ASP A 18 8.12 0.58 12.10
C ASP A 18 8.43 0.11 10.67
N ALA A 19 8.48 1.01 9.73
CA ALA A 19 8.79 0.59 8.33
C ALA A 19 10.19 -0.01 8.30
N PHE A 20 11.04 0.36 9.22
CA PHE A 20 12.42 -0.20 9.24
C PHE A 20 12.33 -1.73 9.23
N SER A 21 11.37 -2.28 9.93
CA SER A 21 11.23 -3.75 9.97
C SER A 21 10.55 -4.20 8.67
N SER A 22 10.39 -3.29 7.75
CA SER A 22 9.75 -3.64 6.44
C SER A 22 8.33 -4.14 6.68
N TYR A 23 7.63 -3.58 7.63
CA TYR A 23 6.24 -4.04 7.88
C TYR A 23 5.40 -3.77 6.63
N CYS A 24 5.38 -2.56 6.18
CA CYS A 24 4.60 -2.22 4.95
C CYS A 24 5.30 -2.85 3.75
N ASN A 25 6.57 -2.59 3.61
CA ASN A 25 7.32 -3.16 2.46
C ASN A 25 7.22 -4.68 2.52
N GLY A 26 7.23 -5.23 3.71
CA GLY A 26 7.13 -6.71 3.84
C GLY A 26 5.81 -7.19 3.23
N VAL A 27 4.74 -6.48 3.49
CA VAL A 27 3.43 -6.90 2.92
C VAL A 27 3.51 -6.89 1.39
N CYS A 28 4.04 -5.83 0.82
CA CYS A 28 4.15 -5.75 -0.66
C CYS A 28 5.20 -6.76 -1.13
N THR A 29 6.23 -6.97 -0.35
CA THR A 29 7.29 -7.93 -0.75
C THR A 29 6.67 -9.30 -1.00
N LYS A 30 5.89 -9.78 -0.07
CA LYS A 30 5.24 -11.11 -0.25
C LYS A 30 4.24 -11.04 -1.41
N ASN A 31 3.56 -9.93 -1.53
CA ASN A 31 2.57 -9.77 -2.64
C ASN A 31 3.30 -9.94 -3.97
N GLY A 32 4.58 -9.66 -3.99
CA GLY A 32 5.34 -9.79 -5.25
C GLY A 32 5.61 -8.39 -5.82
N ALA A 33 5.19 -7.37 -5.12
CA ALA A 33 5.42 -5.98 -5.60
C ALA A 33 6.92 -5.70 -5.64
N LYS A 34 7.37 -4.94 -6.59
CA LYS A 34 8.83 -4.64 -6.67
C LYS A 34 9.29 -3.96 -5.39
N SER A 35 8.63 -2.92 -4.98
CA SER A 35 9.06 -2.22 -3.73
C SER A 35 7.83 -1.70 -2.98
N GLY A 36 8.01 -1.30 -1.74
CA GLY A 36 6.87 -0.79 -0.95
C GLY A 36 7.33 0.36 -0.06
N TYR A 37 6.58 1.43 0.00
CA TYR A 37 6.97 2.59 0.85
C TYR A 37 5.80 2.99 1.75
N CYS A 38 6.06 3.26 3.00
CA CYS A 38 4.96 3.66 3.93
C CYS A 38 5.09 5.15 4.27
N GLN A 39 4.03 5.88 4.11
CA GLN A 39 4.08 7.34 4.42
C GLN A 39 2.84 7.71 5.23
N ILE A 40 2.79 8.91 5.74
CA ILE A 40 1.61 9.33 6.54
C ILE A 40 0.65 10.14 5.65
N LEU A 41 -0.63 9.85 5.73
CA LEU A 41 -1.61 10.59 4.89
C LEU A 41 -2.76 11.08 5.77
N GLY A 42 -3.03 12.36 5.74
CA GLY A 42 -4.14 12.90 6.56
C GLY A 42 -5.49 12.36 6.06
N THR A 43 -5.58 12.03 4.80
CA THR A 43 -6.87 11.53 4.25
C THR A 43 -7.29 10.26 5.00
N TYR A 44 -6.39 9.34 5.18
CA TYR A 44 -6.71 8.09 5.91
C TYR A 44 -5.74 7.90 7.06
N GLY A 45 -5.04 8.93 7.44
CA GLY A 45 -4.07 8.82 8.55
C GLY A 45 -2.75 8.28 8.01
N ASN A 46 -2.79 7.13 7.37
CA ASN A 46 -1.53 6.57 6.81
C ASN A 46 -1.83 5.92 5.45
N GLY A 47 -0.90 5.99 4.54
CA GLY A 47 -1.12 5.38 3.19
C GLY A 47 0.16 4.68 2.72
N CYS A 48 0.04 3.47 2.24
CA CYS A 48 1.24 2.74 1.75
C CYS A 48 1.14 2.58 0.24
N TRP A 49 2.15 2.98 -0.50
CA TRP A 49 2.11 2.83 -1.98
C TRP A 49 3.25 1.91 -2.42
N CYS A 50 2.99 1.03 -3.35
CA CYS A 50 4.06 0.12 -3.83
C CYS A 50 4.17 0.23 -5.35
N ILE A 51 5.30 -0.10 -5.90
CA ILE A 51 5.46 0.00 -7.38
C ILE A 51 5.56 -1.42 -7.97
N ALA A 52 4.69 -1.73 -8.88
CA ALA A 52 4.70 -3.09 -9.51
C ALA A 52 3.58 -3.18 -10.54
N LEU A 53 2.99 -4.34 -10.70
CA LEU A 53 1.88 -4.49 -11.69
C LEU A 53 0.72 -5.23 -11.03
N PRO A 54 -0.07 -4.54 -10.26
CA PRO A 54 -1.25 -5.11 -9.56
C PRO A 54 -2.51 -5.06 -10.42
N ASP A 55 -2.35 -4.98 -11.72
CA ASP A 55 -3.54 -4.93 -12.61
C ASP A 55 -4.47 -6.09 -12.29
N ASN A 56 -3.93 -7.23 -11.94
CA ASN A 56 -4.80 -8.40 -11.62
C ASN A 56 -5.77 -8.02 -10.50
N VAL A 57 -5.35 -7.20 -9.58
CA VAL A 57 -6.24 -6.79 -8.46
C VAL A 57 -6.21 -5.27 -8.31
N PRO A 58 -6.91 -4.56 -9.16
CA PRO A 58 -6.96 -3.08 -9.15
C PRO A 58 -8.18 -2.56 -8.38
N ILE A 59 -8.06 -2.38 -7.10
CA ILE A 59 -9.22 -1.87 -6.31
C ILE A 59 -10.49 -2.59 -6.77
N ARG A 60 -10.49 -3.90 -6.72
CA ARG A 60 -11.69 -4.67 -7.16
C ARG A 60 -12.91 -4.27 -6.31
N ILE A 61 -12.73 -4.09 -5.04
CA ILE A 61 -13.88 -3.72 -4.17
C ILE A 61 -14.41 -2.33 -4.61
N PRO A 62 -15.69 -2.09 -4.44
CA PRO A 62 -16.29 -0.78 -4.82
C PRO A 62 -15.46 0.41 -4.34
N GLY A 63 -14.66 0.21 -3.33
CA GLY A 63 -13.81 1.33 -2.82
C GLY A 63 -13.83 1.31 -1.28
N LYS A 64 -14.48 0.36 -0.69
CA LYS A 64 -14.53 0.29 0.79
C LYS A 64 -13.40 -0.62 1.29
N CYS A 65 -12.84 -0.31 2.42
CA CYS A 65 -11.74 -1.14 2.96
C CYS A 65 -12.23 -2.58 3.13
N HIS A 66 -13.38 -2.76 3.72
CA HIS A 66 -13.91 -4.13 3.92
C HIS A 66 -12.78 -5.06 4.36
#